data_9NEA
#
_entry.id   9NEA
#
_cell.length_a   1.00
_cell.length_b   1.00
_cell.length_c   1.00
_cell.angle_alpha   90.00
_cell.angle_beta   90.00
_cell.angle_gamma   90.00
#
_symmetry.space_group_name_H-M   'P 1'
#
loop_
_entity.id
_entity.type
_entity.pdbx_description
1 polymer 'DNA polymerase epsilon catalytic subunit A'
2 polymer 'Proliferating cell nuclear antigen'
3 polymer 'DNA (35-MER)'
4 polymer 'DNA (29-MER)'
5 non-polymer 'MAGNESIUM ION'
6 non-polymer 'IRON/SULFUR CLUSTER'
#
loop_
_entity_poly.entity_id
_entity_poly.type
_entity_poly.pdbx_seq_one_letter_code
_entity_poly.pdbx_strand_id
1 'polypeptide(L)'
;MSLRSGGRRRADPGADGEASRDDGATSSVSALKRLERSQWTDKMDLRFGFERLKEPGEKTGWLINMHPTEILDEDKRLGS
AVDYYFIQDDGSRFKVALPYKPYFYIATRKGCEREVSSFLSKKFQGKIAKVETVPKEDLDLPNHLVGLKRNYIRLSFHTV
EDLVKVRKEISPAVKKNREQDHASDAYTALLSSVLQRGGVITDEEETSKKIADQLDNIVDMREYDVPYHIRLSIDLKIHV
AHWYNVRYRGNAFPVEITRRDDLVERPDPVVLAFDIETTKLPLKFPDAETDQIMMISYMIDGQGYLITNREIVSEDIEDF
EFTPKPEYEGPFCVFNEPDEAHLIQRWFEHVQETKPTIMVTYNGDFFDWPFVEARAAVHGLSMQQEIGFQKDSQGEYKAP
QCIHMDCLRWVKRDSYLPVGSHNLKAAAKAKLGYDPVELDPEDMCRMATEQPQTLATYSVSDAVATYYLYMKYVHPFIFA
LCTIIPMEPDEVLRKGSGTLCEALLMVQAFHANIIFPNKQEQEFNKLTDDGHVLDSETYVGGHVEALESGVFRSDIPCRF
RMNPAAFDFLLQRVEKTLRHALEEEEKVPVEQVTNFEEVCDEIKSKLASLKDVPSRIECPLIYHLDVGAMYPNIILTNRL
QPSAMVDEATCAACDFNKPGANCQRKMAWQWRGEFMPASRSEYHRIQHQLESEKFPPLFPEGPARAFHELSREEQAKYEK
RRLADYCRKAYKKIHITKVEERLTTICQRENSFYVDTVRAFRDRRYEFKGLHKVWKKKLSAAVEVGDAAEVKRCKNMEVL
YDSLQLAHKCILNSFYGYVMRKGARWYSMEMAGIVCFTGANIITQARELIEQIGRPLELDTDGIWCVLPNSFPENFVFKT
TNVKKPKVTISYPGAMLNIMVKEGFTNDQYQELAEPSSLTYVTRSENSIFFEVDGPYLAMILPASKEEGKKLKKRYAVFN
EDGSLAELKGFEVKRRGELQLIKIFQSSVFEAFLKGSTLEEVYGSVAKVADYWLDVLYSKAANMPDSELFELISENRSMS
RKLEDYGEQKSTSISTAKRLAEFLGDQMVKDAGLSCRYIISRKPEGSPVTERAIPLAIFQAEPTVRKHFLRKWLKSSSLQ
DFDIRAILDWDYYIERLGSAIQKIITIPAALQQVKNPVPRVKHPDWLHKKLLEKNDVYKQKKISELFTLEGRRQVTMAEA
SEDSPRPSAPDMEDFGLVKLPHPAAPVTVKRKRVLWESQEESQDLTPTVPWQEILGQPPALGTSQEEWLVWLRFHKKKWQ
LQARQRLARRKRQRLESAEGVLRPGAIRDGPATGLGSFLRRTARSILDLPWQIVQISETSQAGLFRLWALVGSDLHCIRL
SIPRVFYVNQRVAKAEEGASYRKVNRVLPRSNMVYNLYEYSVPEDMYQEHINEINAELSAPDIEGVYETQVPLLFRALVH
LGCVCVVNKQLVRHLSGWEAETFALEHLEMRSLAQFSYLEPGSIRHIYLYHHAQAHKALFGIFIPSQRRASVFVLDTVRS
NQMPSLGALYSAEHGLLLEKVGPELLPPPKHTFEVRAETDLKTICRAIQRFLLAYKEERRGPTLIAVQSSWELKRLASEI
PVLEEFPLVPICVADKINYGVLDWQRHGARRMIRHYLNLDTCLSQAFEMSRYFHIPIGNLPEDISTFGSDLFFARHLQRH
NHLLWLSPTARPDLGGKEADDNCLVMEFDDQATVEINSSGCYSTVCVELDLQNLAVNTILQSHHVNDMEGADSMGISFDV
IQQASLEDMITGGQAASAPASYDETALCSNTFRILKSMVVGWVKEITQYHNIYADNQVMHFYRWLRSPSSLLHDPALHRT
LHNMMKKLFLQLIAEFKRLGSSVIYANFNRIILCTKKRRVEDAIAYVEYITSSIHSKETFHSLTISFSRCWEFLLWMDPS
NYGGIKGKVSSRIHCGLQDSQKAGGAEDEQENEDDEEERDGEEEEEAEESNVEDLLENNWNILQFLPQAASCQNYFLMIV
SAYIVAVYHCMKDGLRRSAPGSTPVRRRGASQLSQEAEGAVGALPGMITFSQDYVANELTQSFFTITQKIQKKVTGSRNS
TELSEMFPVLPGSHLLLNNPALEFIKYVCKVLSLDTNITNQVNKLNRDLLRLVDVGEFSEEAQFRDPCRSYVLPEVICRS
CNFCRDLDLCKDSSFSEDGAVLPQWLCSNCQAPYDSSAIEMTLVEVLQKKLMAFTLQDLVCLKCRGVKETSMPVYCSCAG
DFALTIHTQVFMEQIGIFRNIAQHYGMSYLLETLEWLLQKNPQLGH
;
A
2 'polypeptide(L)'
;MFEARLVQGSILKKVLEALKDLINEACWDISSSGVNLQSMDSSHVSLVQLTLRSEGFDTYRCDRNLAMGVNLTSMSKILK
CAGNEDIITLRAEDNADTLALVFEAPNQEKVSDYEMKLMDLDVEQLGIPEQEYSCVVKMPSGEFARICRDLSHIGDAVVI
SCAKDGVKFSASGELGNGNIKLSQTSNVDKEEEAVTIEMNEPVQLTFALRYLNFFTKATPLSSTVTLSMSADVPLVVEYK
IADMGHLKYYLAPKIEDEEGS
;
B,C,D
3 'polydeoxyribonucleotide'
;(DT)(DG)(DA)(DG)(DG)(DT)(DT)(DC)(DA)(DG)(DC)(DA)(DA)(DG)(DG)(DT)(DG)(DA)(DT)(DG)
(DC)(DT)(DT)(DT)(DA)(DG)(DA)(DT)(DT)(DT)(DT)(DT)(DC)(DA)(PST)
;
P
4 'polydeoxyribonucleotide'
;(DG)(DA)(DG)(DC)(DC)(DA)(DG)(DC)(DA)(DG)(DC)(DA)(DA)(DA)(DG)(DT)(DG)(DA)(DA)(DA)
(DA)(DA)(DT)(DC)(DT)(DA)(DA)(DA)(DG)(DC)(DA)(DT)(DC)(DA)(DC)(DC)(DT)(DT)(DG)(DC)
(DT)(DG)(DA)(DA)(DC)(DC)(DT)(DC)(DA)
;
T
#
loop_
_chem_comp.id
_chem_comp.type
_chem_comp.name
_chem_comp.formula
DA DNA linking 2'-DEOXYADENOSINE-5'-MONOPHOSPHATE 'C10 H14 N5 O6 P'
DC DNA linking 2'-DEOXYCYTIDINE-5'-MONOPHOSPHATE 'C9 H14 N3 O7 P'
DG DNA linking 2'-DEOXYGUANOSINE-5'-MONOPHOSPHATE 'C10 H14 N5 O7 P'
DT DNA linking THYMIDINE-5'-MONOPHOSPHATE 'C10 H15 N2 O8 P'
MG non-polymer 'MAGNESIUM ION' 'Mg 2'
PST DNA linking THYMIDINE-5'-THIOPHOSPHATE 'C10 H15 N2 O7 P S'
SF4 non-polymer 'IRON/SULFUR CLUSTER' 'Fe4 S4'
#
# COMPACT_ATOMS: atom_id res chain seq x y z
N SER A 27 -43.74 -21.18 26.32
CA SER A 27 -43.49 -21.95 25.10
C SER A 27 -44.72 -21.95 24.20
N SER A 28 -45.90 -21.92 24.83
CA SER A 28 -47.15 -21.90 24.05
C SER A 28 -47.41 -20.55 23.42
N VAL A 29 -46.86 -19.47 23.99
CA VAL A 29 -47.07 -18.13 23.42
C VAL A 29 -46.37 -18.02 22.07
N SER A 30 -45.17 -18.60 21.95
CA SER A 30 -44.46 -18.59 20.67
C SER A 30 -45.22 -19.37 19.61
N ALA A 31 -45.76 -20.53 19.97
CA ALA A 31 -46.55 -21.33 19.03
C ALA A 31 -47.82 -20.58 18.63
N LEU A 32 -48.46 -19.90 19.58
CA LEU A 32 -49.63 -19.09 19.26
C LEU A 32 -49.28 -17.96 18.30
N LYS A 33 -48.15 -17.30 18.53
CA LYS A 33 -47.71 -16.24 17.62
C LYS A 33 -47.43 -16.79 16.23
N ARG A 34 -46.78 -17.96 16.14
CA ARG A 34 -46.49 -18.53 14.84
C ARG A 34 -47.75 -18.96 14.10
N LEU A 35 -48.72 -19.53 14.81
CA LEU A 35 -49.95 -19.93 14.13
C LEU A 35 -50.77 -18.71 13.72
N GLU A 36 -50.75 -17.64 14.52
CA GLU A 36 -51.40 -16.40 14.11
C GLU A 36 -50.72 -15.83 12.88
N ARG A 37 -49.39 -15.88 12.82
CA ARG A 37 -48.67 -15.43 11.64
C ARG A 37 -49.03 -16.27 10.42
N SER A 38 -49.16 -17.58 10.61
CA SER A 38 -49.52 -18.46 9.51
C SER A 38 -50.92 -18.17 9.00
N GLN A 39 -51.86 -17.92 9.91
CA GLN A 39 -53.21 -17.54 9.47
C GLN A 39 -53.22 -16.19 8.78
N TRP A 40 -52.40 -15.24 9.24
CA TRP A 40 -52.30 -13.95 8.57
C TRP A 40 -51.75 -14.11 7.15
N THR A 41 -50.70 -14.91 6.98
CA THR A 41 -50.16 -15.13 5.64
C THR A 41 -51.15 -15.86 4.75
N ASP A 42 -51.88 -16.84 5.29
CA ASP A 42 -52.86 -17.56 4.48
C ASP A 42 -54.00 -16.65 4.04
N LYS A 43 -54.51 -15.80 4.95
CA LYS A 43 -55.58 -14.90 4.54
C LYS A 43 -55.07 -13.82 3.58
N MET A 44 -53.80 -13.41 3.73
CA MET A 44 -53.21 -12.50 2.76
C MET A 44 -53.11 -13.15 1.38
N ASP A 45 -52.76 -14.43 1.34
CA ASP A 45 -52.65 -15.13 0.06
C ASP A 45 -54.02 -15.32 -0.58
N LEU A 46 -55.04 -15.61 0.23
CA LEU A 46 -56.39 -15.73 -0.31
C LEU A 46 -56.93 -14.39 -0.78
N ARG A 47 -56.54 -13.29 -0.14
CA ARG A 47 -56.98 -12.00 -0.66
C ARG A 47 -56.11 -11.49 -1.81
N PHE A 48 -54.98 -12.16 -2.09
CA PHE A 48 -54.26 -11.92 -3.33
C PHE A 48 -54.44 -13.04 -4.36
N GLY A 49 -55.53 -13.79 -4.27
CA GLY A 49 -55.89 -14.71 -5.34
C GLY A 49 -55.12 -16.01 -5.37
N PHE A 50 -54.12 -16.18 -4.53
CA PHE A 50 -53.36 -17.43 -4.45
C PHE A 50 -54.20 -18.44 -3.66
N GLU A 51 -55.08 -19.14 -4.36
CA GLU A 51 -55.95 -20.11 -3.71
C GLU A 51 -55.14 -21.35 -3.35
N ARG A 52 -55.03 -21.63 -2.06
CA ARG A 52 -54.29 -22.79 -1.60
C ARG A 52 -54.97 -24.06 -2.09
N LEU A 53 -54.21 -24.89 -2.81
CA LEU A 53 -54.79 -26.05 -3.49
C LEU A 53 -55.24 -27.08 -2.47
N LYS A 54 -56.56 -27.19 -2.29
CA LYS A 54 -57.17 -28.18 -1.41
C LYS A 54 -58.05 -29.16 -2.17
N GLU A 55 -58.64 -28.76 -3.30
CA GLU A 55 -59.42 -29.67 -4.10
C GLU A 55 -58.51 -30.67 -4.80
N PRO A 56 -58.97 -31.92 -4.96
CA PRO A 56 -58.14 -32.93 -5.62
C PRO A 56 -58.04 -32.68 -7.12
N GLY A 57 -56.97 -33.23 -7.70
CA GLY A 57 -56.83 -33.30 -9.14
C GLY A 57 -55.51 -32.75 -9.62
N GLU A 58 -55.43 -32.56 -10.94
CA GLU A 58 -54.30 -31.99 -11.64
C GLU A 58 -54.52 -30.49 -11.88
N LYS A 59 -53.41 -29.78 -12.05
CA LYS A 59 -53.46 -28.40 -12.53
C LYS A 59 -52.09 -28.03 -13.08
N THR A 60 -52.08 -27.21 -14.13
CA THR A 60 -50.84 -26.71 -14.69
C THR A 60 -50.42 -25.45 -13.95
N GLY A 61 -49.10 -25.23 -13.88
CA GLY A 61 -48.60 -24.05 -13.19
C GLY A 61 -47.21 -23.68 -13.63
N TRP A 62 -46.81 -22.47 -13.27
CA TRP A 62 -45.49 -21.92 -13.58
C TRP A 62 -44.96 -21.27 -12.32
N LEU A 63 -43.90 -21.84 -11.74
CA LEU A 63 -43.52 -21.42 -10.40
C LEU A 63 -42.89 -20.03 -10.44
N ILE A 64 -43.19 -19.25 -9.41
CA ILE A 64 -42.73 -17.86 -9.33
C ILE A 64 -42.04 -17.53 -8.03
N ASN A 65 -42.28 -18.25 -6.93
CA ASN A 65 -41.70 -17.87 -5.66
C ASN A 65 -41.67 -19.05 -4.70
N MET A 66 -40.99 -18.85 -3.58
CA MET A 66 -40.66 -19.91 -2.63
C MET A 66 -40.44 -19.27 -1.27
N HIS A 67 -41.20 -19.68 -0.26
CA HIS A 67 -40.97 -19.25 1.11
C HIS A 67 -41.32 -20.33 2.13
N PRO A 68 -40.50 -20.50 3.18
CA PRO A 68 -40.87 -21.41 4.27
C PRO A 68 -41.88 -20.77 5.20
N THR A 69 -42.87 -21.56 5.60
CA THR A 69 -43.96 -21.12 6.46
C THR A 69 -44.49 -22.34 7.18
N GLU A 70 -44.57 -22.27 8.51
CA GLU A 70 -45.02 -23.42 9.29
C GLU A 70 -46.51 -23.66 9.06
N ILE A 71 -46.84 -24.88 8.64
CA ILE A 71 -48.21 -25.29 8.37
C ILE A 71 -48.49 -26.56 9.16
N LEU A 72 -49.58 -26.55 9.92
CA LEU A 72 -49.94 -27.70 10.75
C LEU A 72 -50.31 -28.91 9.88
N ASP A 73 -49.93 -30.09 10.34
CA ASP A 73 -50.15 -31.32 9.62
C ASP A 73 -51.46 -31.97 10.06
N GLU A 74 -51.68 -33.22 9.67
CA GLU A 74 -52.92 -33.92 9.98
C GLU A 74 -53.08 -34.19 11.48
N ASP A 75 -51.98 -34.42 12.20
CA ASP A 75 -52.04 -34.73 13.62
C ASP A 75 -52.10 -33.48 14.49
N LYS A 76 -52.41 -32.32 13.90
CA LYS A 76 -52.49 -31.03 14.60
C LYS A 76 -51.20 -30.71 15.33
N ARG A 77 -50.07 -31.02 14.70
CA ARG A 77 -48.74 -30.83 15.27
C ARG A 77 -47.97 -29.84 14.42
N LEU A 78 -47.10 -29.07 15.07
CA LEU A 78 -46.27 -28.10 14.36
C LEU A 78 -45.35 -28.80 13.37
N GLY A 79 -45.16 -28.17 12.22
CA GLY A 79 -44.31 -28.72 11.17
C GLY A 79 -44.05 -27.73 10.06
N SER A 80 -42.81 -27.61 9.62
CA SER A 80 -42.48 -26.64 8.60
C SER A 80 -42.91 -27.12 7.21
N ALA A 81 -43.14 -26.16 6.33
CA ALA A 81 -43.54 -26.40 4.96
C ALA A 81 -43.09 -25.23 4.13
N VAL A 82 -43.06 -25.41 2.82
CA VAL A 82 -42.79 -24.32 1.89
C VAL A 82 -43.93 -24.25 0.89
N ASP A 83 -44.44 -23.04 0.68
CA ASP A 83 -45.56 -22.82 -0.21
C ASP A 83 -45.09 -22.24 -1.54
N TYR A 84 -45.06 -23.08 -2.56
CA TYR A 84 -44.75 -22.67 -3.91
C TYR A 84 -45.91 -21.84 -4.45
N TYR A 85 -45.60 -20.80 -5.19
CA TYR A 85 -46.62 -19.98 -5.85
C TYR A 85 -46.53 -20.23 -7.34
N PHE A 86 -47.67 -20.50 -7.97
CA PHE A 86 -47.71 -20.81 -9.39
C PHE A 86 -48.60 -19.81 -10.12
N ILE A 87 -48.16 -19.41 -11.30
CA ILE A 87 -48.94 -18.59 -12.20
C ILE A 87 -49.42 -19.47 -13.34
N GLN A 88 -50.60 -19.17 -13.87
CA GLN A 88 -51.12 -19.88 -15.03
C GLN A 88 -51.27 -18.91 -16.19
N ASP A 89 -51.26 -19.46 -17.41
CA ASP A 89 -51.25 -18.63 -18.60
C ASP A 89 -52.56 -17.86 -18.77
N ASP A 90 -53.65 -18.35 -18.19
CA ASP A 90 -54.93 -17.65 -18.28
C ASP A 90 -54.99 -16.41 -17.39
N GLY A 91 -54.01 -16.23 -16.50
CA GLY A 91 -53.96 -15.08 -15.63
C GLY A 91 -54.40 -15.34 -14.20
N SER A 92 -54.60 -16.59 -13.81
CA SER A 92 -55.04 -16.94 -12.46
C SER A 92 -53.90 -17.64 -11.74
N ARG A 93 -53.55 -17.12 -10.56
CA ARG A 93 -52.49 -17.67 -9.73
C ARG A 93 -53.06 -18.67 -8.72
N PHE A 94 -52.17 -19.43 -8.10
CA PHE A 94 -52.51 -20.20 -6.92
C PHE A 94 -51.23 -20.50 -6.15
N LYS A 95 -51.38 -21.23 -5.04
CA LYS A 95 -50.26 -21.63 -4.21
C LYS A 95 -50.46 -23.08 -3.79
N VAL A 96 -49.36 -23.72 -3.42
CA VAL A 96 -49.37 -25.11 -2.98
C VAL A 96 -48.37 -25.26 -1.84
N ALA A 97 -48.81 -25.75 -0.70
CA ALA A 97 -47.91 -26.01 0.40
C ALA A 97 -47.38 -27.43 0.33
N LEU A 98 -46.09 -27.58 0.63
CA LEU A 98 -45.45 -28.88 0.72
C LEU A 98 -44.66 -28.97 2.01
N PRO A 99 -45.02 -29.88 2.91
CA PRO A 99 -44.22 -30.08 4.12
C PRO A 99 -43.16 -31.14 3.92
N TYR A 100 -42.02 -30.92 4.59
CA TYR A 100 -40.93 -31.88 4.58
C TYR A 100 -40.13 -31.67 5.85
N LYS A 101 -39.21 -32.58 6.10
CA LYS A 101 -38.40 -32.55 7.30
C LYS A 101 -37.10 -31.79 7.06
N PRO A 102 -36.87 -30.66 7.73
CA PRO A 102 -35.58 -29.98 7.61
C PRO A 102 -34.48 -30.83 8.22
N TYR A 103 -33.29 -30.76 7.64
CA TYR A 103 -32.23 -31.64 8.12
C TYR A 103 -30.86 -31.10 7.72
N PHE A 104 -29.85 -31.65 8.38
CA PHE A 104 -28.46 -31.53 7.98
C PHE A 104 -27.81 -32.90 8.09
N TYR A 105 -26.48 -32.93 7.99
CA TYR A 105 -25.72 -34.14 8.24
C TYR A 105 -24.66 -33.87 9.31
N ILE A 106 -24.34 -34.91 10.08
CA ILE A 106 -23.27 -34.84 11.07
C ILE A 106 -22.25 -35.92 10.76
N ALA A 107 -21.03 -35.72 11.24
CA ALA A 107 -19.95 -36.69 11.07
C ALA A 107 -19.83 -37.54 12.32
N THR A 108 -19.66 -38.84 12.13
CA THR A 108 -19.53 -39.77 13.23
C THR A 108 -18.23 -40.57 13.11
N ARG A 109 -17.70 -40.96 14.27
CA ARG A 109 -16.53 -41.81 14.34
C ARG A 109 -16.89 -43.20 13.80
N LYS A 110 -15.87 -43.93 13.35
CA LYS A 110 -16.06 -45.26 12.80
C LYS A 110 -16.67 -46.20 13.84
N GLY A 111 -17.61 -47.03 13.40
CA GLY A 111 -18.31 -47.93 14.30
C GLY A 111 -19.17 -47.25 15.34
N CYS A 112 -19.59 -46.01 15.10
CA CYS A 112 -20.32 -45.20 16.06
C CYS A 112 -21.49 -44.50 15.40
N GLU A 113 -22.30 -45.26 14.65
CA GLU A 113 -23.47 -44.72 13.97
C GLU A 113 -24.76 -44.93 14.75
N ARG A 114 -24.98 -46.13 15.29
CA ARG A 114 -26.24 -46.42 15.97
C ARG A 114 -26.32 -45.69 17.31
N GLU A 115 -25.20 -45.61 18.04
CA GLU A 115 -25.22 -45.11 19.40
C GLU A 115 -25.58 -43.62 19.46
N VAL A 116 -24.98 -42.81 18.59
CA VAL A 116 -25.25 -41.37 18.62
C VAL A 116 -26.68 -41.09 18.15
N SER A 117 -27.17 -41.85 17.17
CA SER A 117 -28.55 -41.68 16.72
C SER A 117 -29.53 -42.04 17.82
N SER A 118 -29.30 -43.15 18.52
CA SER A 118 -30.17 -43.55 19.61
C SER A 118 -30.14 -42.52 20.74
N PHE A 119 -28.95 -42.03 21.08
CA PHE A 119 -28.84 -41.03 22.15
C PHE A 119 -29.56 -39.75 21.80
N LEU A 120 -29.37 -39.24 20.58
CA LEU A 120 -29.99 -37.98 20.22
C LEU A 120 -31.49 -38.12 19.97
N SER A 121 -31.95 -39.32 19.60
CA SER A 121 -33.39 -39.53 19.46
C SER A 121 -34.06 -39.64 20.83
N LYS A 122 -33.38 -40.29 21.79
CA LYS A 122 -33.96 -40.41 23.12
C LYS A 122 -33.87 -39.09 23.89
N LYS A 123 -32.86 -38.27 23.61
CA LYS A 123 -32.70 -37.04 24.38
C LYS A 123 -33.70 -35.98 23.92
N PHE A 124 -34.07 -35.98 22.64
CA PHE A 124 -35.04 -35.04 22.09
C PHE A 124 -36.22 -35.73 21.43
N GLN A 125 -36.88 -36.66 22.13
CA GLN A 125 -38.16 -37.17 21.64
C GLN A 125 -39.15 -36.02 21.46
N GLY A 126 -39.87 -36.05 20.35
CA GLY A 126 -40.79 -34.99 20.01
C GLY A 126 -40.15 -33.81 19.31
N LYS A 127 -38.83 -33.81 19.12
CA LYS A 127 -38.14 -32.76 18.40
C LYS A 127 -37.40 -33.26 17.16
N ILE A 128 -37.16 -34.56 17.05
CA ILE A 128 -36.46 -35.16 15.91
C ILE A 128 -37.43 -36.11 15.22
N ALA A 129 -37.73 -35.83 13.95
CA ALA A 129 -38.65 -36.67 13.21
C ALA A 129 -38.04 -38.03 12.88
N LYS A 130 -36.81 -38.04 12.38
CA LYS A 130 -36.19 -39.29 11.95
C LYS A 130 -34.69 -39.10 11.90
N VAL A 131 -33.95 -40.04 12.50
CA VAL A 131 -32.50 -40.08 12.44
C VAL A 131 -32.08 -41.43 11.87
N GLU A 132 -31.16 -41.40 10.90
CA GLU A 132 -30.70 -42.61 10.24
C GLU A 132 -29.41 -42.30 9.51
N THR A 133 -28.70 -43.35 9.11
CA THR A 133 -27.46 -43.21 8.38
C THR A 133 -27.72 -43.23 6.87
N VAL A 134 -26.88 -42.53 6.13
CA VAL A 134 -26.93 -42.52 4.67
C VAL A 134 -25.55 -42.17 4.13
N PRO A 135 -25.03 -42.94 3.17
CA PRO A 135 -23.68 -42.66 2.68
C PRO A 135 -23.67 -41.58 1.62
N LYS A 136 -22.68 -40.69 1.72
CA LYS A 136 -22.42 -39.69 0.69
C LYS A 136 -20.92 -39.59 0.50
N GLU A 137 -20.47 -39.56 -0.76
CA GLU A 137 -19.04 -39.45 -1.04
C GLU A 137 -18.53 -38.07 -0.65
N ASP A 138 -17.44 -38.04 0.10
CA ASP A 138 -16.83 -36.80 0.52
C ASP A 138 -15.71 -36.42 -0.43
N LEU A 139 -14.94 -35.38 -0.06
CA LEU A 139 -13.95 -34.80 -0.94
C LEU A 139 -12.52 -34.95 -0.45
N ASP A 140 -12.32 -35.22 0.84
CA ASP A 140 -10.99 -35.13 1.42
C ASP A 140 -10.48 -36.47 1.95
N LEU A 141 -11.28 -37.53 1.85
CA LEU A 141 -10.95 -38.78 2.51
C LEU A 141 -9.79 -39.48 1.78
N PRO A 142 -8.83 -40.04 2.52
CA PRO A 142 -7.70 -40.72 1.86
C PRO A 142 -8.12 -41.99 1.16
N ASN A 143 -7.43 -42.29 0.04
CA ASN A 143 -7.65 -43.48 -0.76
C ASN A 143 -9.06 -43.55 -1.35
N HIS A 144 -9.74 -42.41 -1.47
CA HIS A 144 -11.17 -42.40 -1.69
C HIS A 144 -11.60 -42.79 -3.10
N LEU A 145 -10.69 -42.78 -4.07
CA LEU A 145 -11.06 -43.03 -5.46
C LEU A 145 -11.00 -44.49 -5.84
N VAL A 146 -11.20 -45.40 -4.88
CA VAL A 146 -11.24 -46.83 -5.17
C VAL A 146 -12.61 -47.45 -4.92
N GLY A 147 -13.50 -46.77 -4.22
CA GLY A 147 -14.83 -47.31 -4.02
C GLY A 147 -15.45 -47.08 -2.65
N LEU A 148 -14.63 -46.84 -1.63
CA LEU A 148 -15.19 -46.63 -0.30
C LEU A 148 -15.84 -45.25 -0.20
N LYS A 149 -16.84 -45.16 0.66
CA LYS A 149 -17.66 -43.97 0.78
C LYS A 149 -17.88 -43.66 2.26
N ARG A 150 -18.09 -42.39 2.57
CA ARG A 150 -18.22 -41.93 3.95
C ARG A 150 -19.68 -42.00 4.39
N ASN A 151 -19.93 -42.57 5.56
CA ASN A 151 -21.27 -42.79 6.08
C ASN A 151 -21.64 -41.63 7.00
N TYR A 152 -22.45 -40.71 6.49
CA TYR A 152 -22.97 -39.62 7.32
C TYR A 152 -24.24 -40.06 8.02
N ILE A 153 -24.81 -39.15 8.82
CA ILE A 153 -26.05 -39.41 9.54
C ILE A 153 -26.94 -38.17 9.43
N ARG A 154 -28.19 -38.36 9.00
CA ARG A 154 -29.13 -37.27 8.93
C ARG A 154 -29.80 -37.04 10.27
N LEU A 155 -29.93 -35.77 10.65
CA LEU A 155 -30.75 -35.35 11.79
C LEU A 155 -31.87 -34.48 11.24
N SER A 156 -33.05 -35.07 11.10
CA SER A 156 -34.20 -34.35 10.58
C SER A 156 -35.18 -34.03 11.69
N PHE A 157 -35.75 -32.84 11.65
CA PHE A 157 -36.64 -32.36 12.71
C PHE A 157 -38.04 -32.13 12.16
N HIS A 158 -38.95 -31.79 13.07
CA HIS A 158 -40.31 -31.47 12.67
C HIS A 158 -40.41 -30.09 12.06
N THR A 159 -39.55 -29.16 12.45
CA THR A 159 -39.75 -27.77 12.09
C THR A 159 -38.42 -27.03 12.14
N VAL A 160 -38.41 -25.83 11.54
CA VAL A 160 -37.18 -25.05 11.38
C VAL A 160 -36.71 -24.45 12.72
N GLU A 161 -37.63 -24.09 13.62
CA GLU A 161 -37.18 -23.56 14.91
C GLU A 161 -36.56 -24.66 15.76
N ASP A 162 -37.04 -25.90 15.63
CA ASP A 162 -36.35 -27.01 16.24
C ASP A 162 -34.96 -27.18 15.66
N LEU A 163 -34.82 -26.98 14.35
CA LEU A 163 -33.52 -27.02 13.70
C LEU A 163 -32.57 -25.98 14.29
N VAL A 164 -33.07 -24.74 14.45
CA VAL A 164 -32.24 -23.67 15.00
C VAL A 164 -31.84 -23.98 16.43
N LYS A 165 -32.79 -24.46 17.23
CA LYS A 165 -32.51 -24.76 18.63
C LYS A 165 -31.46 -25.87 18.76
N VAL A 166 -31.62 -26.94 17.99
CA VAL A 166 -30.67 -28.05 18.08
C VAL A 166 -29.31 -27.62 17.54
N ARG A 167 -29.29 -26.81 16.48
CA ARG A 167 -28.02 -26.35 15.93
C ARG A 167 -27.24 -25.48 16.91
N LYS A 168 -27.94 -24.55 17.57
CA LYS A 168 -27.24 -23.71 18.56
C LYS A 168 -26.96 -24.48 19.85
N GLU A 169 -27.66 -25.59 20.09
CA GLU A 169 -27.31 -26.42 21.23
C GLU A 169 -26.05 -27.23 20.94
N ILE A 170 -25.88 -27.67 19.69
CA ILE A 170 -24.81 -28.61 19.36
C ILE A 170 -23.55 -27.91 18.85
N SER A 171 -23.64 -26.66 18.37
CA SER A 171 -22.49 -26.03 17.74
C SER A 171 -21.32 -25.80 18.69
N PRO A 172 -21.48 -25.25 19.90
CA PRO A 172 -20.32 -25.20 20.81
C PRO A 172 -19.82 -26.57 21.22
N ALA A 173 -20.72 -27.55 21.34
CA ALA A 173 -20.30 -28.90 21.72
C ALA A 173 -19.42 -29.52 20.65
N VAL A 174 -19.83 -29.45 19.38
CA VAL A 174 -19.01 -30.00 18.31
C VAL A 174 -17.75 -29.16 18.11
N LYS A 175 -17.79 -27.85 18.39
CA LYS A 175 -16.59 -27.03 18.29
C LYS A 175 -15.54 -27.46 19.30
N LYS A 176 -15.94 -27.60 20.56
CA LYS A 176 -14.99 -28.04 21.58
C LYS A 176 -14.57 -29.49 21.37
N ASN A 177 -15.47 -30.34 20.83
CA ASN A 177 -15.08 -31.70 20.48
C ASN A 177 -14.02 -31.71 19.39
N ARG A 178 -14.18 -30.86 18.38
CA ARG A 178 -13.18 -30.77 17.31
C ARG A 178 -11.85 -30.26 17.86
N GLU A 179 -11.89 -29.26 18.73
CA GLU A 179 -10.65 -28.76 19.34
C GLU A 179 -9.95 -29.84 20.15
N GLN A 180 -10.70 -30.58 20.96
CA GLN A 180 -10.07 -31.57 21.83
C GLN A 180 -9.55 -32.76 21.03
N ASP A 181 -10.27 -33.19 19.98
CA ASP A 181 -9.75 -34.31 19.20
C ASP A 181 -8.57 -33.87 18.34
N HIS A 182 -8.53 -32.60 17.91
CA HIS A 182 -7.37 -32.09 17.21
C HIS A 182 -6.16 -32.06 18.13
N ALA A 183 -6.33 -31.60 19.37
CA ALA A 183 -5.22 -31.57 20.32
C ALA A 183 -4.74 -32.98 20.65
N SER A 184 -5.68 -33.92 20.88
CA SER A 184 -5.29 -35.28 21.21
C SER A 184 -4.59 -35.97 20.04
N ASP A 185 -5.11 -35.79 18.82
CA ASP A 185 -4.47 -36.37 17.64
C ASP A 185 -3.08 -35.78 17.41
N ALA A 186 -2.92 -34.47 17.60
CA ALA A 186 -1.62 -33.84 17.45
C ALA A 186 -0.64 -34.38 18.48
N TYR A 187 -1.08 -34.53 19.73
CA TYR A 187 -0.19 -35.04 20.77
C TYR A 187 0.20 -36.49 20.51
N THR A 188 -0.76 -37.32 20.09
CA THR A 188 -0.46 -38.72 19.80
C THR A 188 0.48 -38.86 18.59
N ALA A 189 0.26 -38.05 17.55
CA ALA A 189 1.13 -38.10 16.38
C ALA A 189 2.51 -37.53 16.69
N LEU A 190 2.61 -36.59 17.63
CA LEU A 190 3.91 -36.08 18.03
C LEU A 190 4.67 -37.10 18.87
N LEU A 191 3.95 -37.84 19.73
CA LEU A 191 4.60 -38.87 20.54
C LEU A 191 5.03 -40.05 19.69
N SER A 192 4.18 -40.50 18.77
CA SER A 192 4.50 -41.68 17.96
C SER A 192 5.53 -41.36 16.89
N SER A 193 5.39 -40.21 16.23
CA SER A 193 6.31 -39.83 15.15
C SER A 193 6.40 -38.30 15.04
N ASP A 213 -25.78 -35.06 27.01
CA ASP A 213 -24.56 -34.62 26.35
C ASP A 213 -23.47 -35.69 26.44
N GLN A 214 -23.73 -36.84 25.84
CA GLN A 214 -22.75 -37.92 25.84
C GLN A 214 -21.69 -37.58 24.80
N LEU A 215 -22.10 -37.52 23.53
CA LEU A 215 -21.48 -36.71 22.47
C LEU A 215 -19.99 -36.97 22.30
N ASP A 216 -19.53 -38.21 22.42
CA ASP A 216 -18.13 -38.51 22.14
C ASP A 216 -17.90 -38.97 20.71
N ASN A 217 -18.96 -39.14 19.91
CA ASN A 217 -18.84 -39.65 18.56
C ASN A 217 -19.06 -38.60 17.49
N ILE A 218 -19.65 -37.45 17.82
CA ILE A 218 -19.81 -36.38 16.84
C ILE A 218 -18.44 -35.80 16.51
N VAL A 219 -18.25 -35.44 15.24
CA VAL A 219 -16.98 -34.91 14.76
C VAL A 219 -17.16 -33.52 14.17
N ASP A 220 -18.00 -33.40 13.14
CA ASP A 220 -18.23 -32.11 12.49
C ASP A 220 -19.62 -32.11 11.87
N MET A 221 -20.43 -31.13 12.25
CA MET A 221 -21.76 -30.95 11.66
C MET A 221 -21.66 -29.85 10.62
N ARG A 222 -22.34 -30.05 9.49
CA ARG A 222 -22.15 -29.23 8.32
C ARG A 222 -23.52 -28.90 7.70
N GLU A 223 -23.47 -28.11 6.63
CA GLU A 223 -24.64 -27.49 5.96
C GLU A 223 -25.69 -27.03 6.98
N TYR A 224 -25.23 -26.18 7.88
CA TYR A 224 -26.09 -25.58 8.90
C TYR A 224 -26.65 -24.23 8.48
N ASP A 225 -25.88 -23.42 7.78
CA ASP A 225 -26.35 -22.13 7.32
C ASP A 225 -27.08 -22.21 5.98
N VAL A 226 -27.25 -23.39 5.43
CA VAL A 226 -28.06 -23.55 4.22
C VAL A 226 -29.53 -23.32 4.59
N PRO A 227 -30.26 -22.47 3.86
CA PRO A 227 -31.66 -22.22 4.21
C PRO A 227 -32.51 -23.45 3.98
N TYR A 228 -33.75 -23.38 4.49
CA TYR A 228 -34.66 -24.51 4.35
C TYR A 228 -35.12 -24.67 2.90
N HIS A 229 -35.55 -23.57 2.27
CA HIS A 229 -36.07 -23.67 0.91
C HIS A 229 -34.98 -24.00 -0.08
N ILE A 230 -33.74 -23.61 0.20
CA ILE A 230 -32.62 -24.07 -0.60
C ILE A 230 -32.53 -25.59 -0.55
N ARG A 231 -32.62 -26.16 0.65
CA ARG A 231 -32.55 -27.61 0.80
C ARG A 231 -33.69 -28.32 0.08
N LEU A 232 -34.90 -27.78 0.16
CA LEU A 232 -35.99 -28.42 -0.59
C LEU A 232 -35.79 -28.31 -2.10
N SER A 233 -35.40 -27.14 -2.60
CA SER A 233 -35.21 -26.99 -4.04
C SER A 233 -34.03 -27.83 -4.54
N ILE A 234 -33.07 -28.13 -3.67
CA ILE A 234 -32.02 -29.08 -4.04
C ILE A 234 -32.54 -30.51 -4.06
N ASP A 235 -33.25 -30.93 -3.01
CA ASP A 235 -33.60 -32.34 -2.87
C ASP A 235 -34.62 -32.77 -3.91
N LEU A 236 -35.80 -32.18 -3.87
CA LEU A 236 -36.92 -32.62 -4.69
C LEU A 236 -36.89 -32.04 -6.10
N LYS A 237 -35.83 -31.28 -6.42
CA LYS A 237 -35.56 -30.78 -7.77
C LYS A 237 -36.71 -29.91 -8.29
N ILE A 238 -36.86 -28.77 -7.62
CA ILE A 238 -37.75 -27.71 -8.07
C ILE A 238 -36.92 -26.43 -8.21
N HIS A 239 -37.06 -25.76 -9.33
CA HIS A 239 -36.49 -24.44 -9.55
C HIS A 239 -37.64 -23.47 -9.76
N VAL A 240 -37.34 -22.27 -10.22
CA VAL A 240 -38.40 -21.35 -10.60
C VAL A 240 -38.44 -21.33 -12.12
N ALA A 241 -39.45 -20.64 -12.66
CA ALA A 241 -39.58 -20.36 -14.08
C ALA A 241 -39.67 -21.63 -14.91
N HIS A 242 -40.27 -22.66 -14.33
CA HIS A 242 -40.60 -23.89 -15.06
C HIS A 242 -42.10 -24.15 -14.94
N TRP A 243 -42.58 -25.05 -15.79
CA TRP A 243 -43.97 -25.46 -15.77
C TRP A 243 -44.10 -26.81 -15.08
N TYR A 244 -45.09 -26.92 -14.21
CA TYR A 244 -45.28 -28.12 -13.40
C TYR A 244 -46.73 -28.55 -13.45
N ASN A 245 -46.92 -29.86 -13.34
CA ASN A 245 -48.22 -30.50 -13.29
C ASN A 245 -48.52 -30.88 -11.84
N VAL A 246 -49.04 -29.90 -11.08
CA VAL A 246 -49.30 -30.12 -9.66
C VAL A 246 -50.48 -31.06 -9.50
N ARG A 247 -50.28 -32.10 -8.68
CA ARG A 247 -51.30 -33.10 -8.41
C ARG A 247 -51.58 -33.12 -6.92
N TYR A 248 -52.85 -33.15 -6.54
CA TYR A 248 -53.20 -33.13 -5.13
C TYR A 248 -54.54 -33.82 -4.96
N ARG A 249 -54.52 -35.12 -4.62
CA ARG A 249 -55.74 -35.90 -4.43
C ARG A 249 -56.07 -35.93 -2.95
N GLY A 250 -57.10 -35.19 -2.56
CA GLY A 250 -57.47 -35.14 -1.16
C GLY A 250 -56.42 -34.40 -0.34
N ASN A 251 -56.52 -34.52 0.97
CA ASN A 251 -55.57 -33.85 1.86
C ASN A 251 -54.62 -34.80 2.56
N ALA A 252 -54.85 -36.11 2.51
CA ALA A 252 -53.98 -37.04 3.22
C ALA A 252 -52.64 -37.17 2.51
N PHE A 253 -52.64 -37.30 1.19
CA PHE A 253 -51.40 -37.48 0.46
C PHE A 253 -50.68 -36.14 0.28
N PRO A 254 -49.36 -36.13 0.42
CA PRO A 254 -48.59 -34.92 0.12
C PRO A 254 -48.65 -34.60 -1.37
N VAL A 255 -48.43 -33.33 -1.69
CA VAL A 255 -48.53 -32.88 -3.07
C VAL A 255 -47.39 -33.47 -3.89
N GLU A 256 -47.70 -33.82 -5.14
CA GLU A 256 -46.74 -34.43 -6.05
C GLU A 256 -46.46 -33.46 -7.19
N ILE A 257 -45.18 -33.19 -7.43
CA ILE A 257 -44.76 -32.20 -8.42
C ILE A 257 -43.73 -32.84 -9.34
N THR A 258 -43.70 -32.39 -10.59
CA THR A 258 -42.83 -32.96 -11.61
C THR A 258 -42.53 -31.89 -12.65
N ARG A 259 -41.27 -31.84 -13.09
CA ARG A 259 -40.86 -30.94 -14.16
C ARG A 259 -41.62 -31.23 -15.45
N ARG A 260 -42.07 -30.16 -16.11
CA ARG A 260 -42.65 -30.20 -17.45
C ARG A 260 -42.04 -29.04 -18.21
N ASP A 261 -40.94 -29.31 -18.91
CA ASP A 261 -40.18 -28.28 -19.59
C ASP A 261 -40.54 -28.12 -21.07
N ASP A 262 -41.44 -28.96 -21.60
CA ASP A 262 -41.77 -28.86 -23.02
C ASP A 262 -42.62 -27.65 -23.37
N LEU A 263 -43.20 -26.98 -22.38
CA LEU A 263 -43.95 -25.74 -22.61
C LEU A 263 -42.96 -24.58 -22.45
N VAL A 264 -42.17 -24.36 -23.51
CA VAL A 264 -41.06 -23.41 -23.44
C VAL A 264 -41.51 -21.96 -23.42
N GLU A 265 -42.79 -21.69 -23.68
CA GLU A 265 -43.27 -20.31 -23.62
C GLU A 265 -43.35 -19.84 -22.17
N ARG A 266 -42.93 -18.60 -21.95
CA ARG A 266 -42.84 -18.04 -20.60
C ARG A 266 -44.00 -17.10 -20.36
N PRO A 267 -44.85 -17.35 -19.38
CA PRO A 267 -45.96 -16.44 -19.09
C PRO A 267 -45.47 -15.16 -18.42
N ASP A 268 -46.34 -14.17 -18.42
CA ASP A 268 -46.01 -12.87 -17.83
C ASP A 268 -46.54 -12.81 -16.41
N PRO A 269 -45.67 -12.72 -15.40
CA PRO A 269 -46.15 -12.45 -14.04
C PRO A 269 -46.60 -11.01 -13.92
N VAL A 270 -47.40 -10.74 -12.88
CA VAL A 270 -47.91 -9.39 -12.68
C VAL A 270 -46.82 -8.59 -11.98
N VAL A 271 -46.25 -7.62 -12.67
CA VAL A 271 -45.12 -6.85 -12.17
C VAL A 271 -45.61 -5.45 -11.82
N LEU A 272 -44.90 -4.78 -10.92
CA LEU A 272 -45.33 -3.47 -10.41
C LEU A 272 -44.09 -2.72 -9.96
N ALA A 273 -43.91 -1.48 -10.43
CA ALA A 273 -42.68 -0.74 -10.20
C ALA A 273 -42.97 0.53 -9.41
N PHE A 274 -42.94 0.44 -8.09
CA PHE A 274 -43.24 1.58 -7.23
C PHE A 274 -41.95 2.26 -6.79
N ASP A 275 -41.94 3.58 -6.90
CA ASP A 275 -40.88 4.41 -6.33
C ASP A 275 -41.53 5.60 -5.65
N ILE A 276 -40.84 6.17 -4.66
CA ILE A 276 -41.43 7.13 -3.75
C ILE A 276 -40.65 8.44 -3.78
N GLU A 277 -41.22 9.44 -3.10
CA GLU A 277 -40.60 10.74 -2.94
C GLU A 277 -41.17 11.37 -1.66
N THR A 278 -40.31 12.04 -0.90
CA THR A 278 -40.68 12.58 0.41
C THR A 278 -40.66 14.10 0.38
N THR A 279 -41.21 14.70 1.44
CA THR A 279 -41.22 16.15 1.62
C THR A 279 -39.88 16.57 2.20
N LYS A 280 -38.86 16.60 1.34
CA LYS A 280 -37.49 16.85 1.77
C LYS A 280 -37.19 18.33 1.70
N LEU A 281 -36.98 18.95 2.86
CA LEU A 281 -36.41 20.29 2.91
C LEU A 281 -34.95 20.23 2.47
N PRO A 282 -34.44 21.31 1.86
CA PRO A 282 -33.08 21.27 1.31
C PRO A 282 -32.02 21.09 2.37
N LEU A 283 -30.91 20.44 1.96
CA LEU A 283 -29.75 20.18 2.81
C LEU A 283 -30.13 19.36 4.05
N LYS A 284 -30.90 18.28 3.83
CA LYS A 284 -31.36 17.47 4.94
C LYS A 284 -31.66 16.05 4.45
N PHE A 285 -31.30 15.07 5.28
CA PHE A 285 -31.77 13.71 5.06
C PHE A 285 -33.28 13.67 5.29
N PRO A 286 -34.05 13.04 4.39
CA PRO A 286 -35.50 12.93 4.61
C PRO A 286 -35.82 12.18 5.88
N ASP A 287 -36.78 12.70 6.63
CA ASP A 287 -37.15 12.13 7.91
C ASP A 287 -38.15 11.00 7.72
N ALA A 288 -37.92 9.91 8.44
CA ALA A 288 -38.79 8.73 8.34
C ALA A 288 -40.09 8.87 9.11
N GLU A 289 -40.28 9.96 9.86
CA GLU A 289 -41.48 10.18 10.65
C GLU A 289 -42.26 11.39 10.20
N THR A 290 -41.61 12.55 10.05
CA THR A 290 -42.32 13.77 9.70
C THR A 290 -42.74 13.79 8.23
N ASP A 291 -41.90 13.27 7.34
CA ASP A 291 -42.21 13.29 5.92
C ASP A 291 -43.24 12.21 5.58
N GLN A 292 -43.99 12.44 4.52
CA GLN A 292 -45.04 11.53 4.09
C GLN A 292 -45.25 11.66 2.59
N ILE A 293 -45.75 10.57 2.00
CA ILE A 293 -45.81 10.42 0.55
C ILE A 293 -46.80 11.41 -0.06
N MET A 294 -46.39 12.07 -1.14
CA MET A 294 -47.29 12.87 -1.96
C MET A 294 -47.53 12.28 -3.33
N MET A 295 -46.66 11.38 -3.80
CA MET A 295 -46.66 10.99 -5.20
C MET A 295 -45.91 9.68 -5.36
N ILE A 296 -46.60 8.64 -5.83
CA ILE A 296 -45.96 7.42 -6.27
C ILE A 296 -46.52 7.05 -7.63
N SER A 297 -45.84 6.13 -8.30
CA SER A 297 -46.31 5.60 -9.57
C SER A 297 -45.87 4.14 -9.66
N TYR A 298 -46.61 3.37 -10.44
CA TYR A 298 -46.26 1.97 -10.65
C TYR A 298 -46.76 1.50 -12.00
N MET A 299 -46.14 0.42 -12.49
CA MET A 299 -46.32 -0.06 -13.85
C MET A 299 -46.77 -1.52 -13.76
N ILE A 300 -48.06 -1.76 -13.93
CA ILE A 300 -48.60 -3.11 -13.92
C ILE A 300 -48.59 -3.59 -15.38
N ASP A 301 -47.52 -4.29 -15.74
CA ASP A 301 -47.35 -4.93 -17.05
C ASP A 301 -47.53 -3.93 -18.20
N GLY A 302 -46.96 -2.74 -18.05
CA GLY A 302 -47.07 -1.72 -19.05
C GLY A 302 -48.24 -0.77 -18.87
N GLN A 303 -49.13 -1.05 -17.92
CA GLN A 303 -50.26 -0.18 -17.63
C GLN A 303 -49.87 0.70 -16.44
N GLY A 304 -49.89 2.02 -16.66
CA GLY A 304 -49.42 2.95 -15.63
C GLY A 304 -50.52 3.33 -14.66
N TYR A 305 -50.14 3.48 -13.39
CA TYR A 305 -51.02 4.06 -12.39
C TYR A 305 -50.19 4.92 -11.45
N LEU A 306 -50.54 6.21 -11.36
CA LEU A 306 -49.92 7.12 -10.43
C LEU A 306 -50.91 7.47 -9.33
N ILE A 307 -50.40 7.60 -8.11
CA ILE A 307 -51.20 7.93 -6.94
C ILE A 307 -50.64 9.22 -6.34
N THR A 308 -51.50 10.22 -6.16
CA THR A 308 -51.09 11.54 -5.69
C THR A 308 -52.01 12.04 -4.60
N ASN A 309 -51.49 12.92 -3.75
CA ASN A 309 -52.23 13.51 -2.65
C ASN A 309 -52.68 14.92 -3.01
N ARG A 310 -53.73 15.39 -2.32
CA ARG A 310 -54.30 16.71 -2.57
C ARG A 310 -53.80 17.79 -1.62
N GLU A 311 -53.38 17.44 -0.41
CA GLU A 311 -52.93 18.46 0.53
C GLU A 311 -51.56 19.04 0.17
N ILE A 312 -50.81 18.38 -0.71
CA ILE A 312 -49.54 18.89 -1.19
C ILE A 312 -49.67 19.48 -2.60
N VAL A 313 -50.27 18.72 -3.51
CA VAL A 313 -50.45 19.17 -4.89
C VAL A 313 -51.65 20.10 -4.94
N SER A 314 -51.42 21.34 -5.40
CA SER A 314 -52.44 22.37 -5.28
C SER A 314 -53.58 22.18 -6.29
N GLU A 315 -53.25 21.85 -7.54
CA GLU A 315 -54.30 21.57 -8.52
C GLU A 315 -54.17 20.13 -9.01
N ASP A 316 -55.29 19.58 -9.47
CA ASP A 316 -55.34 18.19 -9.89
C ASP A 316 -54.59 18.00 -11.20
N ILE A 317 -54.14 16.77 -11.43
CA ILE A 317 -53.43 16.40 -12.64
C ILE A 317 -54.24 15.32 -13.37
N GLU A 318 -53.96 15.19 -14.65
CA GLU A 318 -54.74 14.33 -15.54
C GLU A 318 -53.85 13.27 -16.18
N ASP A 319 -54.49 12.38 -16.94
CA ASP A 319 -53.77 11.31 -17.64
C ASP A 319 -52.94 11.89 -18.78
N PHE A 320 -51.85 11.20 -19.10
CA PHE A 320 -50.96 11.61 -20.18
C PHE A 320 -50.18 10.38 -20.66
N GLU A 321 -49.44 10.57 -21.75
CA GLU A 321 -48.66 9.51 -22.36
C GLU A 321 -47.25 10.02 -22.65
N PHE A 322 -46.23 9.23 -22.31
CA PHE A 322 -44.85 9.56 -22.57
C PHE A 322 -44.19 8.41 -23.32
N THR A 323 -43.53 8.72 -24.43
CA THR A 323 -42.95 7.71 -25.31
C THR A 323 -41.64 8.21 -25.90
N PRO A 324 -40.50 7.87 -25.29
CA PRO A 324 -39.21 8.21 -25.90
C PRO A 324 -38.77 7.19 -26.94
N LYS A 325 -39.19 5.93 -26.76
CA LYS A 325 -38.93 4.84 -27.68
C LYS A 325 -40.25 4.08 -27.84
N PRO A 326 -40.56 3.59 -29.05
CA PRO A 326 -41.83 2.88 -29.24
C PRO A 326 -42.01 1.65 -28.37
N GLU A 327 -40.93 1.04 -27.89
CA GLU A 327 -41.07 -0.15 -27.05
C GLU A 327 -41.49 0.22 -25.63
N TYR A 328 -41.16 1.43 -25.18
CA TYR A 328 -41.55 1.90 -23.86
C TYR A 328 -42.80 2.76 -23.97
N GLU A 329 -43.86 2.34 -23.27
CA GLU A 329 -45.10 3.12 -23.24
C GLU A 329 -45.86 2.78 -21.97
N GLY A 330 -46.78 3.67 -21.60
CA GLY A 330 -47.72 3.40 -20.55
C GLY A 330 -48.70 4.53 -20.35
N PRO A 331 -50.00 4.21 -20.32
CA PRO A 331 -51.00 5.21 -19.97
C PRO A 331 -51.20 5.28 -18.46
N PHE A 332 -51.07 6.48 -17.92
CA PHE A 332 -50.95 6.68 -16.48
C PHE A 332 -52.32 7.06 -15.92
N CYS A 333 -52.99 6.08 -15.31
CA CYS A 333 -54.24 6.35 -14.61
C CYS A 333 -53.96 7.18 -13.36
N VAL A 334 -54.80 8.19 -13.12
CA VAL A 334 -54.56 9.17 -12.07
C VAL A 334 -55.59 8.98 -10.97
N PHE A 335 -55.10 8.83 -9.73
CA PHE A 335 -55.95 8.77 -8.54
C PHE A 335 -55.63 9.96 -7.65
N ASN A 336 -56.67 10.65 -7.21
CA ASN A 336 -56.54 11.86 -6.40
C ASN A 336 -57.40 11.72 -5.15
N GLU A 337 -56.81 12.00 -3.99
CA GLU A 337 -57.49 11.79 -2.72
C GLU A 337 -57.16 12.92 -1.75
N PRO A 338 -58.14 13.35 -0.95
CA PRO A 338 -57.88 14.47 -0.03
C PRO A 338 -56.86 14.17 1.06
N ASP A 339 -56.76 12.92 1.51
CA ASP A 339 -55.91 12.61 2.66
C ASP A 339 -54.97 11.47 2.33
N GLU A 340 -53.83 11.47 3.01
CA GLU A 340 -52.78 10.50 2.73
C GLU A 340 -53.10 9.12 3.27
N ALA A 341 -53.94 9.03 4.30
CA ALA A 341 -54.46 7.74 4.73
C ALA A 341 -55.28 7.10 3.61
N HIS A 342 -56.06 7.92 2.90
CA HIS A 342 -56.78 7.39 1.74
C HIS A 342 -55.83 7.10 0.59
N LEU A 343 -54.68 7.78 0.53
CA LEU A 343 -53.65 7.42 -0.46
C LEU A 343 -53.14 6.01 -0.21
N ILE A 344 -52.73 5.72 1.02
CA ILE A 344 -52.18 4.39 1.30
C ILE A 344 -53.29 3.33 1.22
N GLN A 345 -54.53 3.68 1.57
CA GLN A 345 -55.62 2.72 1.43
C GLN A 345 -55.97 2.47 -0.04
N ARG A 346 -55.89 3.50 -0.88
CA ARG A 346 -56.11 3.34 -2.32
C ARG A 346 -55.05 2.43 -2.93
N TRP A 347 -53.77 2.64 -2.56
CA TRP A 347 -52.73 1.73 -3.04
C TRP A 347 -52.95 0.31 -2.54
N PHE A 348 -53.37 0.18 -1.26
CA PHE A 348 -53.59 -1.13 -0.67
C PHE A 348 -54.70 -1.88 -1.39
N GLU A 349 -55.83 -1.22 -1.62
CA GLU A 349 -56.93 -1.90 -2.31
C GLU A 349 -56.67 -2.08 -3.79
N HIS A 350 -55.84 -1.21 -4.38
CA HIS A 350 -55.46 -1.40 -5.79
C HIS A 350 -54.61 -2.65 -5.97
N VAL A 351 -53.61 -2.84 -5.10
CA VAL A 351 -52.83 -4.06 -5.16
C VAL A 351 -53.56 -5.25 -4.58
N GLN A 352 -54.68 -5.02 -3.87
CA GLN A 352 -55.55 -6.12 -3.49
C GLN A 352 -56.41 -6.60 -4.66
N GLU A 353 -56.87 -5.67 -5.50
CA GLU A 353 -57.67 -6.02 -6.66
C GLU A 353 -56.82 -6.42 -7.87
N THR A 354 -55.52 -6.12 -7.83
CA THR A 354 -54.61 -6.55 -8.90
C THR A 354 -53.80 -7.78 -8.51
N LYS A 355 -53.42 -7.90 -7.24
CA LYS A 355 -52.65 -9.01 -6.68
C LYS A 355 -51.32 -9.18 -7.40
N PRO A 356 -50.39 -8.24 -7.25
CA PRO A 356 -49.14 -8.30 -8.01
C PRO A 356 -48.15 -9.25 -7.35
N THR A 357 -47.81 -10.33 -8.07
CA THR A 357 -46.87 -11.30 -7.51
C THR A 357 -45.46 -10.74 -7.46
N ILE A 358 -45.06 -9.93 -8.44
CA ILE A 358 -43.74 -9.32 -8.47
C ILE A 358 -43.89 -7.82 -8.26
N MET A 359 -43.15 -7.29 -7.29
CA MET A 359 -42.98 -5.87 -7.09
C MET A 359 -41.50 -5.54 -7.17
N VAL A 360 -41.19 -4.44 -7.85
CA VAL A 360 -39.82 -4.04 -8.13
C VAL A 360 -39.67 -2.57 -7.76
N THR A 361 -38.49 -2.19 -7.25
CA THR A 361 -38.26 -0.86 -6.72
C THR A 361 -36.77 -0.55 -6.75
N TYR A 362 -36.45 0.74 -6.65
CA TYR A 362 -35.08 1.22 -6.55
C TYR A 362 -34.74 1.55 -5.10
N ASN A 363 -33.74 0.85 -4.56
CA ASN A 363 -33.35 0.95 -3.14
C ASN A 363 -34.53 0.69 -2.22
N GLY A 364 -35.09 -0.51 -2.31
CA GLY A 364 -36.22 -0.86 -1.47
C GLY A 364 -35.83 -1.10 -0.02
N ASP A 365 -34.78 -1.88 0.21
CA ASP A 365 -34.42 -2.29 1.57
C ASP A 365 -33.76 -1.18 2.37
N PHE A 366 -33.41 -0.06 1.75
CA PHE A 366 -32.78 1.06 2.44
C PHE A 366 -33.71 2.24 2.64
N PHE A 367 -34.47 2.61 1.64
CA PHE A 367 -35.21 3.86 1.72
C PHE A 367 -36.71 3.72 1.57
N ASP A 368 -37.18 2.82 0.70
CA ASP A 368 -38.61 2.82 0.37
C ASP A 368 -39.45 2.17 1.45
N TRP A 369 -39.23 0.88 1.69
CA TRP A 369 -40.06 0.14 2.62
C TRP A 369 -40.00 0.65 4.07
N PRO A 370 -38.83 0.95 4.66
CA PRO A 370 -38.85 1.51 6.02
C PRO A 370 -39.61 2.82 6.10
N PHE A 371 -39.47 3.68 5.09
CA PHE A 371 -40.18 4.95 5.12
C PHE A 371 -41.68 4.75 5.03
N VAL A 372 -42.16 3.94 4.09
CA VAL A 372 -43.60 3.76 3.98
C VAL A 372 -44.14 2.99 5.17
N GLU A 373 -43.34 2.09 5.77
CA GLU A 373 -43.80 1.38 6.96
C GLU A 373 -43.98 2.31 8.15
N ALA A 374 -42.98 3.16 8.41
CA ALA A 374 -43.10 4.11 9.51
C ALA A 374 -44.22 5.12 9.25
N ARG A 375 -44.32 5.61 8.01
CA ARG A 375 -45.34 6.58 7.64
C ARG A 375 -46.74 5.99 7.73
N ALA A 376 -46.91 4.70 7.45
CA ALA A 376 -48.20 4.05 7.64
C ALA A 376 -48.47 3.76 9.12
N ALA A 377 -47.43 3.42 9.87
CA ALA A 377 -47.58 3.18 11.30
C ALA A 377 -47.95 4.44 12.06
N VAL A 378 -47.63 5.62 11.52
CA VAL A 378 -48.14 6.87 12.10
C VAL A 378 -49.66 6.91 12.01
N HIS A 379 -50.21 6.47 10.87
CA HIS A 379 -51.65 6.51 10.62
C HIS A 379 -52.35 5.22 11.01
N GLY A 380 -51.65 4.29 11.65
CA GLY A 380 -52.28 3.08 12.14
C GLY A 380 -52.74 2.11 11.08
N LEU A 381 -51.96 1.94 10.00
CA LEU A 381 -52.18 0.89 9.01
C LEU A 381 -50.91 0.04 8.99
N SER A 382 -50.95 -1.08 9.70
CA SER A 382 -49.76 -1.93 9.84
C SER A 382 -49.42 -2.59 8.52
N MET A 383 -48.13 -2.54 8.17
CA MET A 383 -47.64 -3.13 6.94
C MET A 383 -47.61 -4.65 7.00
N GLN A 384 -47.59 -5.24 8.19
CA GLN A 384 -47.63 -6.68 8.37
C GLN A 384 -49.05 -7.22 8.43
N GLN A 385 -50.01 -6.52 7.82
CA GLN A 385 -51.37 -7.01 7.74
C GLN A 385 -52.05 -6.77 6.40
N GLU A 386 -51.47 -5.97 5.51
CA GLU A 386 -52.17 -5.55 4.30
C GLU A 386 -51.43 -5.95 3.02
N ILE A 387 -50.11 -5.92 3.05
CA ILE A 387 -49.29 -6.19 1.88
C ILE A 387 -48.46 -7.46 2.06
N GLY A 388 -47.77 -7.59 3.19
CA GLY A 388 -47.10 -8.83 3.49
C GLY A 388 -45.64 -8.72 3.89
N PHE A 389 -44.94 -7.71 3.37
CA PHE A 389 -43.50 -7.62 3.58
C PHE A 389 -43.20 -7.31 5.05
N GLN A 390 -42.09 -7.86 5.52
CA GLN A 390 -41.79 -7.86 6.95
C GLN A 390 -40.31 -7.60 7.19
N LYS A 391 -40.03 -6.99 8.34
CA LYS A 391 -38.65 -6.75 8.74
C LYS A 391 -37.96 -8.05 9.12
N ASP A 392 -37.00 -8.48 8.31
CA ASP A 392 -36.27 -9.72 8.54
C ASP A 392 -34.95 -9.42 9.25
N SER A 393 -34.31 -10.51 9.71
CA SER A 393 -33.10 -10.39 10.51
C SER A 393 -31.89 -9.93 9.70
N GLN A 394 -31.95 -10.01 8.38
CA GLN A 394 -30.84 -9.60 7.53
C GLN A 394 -30.93 -8.14 7.11
N GLY A 395 -31.90 -7.39 7.63
CA GLY A 395 -32.10 -6.02 7.20
C GLY A 395 -32.80 -5.88 5.87
N GLU A 396 -33.30 -6.98 5.31
CA GLU A 396 -33.97 -7.02 4.02
C GLU A 396 -35.48 -7.16 4.23
N TYR A 397 -36.23 -7.08 3.13
CA TYR A 397 -37.68 -7.07 3.16
C TYR A 397 -38.22 -8.03 2.13
N LYS A 398 -38.96 -9.03 2.58
CA LYS A 398 -39.64 -9.95 1.68
C LYS A 398 -41.03 -10.23 2.20
N ALA A 399 -41.93 -10.51 1.28
CA ALA A 399 -43.27 -10.92 1.63
C ALA A 399 -43.37 -12.44 1.57
N PRO A 400 -44.29 -13.04 2.34
CA PRO A 400 -44.50 -14.49 2.21
C PRO A 400 -44.96 -14.87 0.82
N GLN A 401 -45.72 -14.01 0.15
CA GLN A 401 -46.34 -14.32 -1.12
C GLN A 401 -45.82 -13.49 -2.29
N CYS A 402 -45.23 -12.33 -2.05
CA CYS A 402 -44.83 -11.42 -3.11
C CYS A 402 -43.31 -11.44 -3.25
N ILE A 403 -42.83 -10.87 -4.35
CA ILE A 403 -41.41 -10.77 -4.67
C ILE A 403 -41.04 -9.31 -4.58
N HIS A 404 -39.95 -9.01 -3.87
CA HIS A 404 -39.47 -7.63 -3.76
C HIS A 404 -38.15 -7.56 -4.49
N MET A 405 -38.06 -6.68 -5.47
CA MET A 405 -36.94 -6.66 -6.42
C MET A 405 -36.24 -5.31 -6.36
N ASP A 406 -34.93 -5.33 -6.60
CA ASP A 406 -34.09 -4.13 -6.54
C ASP A 406 -33.15 -4.13 -7.74
N CYS A 407 -33.47 -3.32 -8.75
CA CYS A 407 -32.63 -3.22 -9.93
C CYS A 407 -31.26 -2.63 -9.64
N LEU A 408 -31.14 -1.82 -8.58
CA LEU A 408 -29.84 -1.26 -8.21
C LEU A 408 -28.84 -2.37 -7.88
N ARG A 409 -29.28 -3.39 -7.14
CA ARG A 409 -28.38 -4.46 -6.77
C ARG A 409 -27.94 -5.27 -7.97
N TRP A 410 -28.81 -5.46 -8.98
CA TRP A 410 -28.37 -6.11 -10.21
C TRP A 410 -27.36 -5.25 -10.95
N VAL A 411 -27.70 -3.97 -11.19
CA VAL A 411 -26.83 -3.13 -12.02
C VAL A 411 -25.52 -2.80 -11.32
N LYS A 412 -25.46 -2.96 -10.00
CA LYS A 412 -24.22 -2.80 -9.26
C LYS A 412 -23.40 -4.08 -9.24
N ARG A 413 -24.03 -5.20 -8.89
CA ARG A 413 -23.30 -6.45 -8.71
C ARG A 413 -22.81 -7.03 -10.03
N ASP A 414 -23.71 -7.16 -11.00
CA ASP A 414 -23.54 -8.22 -11.97
C ASP A 414 -23.72 -7.79 -13.42
N SER A 415 -24.16 -6.56 -13.69
CA SER A 415 -24.21 -6.05 -15.05
C SER A 415 -22.85 -5.67 -15.60
N TYR A 416 -21.82 -5.67 -14.75
CA TYR A 416 -20.44 -5.36 -15.12
C TYR A 416 -20.30 -3.95 -15.67
N LEU A 417 -21.20 -3.06 -15.27
CA LEU A 417 -21.06 -1.64 -15.57
C LEU A 417 -20.10 -1.00 -14.58
N PRO A 418 -19.52 0.15 -14.92
CA PRO A 418 -18.57 0.81 -14.00
C PRO A 418 -19.21 1.17 -12.67
N VAL A 419 -18.38 1.09 -11.63
CA VAL A 419 -18.82 1.38 -10.27
C VAL A 419 -19.21 2.85 -10.11
N GLY A 420 -18.64 3.72 -10.93
CA GLY A 420 -18.95 5.13 -10.82
C GLY A 420 -20.32 5.54 -11.32
N SER A 421 -21.01 4.67 -12.05
CA SER A 421 -22.30 4.99 -12.64
C SER A 421 -23.28 3.82 -12.58
N HIS A 422 -23.38 3.16 -11.44
CA HIS A 422 -24.33 2.07 -11.31
C HIS A 422 -25.67 2.52 -10.74
N ASN A 423 -25.99 3.81 -10.82
CA ASN A 423 -27.31 4.27 -10.43
C ASN A 423 -28.30 4.03 -11.57
N LEU A 424 -29.56 4.39 -11.33
CA LEU A 424 -30.61 4.04 -12.28
C LEU A 424 -30.61 4.92 -13.51
N LYS A 425 -30.24 6.20 -13.37
CA LYS A 425 -30.26 7.10 -14.52
C LYS A 425 -29.18 6.75 -15.53
N ALA A 426 -27.96 6.44 -15.05
CA ALA A 426 -26.91 6.03 -15.97
C ALA A 426 -27.22 4.68 -16.60
N ALA A 427 -27.88 3.78 -15.87
CA ALA A 427 -28.30 2.51 -16.46
C ALA A 427 -29.38 2.72 -17.52
N ALA A 428 -30.25 3.72 -17.34
CA ALA A 428 -31.21 4.05 -18.39
C ALA A 428 -30.53 4.67 -19.60
N LYS A 429 -29.47 5.47 -19.38
CA LYS A 429 -28.75 6.05 -20.51
C LYS A 429 -27.94 5.01 -21.27
N ALA A 430 -27.33 4.07 -20.55
CA ALA A 430 -26.38 3.15 -21.18
C ALA A 430 -27.06 1.87 -21.68
N LYS A 431 -27.73 1.16 -20.77
CA LYS A 431 -28.34 -0.12 -21.13
C LYS A 431 -29.54 0.07 -22.05
N LEU A 432 -30.54 0.84 -21.58
CA LEU A 432 -31.75 1.07 -22.36
C LEU A 432 -31.59 2.09 -23.46
N GLY A 433 -30.56 2.95 -23.38
CA GLY A 433 -30.27 3.86 -24.47
C GLY A 433 -31.22 5.02 -24.67
N TYR A 434 -31.68 5.64 -23.59
CA TYR A 434 -32.39 6.92 -23.71
C TYR A 434 -32.07 7.75 -22.46
N ASP A 435 -32.26 9.06 -22.59
CA ASP A 435 -32.02 9.95 -21.46
C ASP A 435 -33.26 10.02 -20.58
N PRO A 436 -33.20 9.57 -19.33
CA PRO A 436 -34.38 9.65 -18.46
C PRO A 436 -34.63 11.07 -17.98
N VAL A 437 -35.88 11.32 -17.62
CA VAL A 437 -36.25 12.61 -17.04
C VAL A 437 -35.69 12.69 -15.63
N GLU A 438 -34.98 13.77 -15.33
CA GLU A 438 -34.34 13.95 -14.04
C GLU A 438 -34.74 15.28 -13.43
N LEU A 439 -34.67 15.35 -12.10
CA LEU A 439 -35.00 16.55 -11.36
C LEU A 439 -34.17 16.60 -10.10
N ASP A 440 -33.83 17.81 -9.67
CA ASP A 440 -33.06 18.01 -8.46
C ASP A 440 -33.95 17.72 -7.25
N PRO A 441 -33.61 16.76 -6.39
CA PRO A 441 -34.45 16.48 -5.22
C PRO A 441 -34.46 17.59 -4.19
N GLU A 442 -33.48 18.49 -4.20
CA GLU A 442 -33.38 19.51 -3.16
C GLU A 442 -34.43 20.62 -3.30
N ASP A 443 -34.95 20.85 -4.51
CA ASP A 443 -35.91 21.91 -4.75
C ASP A 443 -37.21 21.37 -5.32
N MET A 444 -37.65 20.21 -4.83
CA MET A 444 -38.85 19.58 -5.34
C MET A 444 -40.12 20.27 -4.87
N CYS A 445 -40.06 21.08 -3.82
CA CYS A 445 -41.25 21.76 -3.32
C CYS A 445 -41.66 22.93 -4.20
N ARG A 446 -40.76 23.43 -5.06
CA ARG A 446 -41.10 24.55 -5.95
C ARG A 446 -42.18 24.15 -6.94
N MET A 447 -42.04 22.97 -7.54
CA MET A 447 -43.01 22.47 -8.49
C MET A 447 -43.96 21.44 -7.88
N ALA A 448 -43.99 21.32 -6.56
CA ALA A 448 -45.01 20.51 -5.91
C ALA A 448 -46.40 21.11 -6.10
N THR A 449 -46.48 22.43 -6.31
CA THR A 449 -47.73 23.13 -6.51
C THR A 449 -47.80 23.87 -7.83
N GLU A 450 -46.73 24.56 -8.23
CA GLU A 450 -46.81 25.48 -9.36
C GLU A 450 -46.62 24.75 -10.68
N GLN A 451 -45.81 23.69 -10.70
CA GLN A 451 -45.66 22.82 -11.86
C GLN A 451 -45.79 21.35 -11.43
N PRO A 452 -47.00 20.93 -11.05
CA PRO A 452 -47.18 19.52 -10.66
C PRO A 452 -46.95 18.54 -11.81
N GLN A 453 -47.09 19.01 -13.06
CA GLN A 453 -46.83 18.15 -14.20
C GLN A 453 -45.37 17.72 -14.27
N THR A 454 -44.44 18.60 -13.90
CA THR A 454 -43.03 18.22 -13.90
C THR A 454 -42.74 17.14 -12.85
N LEU A 455 -43.30 17.30 -11.65
CA LEU A 455 -43.13 16.29 -10.61
C LEU A 455 -43.77 14.96 -11.02
N ALA A 456 -44.96 15.02 -11.63
CA ALA A 456 -45.61 13.81 -12.10
C ALA A 456 -44.79 13.13 -13.19
N THR A 457 -44.23 13.92 -14.11
CA THR A 457 -43.40 13.36 -15.18
C THR A 457 -42.15 12.71 -14.61
N TYR A 458 -41.52 13.35 -13.61
CA TYR A 458 -40.33 12.76 -12.99
C TYR A 458 -40.67 11.45 -12.29
N SER A 459 -41.77 11.41 -11.55
CA SER A 459 -42.13 10.20 -10.83
C SER A 459 -42.47 9.07 -11.79
N VAL A 460 -43.31 9.35 -12.79
CA VAL A 460 -43.65 8.30 -13.74
C VAL A 460 -42.45 7.92 -14.60
N SER A 461 -41.48 8.82 -14.80
CA SER A 461 -40.33 8.47 -15.62
C SER A 461 -39.38 7.55 -14.87
N ASP A 462 -39.15 7.80 -13.58
CA ASP A 462 -38.35 6.83 -12.84
C ASP A 462 -39.08 5.50 -12.71
N ALA A 463 -40.41 5.54 -12.57
CA ALA A 463 -41.18 4.30 -12.50
C ALA A 463 -41.11 3.51 -13.80
N VAL A 464 -41.29 4.17 -14.94
CA VAL A 464 -41.27 3.47 -16.22
C VAL A 464 -39.86 3.01 -16.55
N ALA A 465 -38.85 3.76 -16.12
CA ALA A 465 -37.46 3.36 -16.33
C ALA A 465 -37.14 2.09 -15.56
N THR A 466 -37.46 2.06 -14.26
CA THR A 466 -37.16 0.85 -13.51
C THR A 466 -38.01 -0.33 -14.00
N TYR A 467 -39.24 -0.07 -14.43
CA TYR A 467 -40.08 -1.17 -14.92
C TYR A 467 -39.54 -1.77 -16.21
N TYR A 468 -39.22 -0.91 -17.20
CA TYR A 468 -38.79 -1.44 -18.48
C TYR A 468 -37.37 -2.00 -18.41
N LEU A 469 -36.50 -1.37 -17.59
CA LEU A 469 -35.19 -1.96 -17.33
C LEU A 469 -35.33 -3.29 -16.63
N TYR A 470 -36.36 -3.46 -15.81
CA TYR A 470 -36.62 -4.76 -15.22
C TYR A 470 -37.00 -5.78 -16.28
N MET A 471 -38.09 -5.51 -17.00
CA MET A 471 -38.64 -6.55 -17.86
C MET A 471 -37.77 -6.85 -19.07
N LYS A 472 -36.95 -5.91 -19.52
CA LYS A 472 -36.13 -6.15 -20.70
C LYS A 472 -34.90 -7.00 -20.36
N TYR A 473 -34.06 -6.51 -19.46
CA TYR A 473 -32.83 -7.21 -19.09
C TYR A 473 -33.03 -8.09 -17.88
N VAL A 474 -33.43 -7.49 -16.75
CA VAL A 474 -33.22 -8.09 -15.44
C VAL A 474 -34.12 -9.31 -15.23
N HIS A 475 -35.39 -9.19 -15.58
CA HIS A 475 -36.36 -10.27 -15.37
C HIS A 475 -36.01 -11.55 -16.12
N PRO A 476 -35.85 -11.55 -17.46
CA PRO A 476 -35.45 -12.81 -18.10
C PRO A 476 -34.07 -13.26 -17.68
N PHE A 477 -33.17 -12.33 -17.34
CA PHE A 477 -31.84 -12.71 -16.90
C PHE A 477 -31.88 -13.52 -15.62
N ILE A 478 -32.60 -13.03 -14.60
CA ILE A 478 -32.66 -13.77 -13.34
C ILE A 478 -33.47 -15.04 -13.50
N PHE A 479 -34.53 -15.03 -14.31
CA PHE A 479 -35.27 -16.27 -14.43
C PHE A 479 -34.49 -17.33 -15.22
N ALA A 480 -33.68 -16.91 -16.20
CA ALA A 480 -32.73 -17.82 -16.82
C ALA A 480 -31.69 -18.29 -15.84
N LEU A 481 -31.25 -17.40 -14.93
CA LEU A 481 -30.29 -17.79 -13.90
C LEU A 481 -30.87 -18.86 -12.99
N CYS A 482 -32.12 -18.68 -12.55
CA CYS A 482 -32.75 -19.57 -11.59
C CYS A 482 -33.43 -20.76 -12.24
N THR A 483 -33.40 -20.84 -13.57
CA THR A 483 -33.59 -22.14 -14.22
C THR A 483 -32.62 -23.16 -13.65
N ILE A 484 -31.40 -22.71 -13.31
CA ILE A 484 -30.39 -23.57 -12.72
C ILE A 484 -30.03 -23.18 -11.28
N ILE A 485 -30.45 -22.01 -10.81
CA ILE A 485 -30.21 -21.58 -9.44
C ILE A 485 -31.48 -21.87 -8.62
N PRO A 486 -31.38 -22.62 -7.54
CA PRO A 486 -32.58 -23.09 -6.82
C PRO A 486 -33.05 -22.15 -5.71
N MET A 487 -33.42 -20.93 -6.07
CA MET A 487 -33.95 -20.01 -5.07
C MET A 487 -34.83 -18.95 -5.73
N GLU A 488 -35.60 -18.26 -4.89
CA GLU A 488 -36.50 -17.22 -5.34
C GLU A 488 -35.71 -16.01 -5.83
N PRO A 489 -36.30 -15.17 -6.70
CA PRO A 489 -35.57 -14.01 -7.23
C PRO A 489 -35.13 -13.00 -6.19
N ASP A 490 -35.77 -12.96 -5.01
CA ASP A 490 -35.30 -12.07 -3.94
C ASP A 490 -33.86 -12.38 -3.56
N GLU A 491 -33.61 -13.59 -3.06
CA GLU A 491 -32.26 -13.92 -2.59
C GLU A 491 -31.26 -13.89 -3.72
N VAL A 492 -31.54 -14.56 -4.84
CA VAL A 492 -30.56 -14.63 -5.93
C VAL A 492 -30.30 -13.25 -6.53
N LEU A 493 -31.24 -12.32 -6.42
CA LEU A 493 -30.92 -10.95 -6.82
C LEU A 493 -30.01 -10.28 -5.80
N ARG A 494 -30.24 -10.53 -4.51
CA ARG A 494 -29.48 -9.81 -3.48
C ARG A 494 -28.18 -10.47 -3.08
N LYS A 495 -27.95 -11.75 -3.39
CA LYS A 495 -26.72 -12.40 -2.99
C LYS A 495 -25.59 -11.93 -3.90
N GLY A 496 -24.37 -12.34 -3.58
CA GLY A 496 -23.23 -12.12 -4.43
C GLY A 496 -23.00 -13.29 -5.37
N SER A 497 -22.08 -13.08 -6.32
CA SER A 497 -21.75 -14.12 -7.29
C SER A 497 -21.19 -15.36 -6.63
N GLY A 498 -20.54 -15.19 -5.46
CA GLY A 498 -20.09 -16.33 -4.70
C GLY A 498 -21.21 -17.26 -4.31
N THR A 499 -22.35 -16.68 -3.89
CA THR A 499 -23.48 -17.52 -3.51
C THR A 499 -24.17 -18.15 -4.74
N LEU A 500 -24.14 -17.48 -5.88
CA LEU A 500 -24.71 -18.11 -7.09
C LEU A 500 -23.89 -19.30 -7.53
N CYS A 501 -22.57 -19.15 -7.60
CA CYS A 501 -21.71 -20.29 -7.89
C CYS A 501 -21.82 -21.35 -6.80
N GLU A 502 -22.06 -20.91 -5.56
CA GLU A 502 -22.33 -21.85 -4.48
C GLU A 502 -23.59 -22.65 -4.74
N ALA A 503 -24.64 -22.01 -5.24
CA ALA A 503 -25.88 -22.74 -5.53
C ALA A 503 -25.70 -23.71 -6.68
N LEU A 504 -24.92 -23.32 -7.70
CA LEU A 504 -24.64 -24.23 -8.81
C LEU A 504 -23.90 -25.48 -8.34
N LEU A 505 -22.81 -25.28 -7.58
CA LEU A 505 -22.10 -26.44 -7.05
C LEU A 505 -22.94 -27.18 -6.02
N MET A 506 -23.87 -26.50 -5.35
CA MET A 506 -24.84 -27.16 -4.49
C MET A 506 -25.67 -28.17 -5.29
N VAL A 507 -26.22 -27.70 -6.41
CA VAL A 507 -27.09 -28.55 -7.23
C VAL A 507 -26.32 -29.76 -7.74
N GLN A 508 -25.21 -29.52 -8.46
CA GLN A 508 -24.51 -30.67 -9.02
C GLN A 508 -23.72 -31.48 -8.00
N ALA A 509 -23.47 -30.95 -6.80
CA ALA A 509 -22.85 -31.78 -5.77
C ALA A 509 -23.87 -32.71 -5.16
N PHE A 510 -25.10 -32.24 -4.98
CA PHE A 510 -26.13 -33.17 -4.54
C PHE A 510 -26.46 -34.19 -5.62
N HIS A 511 -26.41 -33.79 -6.90
CA HIS A 511 -26.64 -34.75 -7.97
C HIS A 511 -25.57 -35.82 -8.01
N ALA A 512 -24.32 -35.45 -7.78
CA ALA A 512 -23.21 -36.40 -7.82
C ALA A 512 -23.02 -37.14 -6.51
N ASN A 513 -23.96 -36.99 -5.57
CA ASN A 513 -23.91 -37.64 -4.25
C ASN A 513 -22.63 -37.26 -3.51
N ILE A 514 -22.48 -35.96 -3.29
CA ILE A 514 -21.30 -35.37 -2.66
C ILE A 514 -21.75 -34.59 -1.44
N ILE A 515 -21.23 -34.97 -0.27
CA ILE A 515 -21.52 -34.22 0.95
C ILE A 515 -20.82 -32.87 0.88
N PHE A 516 -21.45 -31.86 1.42
CA PHE A 516 -20.89 -30.53 1.21
C PHE A 516 -19.81 -30.26 2.25
N PRO A 517 -18.83 -29.43 1.92
CA PRO A 517 -17.96 -28.88 2.97
C PRO A 517 -18.66 -27.72 3.64
N ASN A 518 -18.47 -27.61 4.95
CA ASN A 518 -18.99 -26.46 5.66
C ASN A 518 -18.09 -25.24 5.40
N LYS A 519 -18.63 -24.06 5.69
CA LYS A 519 -17.87 -22.83 5.47
C LYS A 519 -16.63 -22.83 6.34
N GLN A 520 -15.54 -22.26 5.81
CA GLN A 520 -14.24 -22.44 6.43
C GLN A 520 -14.16 -21.67 7.75
N GLU A 521 -13.20 -22.04 8.58
CA GLU A 521 -12.93 -21.37 9.83
C GLU A 521 -11.63 -20.59 9.70
N GLN A 522 -11.69 -19.29 10.02
CA GLN A 522 -10.52 -18.42 9.98
C GLN A 522 -9.67 -18.72 11.22
N GLU A 523 -8.83 -19.74 11.09
CA GLU A 523 -8.07 -20.23 12.23
C GLU A 523 -6.83 -19.38 12.43
N PHE A 524 -6.83 -18.59 13.51
CA PHE A 524 -5.74 -17.67 13.81
C PHE A 524 -4.56 -18.42 14.41
N ASN A 525 -3.53 -17.66 14.78
CA ASN A 525 -2.27 -18.18 15.32
C ASN A 525 -1.64 -19.22 14.38
N LYS A 526 -1.69 -18.91 13.08
CA LYS A 526 -1.17 -19.82 12.08
C LYS A 526 0.35 -19.71 11.98
N LEU A 527 1.01 -20.85 11.85
CA LEU A 527 2.45 -20.90 11.66
C LEU A 527 2.77 -21.74 10.43
N THR A 528 3.69 -21.25 9.62
CA THR A 528 4.13 -21.96 8.42
C THR A 528 5.34 -22.84 8.77
N ASP A 529 6.02 -23.34 7.74
CA ASP A 529 7.12 -24.27 7.96
C ASP A 529 8.29 -23.60 8.69
N ASP A 530 8.59 -22.34 8.39
CA ASP A 530 9.67 -21.64 9.05
C ASP A 530 9.35 -21.30 10.51
N GLY A 531 8.10 -21.41 10.92
CA GLY A 531 7.72 -21.24 12.31
C GLY A 531 7.54 -19.80 12.73
N HIS A 532 6.80 -19.03 11.95
CA HIS A 532 6.56 -17.62 12.23
C HIS A 532 5.06 -17.37 12.23
N VAL A 533 4.66 -16.31 12.91
CA VAL A 533 3.25 -15.90 12.96
C VAL A 533 2.97 -15.01 11.76
N LEU A 534 1.71 -15.02 11.32
CA LEU A 534 1.32 -14.40 10.06
C LEU A 534 0.47 -13.16 10.31
N ASP A 535 0.59 -12.18 9.43
CA ASP A 535 -0.32 -11.04 9.43
C ASP A 535 -1.29 -11.10 8.25
N SER A 536 -0.77 -11.25 7.03
CA SER A 536 -1.60 -11.40 5.85
C SER A 536 -0.83 -12.18 4.80
N GLU A 537 -1.47 -13.19 4.23
CA GLU A 537 -0.86 -14.02 3.21
C GLU A 537 -1.82 -14.20 2.05
N THR A 538 -1.27 -14.16 0.83
CA THR A 538 -2.06 -14.36 -0.38
C THR A 538 -1.23 -15.14 -1.40
N TYR A 539 -1.84 -15.37 -2.55
CA TYR A 539 -1.14 -15.76 -3.76
C TYR A 539 -0.60 -14.48 -4.42
N VAL A 540 -0.12 -14.59 -5.65
CA VAL A 540 0.22 -13.41 -6.43
C VAL A 540 -0.80 -13.26 -7.56
N GLY A 541 -1.23 -12.03 -7.79
CA GLY A 541 -2.17 -11.78 -8.85
C GLY A 541 -1.49 -11.73 -10.21
N GLY A 542 -2.31 -11.47 -11.23
CA GLY A 542 -1.77 -11.18 -12.54
C GLY A 542 -1.04 -9.86 -12.50
N HIS A 543 0.22 -9.86 -12.95
CA HIS A 543 1.04 -8.65 -12.90
C HIS A 543 0.67 -7.76 -14.08
N VAL A 544 -0.45 -7.07 -13.93
CA VAL A 544 -0.96 -6.23 -14.99
C VAL A 544 -0.07 -5.00 -15.12
N GLU A 545 0.57 -4.84 -16.27
CA GLU A 545 1.53 -3.79 -16.50
C GLU A 545 1.15 -3.04 -17.78
N ALA A 546 1.99 -2.08 -18.13
CA ALA A 546 1.93 -1.38 -19.42
C ALA A 546 3.38 -1.12 -19.80
N LEU A 547 3.97 -2.06 -20.54
CA LEU A 547 5.42 -2.06 -20.73
C LEU A 547 5.93 -0.84 -21.46
N GLU A 548 5.11 -0.18 -22.26
CA GLU A 548 5.43 1.13 -22.81
C GLU A 548 4.11 1.83 -23.10
N SER A 549 4.18 3.14 -23.36
CA SER A 549 2.99 3.96 -23.41
C SER A 549 3.09 4.95 -24.55
N GLY A 550 1.95 5.44 -25.00
CA GLY A 550 1.93 6.45 -26.04
C GLY A 550 0.68 6.35 -26.89
N VAL A 551 0.84 6.71 -28.17
CA VAL A 551 -0.22 6.72 -29.15
C VAL A 551 0.11 5.70 -30.24
N PHE A 552 -0.84 4.81 -30.53
CA PHE A 552 -0.62 3.75 -31.52
C PHE A 552 -1.85 3.65 -32.41
N ARG A 553 -1.68 3.99 -33.69
CA ARG A 553 -2.78 3.96 -34.64
C ARG A 553 -2.35 3.23 -35.91
N SER A 554 -3.36 2.79 -36.66
CA SER A 554 -3.10 2.08 -37.91
C SER A 554 -2.45 2.98 -38.96
N ASP A 555 -2.83 4.26 -39.03
CA ASP A 555 -2.25 5.18 -39.99
C ASP A 555 -0.85 5.63 -39.60
N ILE A 556 -0.53 5.63 -38.31
CA ILE A 556 0.73 6.23 -37.86
C ILE A 556 1.86 5.22 -38.05
N PRO A 557 2.92 5.55 -38.80
CA PRO A 557 4.05 4.63 -38.95
C PRO A 557 4.91 4.61 -37.69
N CYS A 558 4.89 3.48 -36.97
CA CYS A 558 5.65 3.33 -35.75
C CYS A 558 6.88 2.47 -35.99
N ARG A 559 7.72 2.36 -34.96
CA ARG A 559 8.94 1.60 -35.06
C ARG A 559 8.66 0.11 -35.00
N PHE A 560 9.61 -0.67 -35.53
CA PHE A 560 9.60 -2.13 -35.38
C PHE A 560 11.05 -2.56 -35.30
N ARG A 561 11.49 -2.89 -34.09
CA ARG A 561 12.77 -3.54 -33.85
C ARG A 561 12.50 -5.05 -33.85
N MET A 562 13.31 -5.79 -34.59
CA MET A 562 12.85 -7.07 -35.12
C MET A 562 13.97 -8.09 -35.13
N ASN A 563 13.71 -9.26 -34.56
CA ASN A 563 14.70 -10.33 -34.46
C ASN A 563 14.49 -11.34 -35.58
N PRO A 564 15.41 -11.46 -36.53
CA PRO A 564 15.17 -12.36 -37.68
C PRO A 564 15.10 -13.85 -37.33
N ALA A 565 15.60 -14.26 -36.16
CA ALA A 565 15.57 -15.68 -35.81
C ALA A 565 14.14 -16.20 -35.63
N ALA A 566 13.28 -15.39 -35.00
CA ALA A 566 11.89 -15.79 -34.83
C ALA A 566 11.21 -15.98 -36.18
N PHE A 567 11.54 -15.14 -37.16
CA PHE A 567 11.01 -15.33 -38.50
C PHE A 567 11.68 -16.45 -39.26
N ASP A 568 12.90 -16.85 -38.90
CA ASP A 568 13.41 -18.11 -39.41
C ASP A 568 12.55 -19.28 -38.93
N PHE A 569 12.19 -19.27 -37.65
CA PHE A 569 11.24 -20.26 -37.15
C PHE A 569 9.88 -20.16 -37.85
N LEU A 570 9.39 -18.95 -38.08
CA LEU A 570 8.11 -18.78 -38.78
C LEU A 570 8.19 -19.30 -40.22
N LEU A 571 9.30 -19.03 -40.91
CA LEU A 571 9.48 -19.52 -42.27
C LEU A 571 9.53 -21.05 -42.30
N GLN A 572 10.13 -21.68 -41.29
CA GLN A 572 10.19 -23.13 -41.26
C GLN A 572 8.98 -23.78 -40.60
N ARG A 573 8.05 -23.00 -40.03
CA ARG A 573 6.96 -23.56 -39.25
C ARG A 573 5.57 -23.15 -39.74
N VAL A 574 5.47 -22.19 -40.66
CA VAL A 574 4.17 -21.65 -41.06
C VAL A 574 3.29 -22.69 -41.73
N GLU A 575 3.89 -23.69 -42.38
CA GLU A 575 3.10 -24.77 -42.97
C GLU A 575 2.37 -25.56 -41.89
N LYS A 576 3.10 -25.94 -40.84
CA LYS A 576 2.46 -26.60 -39.69
C LYS A 576 1.48 -25.69 -38.99
N THR A 577 1.76 -24.38 -38.95
CA THR A 577 0.84 -23.42 -38.35
C THR A 577 -0.51 -23.42 -39.04
N LEU A 578 -0.50 -23.26 -40.38
CA LEU A 578 -1.77 -23.27 -41.11
C LEU A 578 -2.40 -24.66 -41.10
N ARG A 579 -1.60 -25.72 -41.08
CA ARG A 579 -2.15 -27.07 -40.98
C ARG A 579 -2.92 -27.25 -39.68
N HIS A 580 -2.34 -26.80 -38.57
CA HIS A 580 -3.03 -26.88 -37.28
C HIS A 580 -4.25 -25.97 -37.24
N ALA A 581 -4.17 -24.78 -37.85
CA ALA A 581 -5.31 -23.87 -37.89
C ALA A 581 -6.49 -24.48 -38.65
N LEU A 582 -6.20 -25.17 -39.75
CA LEU A 582 -7.27 -25.83 -40.49
C LEU A 582 -7.81 -27.06 -39.75
N GLU A 583 -6.92 -27.87 -39.16
CA GLU A 583 -7.39 -29.13 -38.60
C GLU A 583 -8.00 -28.98 -37.21
N GLU A 584 -7.76 -27.87 -36.52
CA GLU A 584 -8.23 -27.73 -35.14
C GLU A 584 -9.24 -26.61 -34.96
N GLU A 585 -9.00 -25.43 -35.54
CA GLU A 585 -9.91 -24.32 -35.34
C GLU A 585 -11.24 -24.55 -36.07
N GLU A 586 -11.17 -24.97 -37.34
CA GLU A 586 -12.38 -25.34 -38.06
C GLU A 586 -12.80 -26.78 -37.81
N LYS A 587 -11.93 -27.60 -37.21
CA LYS A 587 -12.15 -29.04 -37.04
C LYS A 587 -12.46 -29.69 -38.38
N VAL A 588 -11.66 -29.34 -39.39
CA VAL A 588 -11.80 -29.85 -40.75
C VAL A 588 -10.48 -30.42 -41.21
N PRO A 589 -10.46 -31.66 -41.72
CA PRO A 589 -9.20 -32.22 -42.23
C PRO A 589 -8.70 -31.48 -43.46
N VAL A 590 -7.41 -31.64 -43.73
CA VAL A 590 -6.75 -30.87 -44.79
C VAL A 590 -7.20 -31.33 -46.18
N GLU A 591 -7.81 -32.51 -46.30
CA GLU A 591 -8.23 -33.02 -47.60
C GLU A 591 -9.41 -32.26 -48.19
N GLN A 592 -10.08 -31.40 -47.42
CA GLN A 592 -11.23 -30.66 -47.90
C GLN A 592 -10.94 -29.20 -48.22
N VAL A 593 -9.72 -28.90 -48.71
CA VAL A 593 -9.37 -27.56 -49.16
C VAL A 593 -8.54 -27.69 -50.43
N THR A 594 -8.75 -26.75 -51.36
CA THR A 594 -8.13 -26.79 -52.67
C THR A 594 -7.02 -25.77 -52.86
N ASN A 595 -7.15 -24.57 -52.31
CA ASN A 595 -6.18 -23.50 -52.51
C ASN A 595 -5.26 -23.35 -51.29
N PHE A 596 -4.97 -24.48 -50.63
CA PHE A 596 -4.11 -24.44 -49.45
C PHE A 596 -2.69 -24.03 -49.81
N GLU A 597 -2.13 -24.62 -50.87
CA GLU A 597 -0.78 -24.29 -51.28
C GLU A 597 -0.67 -22.84 -51.73
N GLU A 598 -1.70 -22.32 -52.39
CA GLU A 598 -1.67 -20.94 -52.89
C GLU A 598 -1.58 -19.95 -51.75
N VAL A 599 -2.44 -20.09 -50.74
CA VAL A 599 -2.41 -19.17 -49.61
C VAL A 599 -1.16 -19.39 -48.78
N CYS A 600 -0.66 -20.62 -48.68
CA CYS A 600 0.59 -20.86 -47.96
C CYS A 600 1.75 -20.14 -48.64
N ASP A 601 1.86 -20.22 -49.97
CA ASP A 601 2.97 -19.52 -50.63
C ASP A 601 2.76 -18.01 -50.63
N GLU A 602 1.50 -17.54 -50.60
CA GLU A 602 1.27 -16.11 -50.41
C GLU A 602 1.79 -15.64 -49.06
N ILE A 603 1.53 -16.44 -48.01
CA ILE A 603 2.09 -16.11 -46.70
C ILE A 603 3.61 -16.21 -46.72
N LYS A 604 4.17 -17.16 -47.49
CA LYS A 604 5.62 -17.25 -47.63
C LYS A 604 6.19 -15.97 -48.22
N SER A 605 5.56 -15.46 -49.28
CA SER A 605 6.04 -14.25 -49.93
C SER A 605 5.91 -13.04 -49.00
N LYS A 606 4.79 -12.94 -48.27
CA LYS A 606 4.63 -11.85 -47.32
C LYS A 606 5.67 -11.91 -46.22
N LEU A 607 5.92 -13.10 -45.68
CA LEU A 607 6.87 -13.26 -44.59
C LEU A 607 8.31 -12.99 -45.06
N ALA A 608 8.64 -13.43 -46.27
CA ALA A 608 9.99 -13.16 -46.80
C ALA A 608 10.18 -11.67 -47.08
N SER A 609 9.16 -11.01 -47.66
CA SER A 609 9.27 -9.58 -47.93
C SER A 609 9.36 -8.78 -46.65
N LEU A 610 8.66 -9.21 -45.59
CA LEU A 610 8.84 -8.59 -44.28
C LEU A 610 10.23 -8.85 -43.72
N LYS A 611 10.73 -10.08 -43.88
CA LYS A 611 12.02 -10.49 -43.34
C LYS A 611 13.18 -9.74 -43.99
N ASP A 612 13.03 -9.35 -45.26
CA ASP A 612 14.12 -8.72 -46.00
C ASP A 612 14.61 -7.42 -45.34
N VAL A 613 13.74 -6.74 -44.58
CA VAL A 613 14.14 -5.56 -43.83
C VAL A 613 13.90 -5.83 -42.35
N PRO A 614 14.93 -6.17 -41.58
CA PRO A 614 14.73 -6.56 -40.17
C PRO A 614 14.63 -5.39 -39.19
N SER A 615 14.40 -4.18 -39.67
CA SER A 615 14.20 -3.01 -38.82
C SER A 615 13.38 -2.01 -39.60
N ARG A 616 12.19 -1.66 -39.12
CA ARG A 616 11.26 -0.91 -39.94
C ARG A 616 10.68 0.30 -39.21
N ILE A 617 10.23 1.26 -40.01
CA ILE A 617 9.29 2.30 -39.59
C ILE A 617 8.07 2.10 -40.49
N GLU A 618 7.03 1.47 -39.94
CA GLU A 618 5.94 0.93 -40.74
C GLU A 618 4.62 1.12 -40.00
N CYS A 619 3.53 1.16 -40.75
CA CYS A 619 2.22 1.39 -40.16
C CYS A 619 1.65 0.08 -39.63
N PRO A 620 1.30 0.00 -38.35
CA PRO A 620 0.82 -1.28 -37.78
C PRO A 620 -0.68 -1.44 -37.88
N LEU A 621 -1.15 -2.57 -37.35
CA LEU A 621 -2.55 -2.77 -37.02
C LEU A 621 -2.63 -3.16 -35.56
N ILE A 622 -3.62 -2.60 -34.87
CA ILE A 622 -3.86 -2.92 -33.45
C ILE A 622 -4.56 -4.27 -33.39
N TYR A 623 -4.05 -5.17 -32.55
CA TYR A 623 -4.43 -6.56 -32.63
C TYR A 623 -4.54 -7.04 -31.19
N HIS A 624 -5.77 -7.26 -30.73
CA HIS A 624 -6.06 -7.53 -29.32
C HIS A 624 -6.02 -9.02 -29.09
N LEU A 625 -4.92 -9.51 -28.51
CA LEU A 625 -4.76 -10.93 -28.22
C LEU A 625 -5.43 -11.24 -26.87
N ASP A 626 -6.75 -11.25 -26.90
CA ASP A 626 -7.55 -11.59 -25.73
C ASP A 626 -8.10 -12.99 -25.92
N VAL A 627 -7.44 -13.96 -25.30
CA VAL A 627 -7.95 -15.33 -25.29
C VAL A 627 -9.35 -15.39 -24.69
N GLY A 628 -9.63 -14.52 -23.72
CA GLY A 628 -10.98 -14.32 -23.24
C GLY A 628 -11.29 -15.20 -22.06
N ALA A 629 -11.27 -14.63 -20.86
CA ALA A 629 -11.52 -15.35 -19.62
C ALA A 629 -10.60 -16.57 -19.52
N MET A 630 -9.30 -16.29 -19.31
CA MET A 630 -8.32 -17.36 -19.19
C MET A 630 -8.72 -18.37 -18.15
N TYR A 631 -9.31 -17.92 -17.04
CA TYR A 631 -9.47 -18.78 -15.87
C TYR A 631 -10.38 -19.98 -16.11
N PRO A 632 -11.61 -19.85 -16.65
CA PRO A 632 -12.38 -21.07 -16.94
C PRO A 632 -11.70 -21.99 -17.94
N ASN A 633 -11.03 -21.41 -18.95
CA ASN A 633 -10.33 -22.21 -19.94
C ASN A 633 -9.19 -22.99 -19.31
N ILE A 634 -8.49 -22.38 -18.36
CA ILE A 634 -7.38 -23.04 -17.69
C ILE A 634 -7.89 -24.15 -16.79
N ILE A 635 -9.02 -23.94 -16.11
CA ILE A 635 -9.62 -25.02 -15.32
C ILE A 635 -10.05 -26.16 -16.22
N LEU A 636 -10.53 -25.85 -17.43
CA LEU A 636 -10.93 -26.90 -18.37
C LEU A 636 -9.73 -27.69 -18.87
N THR A 637 -8.68 -26.99 -19.31
CA THR A 637 -7.49 -27.65 -19.84
C THR A 637 -6.79 -28.46 -18.77
N ASN A 638 -6.76 -27.93 -17.55
CA ASN A 638 -5.81 -28.35 -16.54
C ASN A 638 -6.44 -29.22 -15.47
N ARG A 639 -7.76 -29.18 -15.34
CA ARG A 639 -8.54 -30.00 -14.41
C ARG A 639 -8.13 -29.74 -12.96
N LEU A 640 -8.41 -28.52 -12.49
CA LEU A 640 -8.20 -28.17 -11.09
C LEU A 640 -9.45 -28.51 -10.29
N GLN A 641 -9.36 -29.56 -9.47
CA GLN A 641 -10.44 -29.89 -8.58
C GLN A 641 -10.03 -29.64 -7.13
N PRO A 642 -10.89 -29.01 -6.33
CA PRO A 642 -10.51 -28.66 -4.96
C PRO A 642 -10.70 -29.79 -3.97
N SER A 643 -11.19 -30.95 -4.43
CA SER A 643 -11.48 -32.05 -3.52
C SER A 643 -10.19 -32.65 -2.98
N ALA A 644 -9.33 -33.15 -3.87
CA ALA A 644 -8.06 -33.70 -3.39
C ALA A 644 -6.97 -32.62 -3.42
N MET A 645 -6.61 -32.17 -4.63
CA MET A 645 -5.56 -31.17 -4.91
C MET A 645 -4.42 -31.29 -3.90
N VAL A 646 -3.85 -32.47 -3.85
CA VAL A 646 -3.02 -32.90 -2.74
C VAL A 646 -1.63 -32.30 -2.86
N ASP A 647 -0.87 -32.44 -1.78
CA ASP A 647 0.54 -32.10 -1.73
C ASP A 647 1.33 -33.36 -1.39
N GLU A 648 2.62 -33.19 -1.10
CA GLU A 648 3.42 -34.33 -0.69
C GLU A 648 2.94 -34.88 0.65
N ALA A 649 3.10 -36.18 0.82
CA ALA A 649 2.67 -37.01 1.95
C ALA A 649 1.15 -37.14 2.04
N THR A 650 0.39 -36.46 1.18
CA THR A 650 -1.04 -36.68 1.05
C THR A 650 -1.42 -37.23 -0.31
N CYS A 651 -0.50 -37.24 -1.26
CA CYS A 651 -0.75 -37.83 -2.58
C CYS A 651 -0.70 -39.35 -2.55
N ALA A 652 0.04 -39.94 -1.61
CA ALA A 652 0.21 -41.39 -1.55
C ALA A 652 -1.08 -42.13 -1.23
N ALA A 653 -2.13 -41.41 -0.82
CA ALA A 653 -3.41 -42.05 -0.55
C ALA A 653 -4.04 -42.62 -1.83
N CYS A 654 -3.94 -41.90 -2.95
CA CYS A 654 -4.54 -42.40 -4.19
C CYS A 654 -3.84 -43.68 -4.63
N ASP A 655 -4.63 -44.72 -4.86
CA ASP A 655 -4.10 -46.08 -4.99
C ASP A 655 -3.65 -46.44 -6.40
N PHE A 656 -3.81 -45.55 -7.37
CA PHE A 656 -3.40 -45.81 -8.75
C PHE A 656 -2.20 -44.95 -9.14
N ASN A 657 -1.31 -44.70 -8.18
CA ASN A 657 -0.15 -43.85 -8.42
C ASN A 657 1.01 -44.74 -8.85
N LYS A 658 0.95 -45.16 -10.10
CA LYS A 658 1.95 -46.04 -10.68
C LYS A 658 3.26 -45.28 -10.89
N PRO A 659 4.39 -46.01 -10.99
CA PRO A 659 5.67 -45.33 -11.25
C PRO A 659 5.69 -44.51 -12.54
N GLY A 660 4.87 -44.88 -13.52
CA GLY A 660 4.64 -44.01 -14.65
C GLY A 660 3.65 -42.92 -14.27
N ALA A 661 4.15 -41.92 -13.54
CA ALA A 661 3.31 -40.90 -12.92
C ALA A 661 2.58 -40.10 -13.99
N ASN A 662 1.27 -40.35 -14.13
CA ASN A 662 0.46 -39.67 -15.12
C ASN A 662 -0.55 -38.73 -14.47
N CYS A 663 -0.99 -39.03 -13.26
CA CYS A 663 -1.89 -38.14 -12.51
C CYS A 663 -1.15 -37.01 -11.82
N GLN A 664 0.19 -37.07 -11.76
CA GLN A 664 1.00 -36.08 -11.03
C GLN A 664 1.17 -34.82 -11.88
N ARG A 665 0.12 -34.01 -11.88
CA ARG A 665 0.21 -32.67 -12.48
C ARG A 665 0.85 -31.73 -11.48
N LYS A 666 2.03 -31.23 -11.85
CA LYS A 666 2.83 -30.29 -11.07
C LYS A 666 2.65 -28.89 -11.65
N MET A 667 2.27 -27.93 -10.81
CA MET A 667 2.31 -26.54 -11.24
C MET A 667 2.90 -25.65 -10.16
N ALA A 668 3.40 -24.51 -10.61
CA ALA A 668 4.12 -23.56 -9.77
C ALA A 668 3.29 -22.31 -9.55
N TRP A 669 3.43 -21.73 -8.36
CA TRP A 669 2.80 -20.45 -8.04
C TRP A 669 3.63 -19.79 -6.95
N GLN A 670 3.40 -18.48 -6.79
CA GLN A 670 4.19 -17.68 -5.86
C GLN A 670 3.33 -17.35 -4.64
N TRP A 671 3.65 -18.00 -3.52
CA TRP A 671 3.00 -17.70 -2.25
C TRP A 671 3.65 -16.46 -1.65
N ARG A 672 2.86 -15.48 -1.22
CA ARG A 672 3.42 -14.32 -0.54
C ARG A 672 2.80 -14.22 0.84
N GLY A 673 3.61 -13.83 1.81
CA GLY A 673 3.13 -13.68 3.17
C GLY A 673 3.91 -12.68 3.98
N GLU A 674 3.23 -11.93 4.84
CA GLU A 674 3.87 -11.00 5.75
C GLU A 674 3.92 -11.65 7.13
N PHE A 675 5.11 -11.72 7.71
CA PHE A 675 5.30 -12.40 8.98
C PHE A 675 6.16 -11.57 9.92
N MET A 676 5.96 -11.83 11.22
CA MET A 676 6.84 -11.34 12.25
C MET A 676 8.01 -12.31 12.39
N PRO A 677 9.17 -11.85 12.85
CA PRO A 677 10.33 -12.74 12.95
C PRO A 677 10.29 -13.67 14.15
N ALA A 678 9.30 -13.55 15.02
CA ALA A 678 9.25 -14.35 16.24
C ALA A 678 9.16 -15.82 15.89
N SER A 679 10.22 -16.58 16.20
CA SER A 679 10.30 -17.98 15.81
C SER A 679 9.40 -18.82 16.71
N ARG A 680 9.52 -20.15 16.59
CA ARG A 680 8.72 -21.04 17.43
C ARG A 680 9.08 -20.88 18.91
N SER A 681 10.37 -20.78 19.22
CA SER A 681 10.80 -20.77 20.61
C SER A 681 10.40 -19.49 21.33
N GLU A 682 10.65 -18.33 20.73
CA GLU A 682 10.34 -17.07 21.38
C GLU A 682 8.84 -16.88 21.55
N TYR A 683 8.08 -17.22 20.50
CA TYR A 683 6.62 -17.12 20.57
C TYR A 683 6.05 -18.09 21.60
N HIS A 684 6.62 -19.30 21.68
CA HIS A 684 6.21 -20.27 22.69
C HIS A 684 6.47 -19.74 24.10
N ARG A 685 7.66 -19.16 24.31
CA ARG A 685 7.99 -18.58 25.61
C ARG A 685 7.02 -17.47 25.99
N ILE A 686 6.74 -16.56 25.06
CA ILE A 686 5.93 -15.41 25.46
C ILE A 686 4.45 -15.79 25.52
N GLN A 687 4.01 -16.85 24.83
CA GLN A 687 2.63 -17.28 25.03
C GLN A 687 2.44 -17.97 26.37
N HIS A 688 3.45 -18.75 26.84
CA HIS A 688 3.40 -19.19 28.24
C HIS A 688 3.46 -18.01 29.21
N GLN A 689 4.26 -16.99 28.89
CA GLN A 689 4.35 -15.81 29.75
C GLN A 689 2.99 -15.13 29.90
N LEU A 690 2.27 -14.96 28.80
CA LEU A 690 0.93 -14.40 28.87
C LEU A 690 -0.07 -15.36 29.50
N GLU A 691 0.18 -16.67 29.40
CA GLU A 691 -0.66 -17.66 30.06
C GLU A 691 -0.53 -17.59 31.59
N SER A 692 0.63 -17.15 32.08
CA SER A 692 0.92 -17.23 33.51
C SER A 692 -0.03 -16.38 34.34
N GLU A 693 -0.37 -15.18 33.88
CA GLU A 693 -1.28 -14.31 34.63
C GLU A 693 -2.69 -14.41 34.08
N LYS A 694 -3.58 -13.63 34.69
CA LYS A 694 -4.98 -13.60 34.29
C LYS A 694 -5.20 -12.51 33.25
N PHE A 695 -6.46 -12.23 32.94
CA PHE A 695 -6.83 -11.27 31.92
C PHE A 695 -7.90 -10.33 32.45
N PRO A 696 -7.93 -9.09 31.96
CA PRO A 696 -8.99 -8.16 32.37
C PRO A 696 -10.33 -8.58 31.79
N PRO A 697 -11.37 -8.70 32.63
CA PRO A 697 -12.68 -9.08 32.12
C PRO A 697 -13.29 -8.00 31.24
N LEU A 698 -14.06 -8.44 30.24
CA LEU A 698 -14.76 -7.50 29.38
C LEU A 698 -15.90 -6.81 30.11
N PHE A 699 -16.68 -7.57 30.89
CA PHE A 699 -17.76 -6.99 31.66
C PHE A 699 -17.19 -6.13 32.80
N PRO A 700 -17.88 -5.06 33.17
CA PRO A 700 -17.45 -4.28 34.33
C PRO A 700 -17.59 -5.08 35.61
N GLU A 701 -16.55 -5.02 36.44
CA GLU A 701 -16.48 -5.75 37.71
C GLU A 701 -16.68 -7.26 37.50
N GLY A 702 -16.12 -7.78 36.41
CA GLY A 702 -16.26 -9.18 36.08
C GLY A 702 -15.28 -10.04 36.85
N PRO A 703 -15.58 -11.33 36.96
CA PRO A 703 -14.66 -12.25 37.65
C PRO A 703 -13.44 -12.57 36.79
N ALA A 704 -12.39 -13.00 37.46
CA ALA A 704 -11.16 -13.39 36.77
C ALA A 704 -11.39 -14.65 35.97
N ARG A 705 -10.85 -14.68 34.75
CA ARG A 705 -10.99 -15.82 33.85
C ARG A 705 -9.62 -16.37 33.50
N ALA A 706 -9.51 -17.70 33.50
CA ALA A 706 -8.29 -18.38 33.15
C ALA A 706 -8.09 -18.37 31.63
N PHE A 707 -6.98 -18.94 31.19
CA PHE A 707 -6.59 -18.89 29.78
C PHE A 707 -7.53 -19.66 28.87
N HIS A 708 -8.29 -20.61 29.41
CA HIS A 708 -9.06 -21.54 28.59
C HIS A 708 -10.48 -21.06 28.30
N GLU A 709 -10.90 -19.90 28.81
CA GLU A 709 -12.26 -19.43 28.63
C GLU A 709 -12.29 -17.95 28.23
N LEU A 710 -11.45 -17.58 27.26
CA LEU A 710 -11.59 -16.33 26.54
C LEU A 710 -11.91 -16.63 25.09
N SER A 711 -12.56 -15.66 24.44
CA SER A 711 -12.83 -15.81 23.01
C SER A 711 -11.52 -15.73 22.23
N ARG A 712 -11.47 -16.48 21.12
CA ARG A 712 -10.23 -16.57 20.35
C ARG A 712 -9.89 -15.25 19.68
N GLU A 713 -10.90 -14.47 19.28
CA GLU A 713 -10.64 -13.22 18.57
C GLU A 713 -9.95 -12.20 19.46
N GLU A 714 -10.46 -11.98 20.67
CA GLU A 714 -9.86 -10.97 21.54
C GLU A 714 -8.49 -11.40 22.05
N GLN A 715 -8.31 -12.70 22.31
CA GLN A 715 -7.00 -13.15 22.76
C GLN A 715 -5.98 -13.07 21.64
N ALA A 716 -6.40 -13.35 20.40
CA ALA A 716 -5.50 -13.17 19.26
C ALA A 716 -5.16 -11.70 19.07
N LYS A 717 -6.13 -10.81 19.25
CA LYS A 717 -5.88 -9.38 19.10
C LYS A 717 -4.87 -8.89 20.13
N TYR A 718 -5.08 -9.26 21.40
CA TYR A 718 -4.15 -8.83 22.45
C TYR A 718 -2.77 -9.47 22.26
N GLU A 719 -2.73 -10.73 21.83
CA GLU A 719 -1.46 -11.41 21.61
C GLU A 719 -0.67 -10.75 20.49
N LYS A 720 -1.35 -10.39 19.40
CA LYS A 720 -0.70 -9.65 18.32
C LYS A 720 -0.25 -8.27 18.80
N ARG A 721 -1.06 -7.60 19.61
CA ARG A 721 -0.71 -6.27 20.09
C ARG A 721 0.54 -6.29 20.95
N ARG A 722 0.67 -7.28 21.83
CA ARG A 722 1.88 -7.36 22.63
C ARG A 722 3.07 -7.90 21.85
N LEU A 723 2.85 -8.80 20.89
CA LEU A 723 3.98 -9.33 20.15
C LEU A 723 4.58 -8.29 19.21
N ALA A 724 3.75 -7.36 18.71
CA ALA A 724 4.27 -6.31 17.85
C ALA A 724 5.30 -5.44 18.57
N ASP A 725 4.94 -4.92 19.75
CA ASP A 725 5.91 -4.10 20.47
C ASP A 725 6.84 -4.91 21.36
N TYR A 726 6.74 -6.25 21.36
CA TYR A 726 7.85 -7.05 21.87
C TYR A 726 8.94 -7.20 20.82
N CYS A 727 8.58 -7.62 19.62
CA CYS A 727 9.58 -7.76 18.56
C CYS A 727 10.03 -6.43 17.99
N ARG A 728 9.35 -5.33 18.31
CA ARG A 728 9.77 -4.02 17.82
C ARG A 728 11.12 -3.61 18.40
N LYS A 729 11.50 -4.16 19.55
CA LYS A 729 12.75 -3.78 20.21
C LYS A 729 13.70 -4.96 20.39
N ALA A 730 13.58 -6.01 19.59
CA ALA A 730 14.53 -7.12 19.67
C ALA A 730 14.94 -7.69 18.32
N TYR A 731 14.38 -7.21 17.22
CA TYR A 731 14.74 -7.74 15.91
C TYR A 731 14.99 -6.69 14.84
N LYS A 732 14.74 -5.40 15.09
CA LYS A 732 14.91 -4.25 14.19
C LYS A 732 13.93 -4.27 13.02
N LYS A 733 13.14 -5.32 12.86
CA LYS A 733 12.20 -5.47 11.78
C LYS A 733 11.09 -6.39 12.27
N ILE A 734 9.84 -6.05 11.99
CA ILE A 734 8.74 -6.96 12.31
C ILE A 734 7.87 -7.28 11.12
N HIS A 735 7.75 -6.42 10.12
CA HIS A 735 6.93 -6.70 8.94
C HIS A 735 7.85 -7.19 7.83
N ILE A 736 7.98 -8.50 7.69
CA ILE A 736 8.84 -9.07 6.66
C ILE A 736 7.98 -9.84 5.67
N THR A 737 8.05 -9.44 4.40
CA THR A 737 7.35 -10.13 3.33
C THR A 737 8.23 -11.23 2.78
N LYS A 738 7.61 -12.31 2.32
CA LYS A 738 8.32 -13.38 1.63
C LYS A 738 7.47 -13.91 0.51
N VAL A 739 8.02 -13.91 -0.70
CA VAL A 739 7.32 -14.34 -1.91
C VAL A 739 8.11 -15.53 -2.46
N GLU A 740 7.70 -16.73 -2.08
CA GLU A 740 8.44 -17.93 -2.45
C GLU A 740 7.69 -18.71 -3.53
N GLU A 741 8.44 -19.58 -4.20
CA GLU A 741 7.93 -20.42 -5.27
C GLU A 741 7.53 -21.78 -4.69
N ARG A 742 6.32 -22.24 -5.02
CA ARG A 742 5.82 -23.50 -4.52
C ARG A 742 5.18 -24.30 -5.65
N LEU A 743 5.42 -25.61 -5.61
CA LEU A 743 4.84 -26.55 -6.57
C LEU A 743 3.76 -27.36 -5.88
N THR A 744 2.58 -27.39 -6.49
CA THR A 744 1.46 -28.15 -5.98
C THR A 744 0.95 -29.09 -7.08
N THR A 745 0.45 -30.24 -6.64
CA THR A 745 0.00 -31.28 -7.54
C THR A 745 -1.52 -31.28 -7.57
N ILE A 746 -2.08 -31.47 -8.76
CA ILE A 746 -3.53 -31.52 -8.95
C ILE A 746 -3.88 -32.95 -9.36
N CYS A 747 -4.63 -33.61 -8.46
CA CYS A 747 -5.12 -34.97 -8.77
C CYS A 747 -5.92 -34.91 -10.07
N GLN A 748 -5.81 -35.94 -10.89
CA GLN A 748 -6.46 -35.89 -12.20
C GLN A 748 -7.61 -36.88 -12.36
N ARG A 749 -8.06 -37.54 -11.29
CA ARG A 749 -9.13 -38.51 -11.45
C ARG A 749 -10.19 -38.38 -10.37
N GLU A 750 -10.49 -37.14 -9.96
CA GLU A 750 -11.56 -36.89 -9.01
C GLU A 750 -12.92 -37.17 -9.64
N ASN A 751 -13.97 -37.20 -8.81
CA ASN A 751 -15.33 -37.20 -9.33
C ASN A 751 -15.63 -35.90 -10.06
N SER A 752 -14.93 -34.83 -9.71
CA SER A 752 -14.67 -33.71 -10.63
C SER A 752 -15.93 -32.95 -11.02
N PHE A 753 -16.73 -32.57 -10.02
CA PHE A 753 -17.96 -31.84 -10.32
C PHE A 753 -17.69 -30.44 -10.84
N TYR A 754 -16.61 -29.79 -10.40
CA TYR A 754 -16.37 -28.39 -10.79
C TYR A 754 -15.97 -28.28 -12.27
N VAL A 755 -15.01 -29.10 -12.70
CA VAL A 755 -14.59 -29.04 -14.10
C VAL A 755 -15.72 -29.55 -14.99
N ASP A 756 -16.48 -30.55 -14.54
CA ASP A 756 -17.61 -31.03 -15.31
C ASP A 756 -18.68 -29.95 -15.45
N THR A 757 -18.97 -29.22 -14.37
CA THR A 757 -19.97 -28.16 -14.45
C THR A 757 -19.52 -27.07 -15.40
N VAL A 758 -18.27 -26.61 -15.28
CA VAL A 758 -17.84 -25.54 -16.18
C VAL A 758 -17.77 -26.02 -17.63
N ARG A 759 -17.39 -27.28 -17.87
CA ARG A 759 -17.30 -27.79 -19.23
C ARG A 759 -18.68 -27.91 -19.88
N ALA A 760 -19.57 -28.71 -19.27
CA ALA A 760 -20.91 -28.85 -19.81
C ALA A 760 -21.67 -27.53 -19.78
N PHE A 761 -21.23 -26.60 -18.94
CA PHE A 761 -21.97 -25.37 -18.76
C PHE A 761 -21.60 -24.38 -19.86
N ARG A 762 -20.31 -24.30 -20.22
CA ARG A 762 -19.91 -23.57 -21.41
C ARG A 762 -20.38 -24.26 -22.68
N ASP A 763 -20.54 -25.59 -22.64
CA ASP A 763 -21.12 -26.29 -23.77
C ASP A 763 -22.56 -25.84 -24.00
N ARG A 764 -23.35 -25.77 -22.93
CA ARG A 764 -24.71 -25.24 -23.09
C ARG A 764 -24.70 -23.75 -23.40
N ARG A 765 -23.68 -23.02 -22.94
CA ARG A 765 -23.49 -21.64 -23.38
C ARG A 765 -23.41 -21.54 -24.90
N TYR A 766 -22.53 -22.33 -25.52
CA TYR A 766 -22.38 -22.24 -26.96
C TYR A 766 -23.60 -22.80 -27.69
N GLU A 767 -24.24 -23.82 -27.13
CA GLU A 767 -25.47 -24.32 -27.72
C GLU A 767 -26.55 -23.26 -27.73
N PHE A 768 -26.73 -22.55 -26.61
CA PHE A 768 -27.73 -21.48 -26.56
C PHE A 768 -27.30 -20.28 -27.39
N LYS A 769 -26.00 -20.07 -27.58
CA LYS A 769 -25.55 -19.00 -28.46
C LYS A 769 -25.89 -19.30 -29.91
N GLY A 770 -25.68 -20.55 -30.35
CA GLY A 770 -26.09 -20.93 -31.69
C GLY A 770 -27.60 -20.89 -31.86
N LEU A 771 -28.33 -21.28 -30.81
CA LEU A 771 -29.79 -21.18 -30.85
C LEU A 771 -30.23 -19.73 -30.96
N HIS A 772 -29.55 -18.83 -30.26
CA HIS A 772 -29.85 -17.41 -30.42
C HIS A 772 -29.52 -16.91 -31.81
N LYS A 773 -28.44 -17.40 -32.40
CA LYS A 773 -28.10 -16.99 -33.76
C LYS A 773 -29.19 -17.39 -34.75
N VAL A 774 -29.63 -18.66 -34.69
CA VAL A 774 -30.65 -19.11 -35.64
C VAL A 774 -31.99 -18.44 -35.35
N TRP A 775 -32.33 -18.22 -34.08
CA TRP A 775 -33.58 -17.55 -33.76
C TRP A 775 -33.53 -16.05 -34.05
N LYS A 776 -32.35 -15.44 -34.06
CA LYS A 776 -32.26 -14.04 -34.45
C LYS A 776 -32.36 -13.90 -35.96
N LYS A 777 -31.84 -14.88 -36.70
CA LYS A 777 -32.11 -14.94 -38.14
C LYS A 777 -33.61 -15.09 -38.40
N LYS A 778 -34.27 -15.95 -37.64
CA LYS A 778 -35.72 -16.09 -37.74
C LYS A 778 -36.45 -14.80 -37.37
N LEU A 779 -35.93 -14.08 -36.37
CA LEU A 779 -36.54 -12.81 -35.97
C LEU A 779 -36.41 -11.76 -37.06
N SER A 780 -35.24 -11.66 -37.69
CA SER A 780 -35.08 -10.71 -38.79
C SER A 780 -35.98 -11.07 -39.96
N ALA A 781 -36.10 -12.38 -40.27
CA ALA A 781 -37.02 -12.80 -41.32
C ALA A 781 -38.47 -12.47 -40.97
N ALA A 782 -38.85 -12.66 -39.70
CA ALA A 782 -40.21 -12.41 -39.28
C ALA A 782 -40.55 -10.93 -39.30
N VAL A 783 -39.61 -10.07 -38.90
CA VAL A 783 -39.88 -8.64 -38.94
C VAL A 783 -39.78 -8.10 -40.36
N GLU A 784 -39.10 -8.80 -41.27
CA GLU A 784 -39.18 -8.43 -42.68
C GLU A 784 -40.53 -8.85 -43.27
N VAL A 785 -41.05 -10.01 -42.87
CA VAL A 785 -42.33 -10.48 -43.38
C VAL A 785 -43.46 -9.61 -42.86
N GLY A 786 -43.49 -9.38 -41.54
CA GLY A 786 -44.51 -8.51 -40.96
C GLY A 786 -45.76 -9.22 -40.50
N ASP A 787 -45.61 -10.31 -39.75
CA ASP A 787 -46.75 -10.97 -39.14
C ASP A 787 -46.89 -10.51 -37.69
N ALA A 788 -47.78 -11.15 -36.92
CA ALA A 788 -48.17 -10.63 -35.62
C ALA A 788 -47.78 -11.52 -34.46
N ALA A 789 -48.19 -12.79 -34.47
CA ALA A 789 -48.02 -13.67 -33.31
C ALA A 789 -46.76 -14.52 -33.38
N GLU A 790 -46.39 -15.01 -34.56
CA GLU A 790 -45.17 -15.80 -34.68
C GLU A 790 -43.94 -14.95 -34.41
N VAL A 791 -43.95 -13.67 -34.81
CA VAL A 791 -42.83 -12.80 -34.48
C VAL A 791 -42.77 -12.58 -32.97
N LYS A 792 -43.92 -12.54 -32.30
CA LYS A 792 -43.94 -12.40 -30.85
C LYS A 792 -43.35 -13.64 -30.17
N ARG A 793 -43.73 -14.83 -30.63
CA ARG A 793 -43.18 -16.06 -30.07
C ARG A 793 -41.68 -16.16 -30.33
N CYS A 794 -41.25 -15.79 -31.54
CA CYS A 794 -39.84 -15.85 -31.87
C CYS A 794 -39.04 -14.84 -31.05
N LYS A 795 -39.59 -13.64 -30.82
CA LYS A 795 -38.91 -12.66 -29.99
C LYS A 795 -38.86 -13.10 -28.53
N ASN A 796 -39.90 -13.78 -28.06
CA ASN A 796 -39.89 -14.33 -26.72
C ASN A 796 -38.80 -15.39 -26.57
N MET A 797 -38.69 -16.29 -27.55
CA MET A 797 -37.63 -17.29 -27.51
C MET A 797 -36.25 -16.66 -27.69
N GLU A 798 -36.18 -15.57 -28.44
CA GLU A 798 -34.92 -14.86 -28.68
C GLU A 798 -34.42 -14.20 -27.41
N VAL A 799 -35.29 -13.49 -26.69
CA VAL A 799 -34.88 -12.89 -25.43
C VAL A 799 -34.63 -13.97 -24.37
N LEU A 800 -35.36 -15.09 -24.45
CA LEU A 800 -35.05 -16.23 -23.58
C LEU A 800 -33.64 -16.73 -23.82
N TYR A 801 -33.24 -16.88 -25.08
CA TYR A 801 -31.91 -17.40 -25.37
C TYR A 801 -30.82 -16.40 -25.05
N ASP A 802 -31.05 -15.10 -25.27
CA ASP A 802 -30.10 -14.09 -24.82
C ASP A 802 -29.94 -14.08 -23.31
N SER A 803 -31.05 -14.13 -22.57
CA SER A 803 -30.93 -14.15 -21.11
C SER A 803 -30.20 -15.39 -20.64
N LEU A 804 -30.49 -16.54 -21.26
CA LEU A 804 -29.73 -17.75 -20.97
C LEU A 804 -28.23 -17.54 -21.19
N GLN A 805 -27.84 -17.16 -22.42
CA GLN A 805 -26.41 -17.10 -22.73
C GLN A 805 -25.68 -16.03 -21.91
N LEU A 806 -26.32 -14.89 -21.65
CA LEU A 806 -25.69 -13.88 -20.80
C LEU A 806 -25.55 -14.39 -19.37
N ALA A 807 -26.57 -15.08 -18.86
CA ALA A 807 -26.44 -15.66 -17.52
C ALA A 807 -25.32 -16.69 -17.47
N HIS A 808 -25.23 -17.56 -18.48
CA HIS A 808 -24.17 -18.55 -18.52
C HIS A 808 -22.79 -17.89 -18.56
N LYS A 809 -22.61 -16.91 -19.45
CA LYS A 809 -21.32 -16.23 -19.58
C LYS A 809 -20.93 -15.53 -18.29
N CYS A 810 -21.88 -14.83 -17.67
CA CYS A 810 -21.57 -14.05 -16.48
C CYS A 810 -21.25 -14.96 -15.31
N ILE A 811 -21.92 -16.10 -15.20
CA ILE A 811 -21.55 -16.97 -14.10
C ILE A 811 -20.30 -17.78 -14.42
N LEU A 812 -19.93 -17.83 -15.71
CA LEU A 812 -18.65 -18.48 -16.08
C LEU A 812 -17.50 -17.56 -15.64
N ASN A 813 -17.62 -16.24 -15.83
CA ASN A 813 -16.59 -15.34 -15.36
C ASN A 813 -16.83 -14.90 -13.92
N SER A 814 -17.83 -15.45 -13.24
CA SER A 814 -17.94 -15.38 -11.79
C SER A 814 -17.45 -16.64 -11.08
N PHE A 815 -17.25 -17.75 -11.79
CA PHE A 815 -16.57 -18.89 -11.16
C PHE A 815 -15.17 -18.52 -10.69
N TYR A 816 -14.50 -17.55 -11.34
CA TYR A 816 -13.22 -17.11 -10.81
C TYR A 816 -13.39 -16.24 -9.58
N GLY A 817 -14.40 -15.35 -9.58
CA GLY A 817 -14.66 -14.54 -8.40
C GLY A 817 -15.04 -15.35 -7.18
N TYR A 818 -15.70 -16.50 -7.39
CA TYR A 818 -16.02 -17.38 -6.27
C TYR A 818 -14.76 -17.96 -5.65
N VAL A 819 -13.85 -18.49 -6.48
CA VAL A 819 -12.66 -19.18 -5.96
C VAL A 819 -11.56 -18.21 -5.56
N MET A 820 -11.68 -16.94 -5.91
CA MET A 820 -10.62 -15.98 -5.63
C MET A 820 -10.57 -15.60 -4.15
N ARG A 821 -11.72 -15.41 -3.52
CA ARG A 821 -11.78 -14.90 -2.17
C ARG A 821 -12.45 -15.90 -1.23
N LYS A 822 -12.38 -15.56 0.06
CA LYS A 822 -12.90 -16.37 1.15
C LYS A 822 -14.42 -16.26 1.21
N GLY A 823 -15.01 -16.75 2.30
CA GLY A 823 -16.45 -16.83 2.39
C GLY A 823 -17.05 -17.83 1.42
N ALA A 824 -16.45 -19.01 1.32
CA ALA A 824 -16.86 -20.01 0.34
C ALA A 824 -16.48 -21.39 0.85
N ARG A 825 -17.36 -22.37 0.62
CA ARG A 825 -17.07 -23.72 1.09
C ARG A 825 -15.99 -24.38 0.25
N TRP A 826 -16.08 -24.26 -1.08
CA TRP A 826 -15.04 -24.77 -1.97
C TRP A 826 -14.03 -23.66 -2.26
N TYR A 827 -13.38 -23.22 -1.18
CA TYR A 827 -12.37 -22.18 -1.25
C TYR A 827 -11.01 -22.86 -1.08
N SER A 828 -10.20 -22.82 -2.14
CA SER A 828 -8.82 -23.24 -2.07
C SER A 828 -7.94 -22.09 -2.54
N MET A 829 -6.91 -21.79 -1.75
CA MET A 829 -5.88 -20.84 -2.15
C MET A 829 -5.16 -21.32 -3.40
N GLU A 830 -5.05 -22.64 -3.56
CA GLU A 830 -4.21 -23.19 -4.61
C GLU A 830 -4.82 -23.05 -6.01
N MET A 831 -6.15 -23.16 -6.15
CA MET A 831 -6.73 -22.82 -7.45
C MET A 831 -6.44 -21.39 -7.85
N ALA A 832 -6.63 -20.45 -6.92
CA ALA A 832 -6.40 -19.06 -7.27
C ALA A 832 -4.96 -18.83 -7.66
N GLY A 833 -4.02 -19.37 -6.87
CA GLY A 833 -2.61 -19.21 -7.22
C GLY A 833 -2.25 -19.85 -8.54
N ILE A 834 -2.63 -21.12 -8.72
CA ILE A 834 -2.26 -21.87 -9.92
C ILE A 834 -2.86 -21.22 -11.16
N VAL A 835 -4.17 -20.95 -11.14
CA VAL A 835 -4.83 -20.41 -12.31
C VAL A 835 -4.31 -19.01 -12.62
N CYS A 836 -4.11 -18.18 -11.59
CA CYS A 836 -3.65 -16.83 -11.86
C CYS A 836 -2.22 -16.83 -12.41
N PHE A 837 -1.34 -17.66 -11.84
CA PHE A 837 0.04 -17.65 -12.33
C PHE A 837 0.17 -18.36 -13.67
N THR A 838 -0.65 -19.37 -13.95
CA THR A 838 -0.61 -19.99 -15.27
C THR A 838 -1.16 -19.04 -16.33
N GLY A 839 -2.19 -18.27 -15.99
CA GLY A 839 -2.64 -17.23 -16.90
C GLY A 839 -1.57 -16.20 -17.15
N ALA A 840 -0.86 -15.78 -16.10
CA ALA A 840 0.27 -14.88 -16.28
C ALA A 840 1.39 -15.51 -17.10
N ASN A 841 1.64 -16.80 -16.93
CA ASN A 841 2.69 -17.51 -17.65
C ASN A 841 2.37 -17.55 -19.15
N ILE A 842 1.14 -17.92 -19.50
CA ILE A 842 0.72 -17.92 -20.90
C ILE A 842 0.78 -16.52 -21.47
N ILE A 843 0.31 -15.53 -20.72
CA ILE A 843 0.22 -14.20 -21.30
C ILE A 843 1.63 -13.61 -21.46
N THR A 844 2.59 -13.98 -20.60
CA THR A 844 3.94 -13.46 -20.76
C THR A 844 4.74 -14.24 -21.80
N GLN A 845 4.45 -15.51 -22.02
CA GLN A 845 5.07 -16.18 -23.16
C GLN A 845 4.58 -15.60 -24.47
N ALA A 846 3.28 -15.30 -24.55
CA ALA A 846 2.79 -14.62 -25.73
C ALA A 846 3.42 -13.24 -25.86
N ARG A 847 3.66 -12.55 -24.74
CA ARG A 847 4.36 -11.27 -24.77
C ARG A 847 5.77 -11.42 -25.35
N GLU A 848 6.53 -12.41 -24.86
CA GLU A 848 7.91 -12.52 -25.35
C GLU A 848 7.98 -13.04 -26.77
N LEU A 849 6.99 -13.81 -27.23
CA LEU A 849 6.98 -14.27 -28.61
C LEU A 849 6.36 -13.28 -29.57
N ILE A 850 5.70 -12.22 -29.07
CA ILE A 850 5.38 -11.09 -29.94
C ILE A 850 6.48 -10.03 -29.88
N GLU A 851 7.29 -10.01 -28.82
CA GLU A 851 8.38 -9.05 -28.74
C GLU A 851 9.42 -9.26 -29.84
N GLN A 852 9.68 -10.50 -30.21
CA GLN A 852 10.63 -10.76 -31.28
C GLN A 852 10.05 -10.52 -32.67
N ILE A 853 8.72 -10.38 -32.80
CA ILE A 853 8.10 -10.12 -34.08
C ILE A 853 7.35 -8.80 -34.10
N GLY A 854 7.76 -7.85 -33.26
CA GLY A 854 7.11 -6.55 -33.26
C GLY A 854 7.30 -5.85 -31.93
N ARG A 855 6.39 -4.92 -31.63
CA ARG A 855 6.35 -4.22 -30.34
C ARG A 855 4.98 -4.47 -29.71
N PRO A 856 4.86 -5.60 -28.96
CA PRO A 856 3.64 -5.86 -28.16
C PRO A 856 3.37 -4.56 -27.45
N LEU A 857 2.16 -4.41 -26.94
CA LEU A 857 1.80 -3.08 -26.51
C LEU A 857 1.43 -3.00 -25.04
N GLU A 858 0.49 -3.84 -24.60
CA GLU A 858 -0.05 -3.76 -23.25
C GLU A 858 -0.26 -5.16 -22.72
N LEU A 859 0.18 -5.42 -21.48
CA LEU A 859 0.17 -6.74 -20.90
C LEU A 859 -0.84 -6.79 -19.76
N ASP A 860 -1.69 -7.81 -19.76
CA ASP A 860 -2.84 -7.88 -18.87
C ASP A 860 -2.95 -9.28 -18.28
N THR A 861 -3.86 -9.42 -17.31
CA THR A 861 -4.28 -10.70 -16.78
C THR A 861 -5.56 -11.21 -17.46
N ASP A 862 -5.95 -10.59 -18.57
CA ASP A 862 -6.99 -11.14 -19.43
C ASP A 862 -6.52 -11.37 -20.85
N GLY A 863 -5.74 -10.45 -21.41
CA GLY A 863 -5.24 -10.57 -22.76
C GLY A 863 -4.33 -9.43 -23.18
N ILE A 864 -3.32 -9.75 -23.99
CA ILE A 864 -2.37 -8.75 -24.46
C ILE A 864 -3.08 -7.85 -25.46
N TRP A 865 -2.62 -6.61 -25.58
CA TRP A 865 -2.89 -5.80 -26.76
C TRP A 865 -1.57 -5.65 -27.48
N CYS A 866 -1.56 -5.77 -28.81
CA CYS A 866 -0.34 -5.66 -29.59
C CYS A 866 -0.55 -4.72 -30.77
N VAL A 867 0.55 -4.30 -31.38
CA VAL A 867 0.55 -3.70 -32.70
C VAL A 867 1.49 -4.50 -33.60
N LEU A 868 0.99 -4.86 -34.78
CA LEU A 868 1.74 -5.74 -35.66
C LEU A 868 1.97 -5.05 -37.00
N PRO A 869 3.08 -5.39 -37.69
CA PRO A 869 3.24 -4.92 -39.07
C PRO A 869 2.14 -5.48 -39.97
N ASN A 870 1.67 -4.64 -40.89
CA ASN A 870 0.62 -5.09 -41.81
C ASN A 870 1.12 -6.12 -42.82
N SER A 871 2.43 -6.31 -42.93
CA SER A 871 2.94 -7.34 -43.83
C SER A 871 2.61 -8.74 -43.34
N PHE A 872 2.34 -8.91 -42.05
CA PHE A 872 1.71 -10.15 -41.59
C PHE A 872 0.33 -10.29 -42.22
N PRO A 873 -0.05 -11.48 -42.68
CA PRO A 873 -1.41 -11.67 -43.20
C PRO A 873 -2.40 -11.93 -42.08
N GLU A 874 -3.63 -11.47 -42.30
CA GLU A 874 -4.72 -11.70 -41.35
C GLU A 874 -6.02 -12.16 -41.97
N ASN A 875 -6.21 -12.03 -43.29
CA ASN A 875 -7.45 -12.43 -43.91
C ASN A 875 -7.22 -12.69 -45.39
N PHE A 876 -8.00 -13.63 -45.93
CA PHE A 876 -7.99 -13.95 -47.36
C PHE A 876 -9.26 -14.75 -47.66
N VAL A 877 -9.50 -14.97 -48.96
CA VAL A 877 -10.63 -15.74 -49.42
C VAL A 877 -10.17 -17.16 -49.69
N PHE A 878 -10.71 -18.11 -48.94
CA PHE A 878 -10.34 -19.51 -49.06
C PHE A 878 -11.29 -20.25 -50.00
N LYS A 879 -10.75 -21.27 -50.66
CA LYS A 879 -11.52 -22.16 -51.52
C LYS A 879 -11.46 -23.56 -50.92
N THR A 880 -12.57 -24.03 -50.39
CA THR A 880 -12.66 -25.35 -49.77
C THR A 880 -13.70 -26.20 -50.49
N THR A 881 -13.54 -27.51 -50.37
CA THR A 881 -14.45 -28.44 -51.04
C THR A 881 -15.83 -28.48 -50.38
N ASN A 882 -15.98 -27.95 -49.18
CA ASN A 882 -17.29 -27.95 -48.52
C ASN A 882 -18.21 -26.95 -49.20
N VAL A 883 -19.42 -27.41 -49.52
CA VAL A 883 -20.38 -26.56 -50.21
C VAL A 883 -21.09 -25.63 -49.22
N LYS A 884 -21.47 -26.17 -48.06
CA LYS A 884 -22.16 -25.36 -47.06
C LYS A 884 -21.27 -24.25 -46.51
N LYS A 885 -20.00 -24.56 -46.27
CA LYS A 885 -19.02 -23.56 -45.82
C LYS A 885 -17.93 -23.49 -46.87
N PRO A 886 -18.00 -22.54 -47.81
CA PRO A 886 -17.02 -22.52 -48.91
C PRO A 886 -15.77 -21.70 -48.60
N LYS A 887 -15.84 -20.83 -47.61
CA LYS A 887 -14.76 -19.89 -47.33
C LYS A 887 -14.31 -20.04 -45.88
N VAL A 888 -13.00 -19.87 -45.67
CA VAL A 888 -12.37 -19.93 -44.37
C VAL A 888 -11.53 -18.67 -44.19
N THR A 889 -11.73 -17.98 -43.08
CA THR A 889 -10.97 -16.77 -42.75
C THR A 889 -10.25 -17.00 -41.43
N ILE A 890 -8.97 -17.33 -41.52
CA ILE A 890 -8.13 -17.62 -40.36
C ILE A 890 -7.06 -16.55 -40.28
N SER A 891 -6.99 -15.86 -39.13
CA SER A 891 -5.92 -14.91 -38.90
C SER A 891 -4.64 -15.64 -38.55
N TYR A 892 -3.58 -15.38 -39.31
CA TYR A 892 -2.31 -16.11 -39.17
C TYR A 892 -1.63 -15.90 -37.81
N PRO A 893 -1.52 -14.67 -37.25
CA PRO A 893 -0.94 -14.57 -35.90
C PRO A 893 -1.76 -15.33 -34.85
N GLY A 894 -3.08 -15.32 -34.97
CA GLY A 894 -3.90 -16.14 -34.10
C GLY A 894 -3.58 -17.62 -34.27
N ALA A 895 -3.33 -18.04 -35.51
CA ALA A 895 -2.97 -19.43 -35.77
C ALA A 895 -1.64 -19.80 -35.14
N MET A 896 -0.65 -18.92 -35.23
CA MET A 896 0.65 -19.26 -34.65
C MET A 896 0.61 -19.24 -33.13
N LEU A 897 -0.16 -18.35 -32.52
CA LEU A 897 -0.32 -18.43 -31.08
C LEU A 897 -1.08 -19.67 -30.66
N ASN A 898 -2.08 -20.09 -31.46
CA ASN A 898 -2.77 -21.34 -31.16
C ASN A 898 -1.82 -22.53 -31.25
N ILE A 899 -0.95 -22.55 -32.26
CA ILE A 899 -0.06 -23.71 -32.38
C ILE A 899 1.02 -23.68 -31.28
N MET A 900 1.47 -22.50 -30.85
CA MET A 900 2.49 -22.53 -29.80
C MET A 900 1.88 -22.82 -28.43
N VAL A 901 0.62 -22.42 -28.17
CA VAL A 901 0.01 -22.89 -26.93
C VAL A 901 -0.30 -24.37 -27.03
N LYS A 902 -0.57 -24.88 -28.24
CA LYS A 902 -0.76 -26.32 -28.40
C LYS A 902 0.52 -27.08 -28.11
N GLU A 903 1.66 -26.53 -28.52
CA GLU A 903 2.94 -27.21 -28.27
C GLU A 903 3.34 -27.10 -26.81
N GLY A 904 3.16 -25.92 -26.21
CA GLY A 904 3.65 -25.70 -24.86
C GLY A 904 2.71 -26.13 -23.75
N PHE A 905 1.47 -25.64 -23.76
CA PHE A 905 0.59 -25.80 -22.61
C PHE A 905 -0.67 -26.58 -22.95
N THR A 906 -0.52 -27.71 -23.61
CA THR A 906 -1.58 -28.70 -23.75
C THR A 906 -1.38 -29.75 -22.67
N ASN A 907 -2.45 -30.08 -21.95
CA ASN A 907 -2.41 -31.08 -20.88
C ASN A 907 -2.23 -32.46 -21.51
N ASP A 908 -1.04 -33.03 -21.36
CA ASP A 908 -0.78 -34.40 -21.75
C ASP A 908 -0.90 -35.37 -20.57
N GLN A 909 -1.14 -34.87 -19.37
CA GLN A 909 -1.34 -35.67 -18.17
C GLN A 909 -2.81 -35.96 -17.91
N TYR A 910 -3.71 -35.47 -18.76
CA TYR A 910 -5.12 -35.38 -18.44
C TYR A 910 -5.77 -36.76 -18.40
N GLN A 911 -6.67 -36.96 -17.44
CA GLN A 911 -7.36 -38.22 -17.28
C GLN A 911 -8.87 -38.02 -17.36
N GLU A 912 -9.59 -39.12 -17.54
CA GLU A 912 -11.04 -39.08 -17.64
C GLU A 912 -11.62 -40.45 -17.30
N LEU A 913 -12.84 -40.45 -16.76
CA LEU A 913 -13.60 -41.67 -16.58
C LEU A 913 -14.12 -42.18 -17.92
N ALA A 914 -14.13 -43.52 -18.07
CA ALA A 914 -14.78 -44.15 -19.19
C ALA A 914 -15.82 -45.18 -18.78
N GLU A 915 -15.59 -45.92 -17.70
CA GLU A 915 -16.57 -46.84 -17.16
C GLU A 915 -16.33 -46.95 -15.66
N PRO A 916 -17.34 -46.69 -14.83
CA PRO A 916 -17.07 -46.47 -13.39
C PRO A 916 -16.77 -47.73 -12.60
N SER A 917 -17.41 -48.86 -12.95
CA SER A 917 -17.31 -50.04 -12.10
C SER A 917 -15.92 -50.64 -12.11
N SER A 918 -15.23 -50.58 -13.25
CA SER A 918 -13.90 -51.17 -13.40
C SER A 918 -12.80 -50.12 -13.43
N LEU A 919 -13.05 -48.96 -12.80
CA LEU A 919 -12.02 -47.91 -12.67
C LEU A 919 -11.28 -47.70 -14.01
N THR A 920 -12.01 -47.60 -15.10
CA THR A 920 -11.39 -47.33 -16.41
C THR A 920 -11.13 -45.83 -16.53
N TYR A 921 -9.87 -45.46 -16.46
CA TYR A 921 -9.44 -44.07 -16.59
C TYR A 921 -8.63 -43.95 -17.89
N VAL A 922 -9.23 -43.31 -18.88
CA VAL A 922 -8.55 -43.07 -20.13
C VAL A 922 -7.70 -41.80 -20.02
N THR A 923 -6.54 -41.83 -20.67
CA THR A 923 -5.64 -40.68 -20.72
C THR A 923 -5.91 -39.90 -22.00
N ARG A 924 -6.27 -38.63 -21.86
CA ARG A 924 -6.62 -37.80 -22.99
C ARG A 924 -5.73 -36.57 -23.01
N SER A 925 -6.05 -35.66 -23.94
CA SER A 925 -5.35 -34.38 -24.03
C SER A 925 -6.32 -33.36 -24.61
N GLU A 926 -6.38 -32.19 -23.99
CA GLU A 926 -7.26 -31.11 -24.44
C GLU A 926 -6.54 -29.79 -24.28
N ASN A 927 -6.94 -28.80 -25.08
CA ASN A 927 -6.45 -27.44 -24.93
C ASN A 927 -7.51 -26.51 -25.51
N SER A 928 -8.29 -25.88 -24.63
CA SER A 928 -9.32 -24.94 -25.00
C SER A 928 -8.88 -23.49 -24.82
N ILE A 929 -7.59 -23.25 -24.59
CA ILE A 929 -7.09 -21.88 -24.44
C ILE A 929 -7.02 -21.25 -25.81
N PHE A 930 -8.06 -20.51 -26.16
CA PHE A 930 -8.31 -20.06 -27.53
C PHE A 930 -8.07 -18.57 -27.63
N PHE A 931 -6.93 -18.17 -28.20
CA PHE A 931 -6.65 -16.76 -28.46
C PHE A 931 -7.49 -16.25 -29.64
N GLU A 932 -8.75 -15.97 -29.34
CA GLU A 932 -9.57 -15.22 -30.28
C GLU A 932 -9.04 -13.80 -30.36
N VAL A 933 -9.02 -13.26 -31.58
CA VAL A 933 -8.32 -12.03 -31.85
C VAL A 933 -9.33 -10.99 -32.32
N ASP A 934 -8.93 -9.74 -32.23
CA ASP A 934 -9.77 -8.62 -32.65
C ASP A 934 -9.21 -8.06 -33.95
N GLY A 935 -10.08 -7.34 -34.67
CA GLY A 935 -9.69 -6.75 -35.93
C GLY A 935 -8.73 -5.60 -35.73
N PRO A 936 -8.25 -5.03 -36.83
CA PRO A 936 -7.33 -3.89 -36.72
C PRO A 936 -8.04 -2.65 -36.18
N TYR A 937 -7.74 -2.29 -34.93
CA TYR A 937 -8.37 -1.15 -34.30
C TYR A 937 -7.71 0.15 -34.75
N LEU A 938 -8.50 1.23 -34.73
CA LEU A 938 -8.05 2.50 -35.29
C LEU A 938 -7.03 3.20 -34.40
N ALA A 939 -7.21 3.16 -33.08
CA ALA A 939 -6.35 3.94 -32.19
C ALA A 939 -6.28 3.28 -30.82
N MET A 940 -5.17 3.52 -30.13
CA MET A 940 -5.02 3.06 -28.76
C MET A 940 -4.07 3.99 -28.02
N ILE A 941 -4.42 4.32 -26.78
CA ILE A 941 -3.66 5.25 -25.96
C ILE A 941 -3.42 4.59 -24.61
N LEU A 942 -2.16 4.61 -24.15
CA LEU A 942 -1.73 4.06 -22.87
C LEU A 942 -1.31 5.17 -21.92
N PRO A 943 -1.74 5.13 -20.67
CA PRO A 943 -1.21 6.04 -19.65
C PRO A 943 -0.07 5.39 -18.87
N ALA A 944 0.69 6.24 -18.19
CA ALA A 944 1.83 5.78 -17.40
C ALA A 944 1.79 6.45 -16.04
N SER A 945 2.41 5.78 -15.06
CA SER A 945 2.40 6.22 -13.67
C SER A 945 3.44 7.33 -13.45
N LYS A 946 3.53 7.76 -12.20
CA LYS A 946 4.51 8.77 -11.79
C LYS A 946 5.62 8.21 -10.91
N GLU A 947 5.73 6.89 -10.82
CA GLU A 947 6.70 6.25 -9.93
C GLU A 947 7.55 5.24 -10.71
N GLU A 948 8.84 5.24 -10.42
CA GLU A 948 9.73 4.22 -10.96
C GLU A 948 9.39 2.85 -10.38
N GLY A 949 9.48 1.83 -11.23
CA GLY A 949 9.18 0.47 -10.79
C GLY A 949 7.71 0.11 -10.76
N LYS A 950 6.91 0.87 -10.01
CA LYS A 950 5.48 0.62 -9.97
C LYS A 950 4.85 1.01 -11.29
N LYS A 951 4.01 0.14 -11.82
CA LYS A 951 3.34 0.33 -13.10
C LYS A 951 1.83 0.24 -12.88
N LEU A 952 1.08 0.93 -13.73
CA LEU A 952 -0.36 1.05 -13.56
C LEU A 952 -1.05 -0.31 -13.68
N LYS A 953 -2.17 -0.44 -12.98
CA LYS A 953 -2.98 -1.66 -12.99
C LYS A 953 -4.24 -1.39 -13.81
N LYS A 954 -4.32 -1.99 -15.00
CA LYS A 954 -5.50 -1.98 -15.85
C LYS A 954 -5.95 -0.56 -16.17
N ARG A 955 -5.11 0.17 -16.90
CA ARG A 955 -5.44 1.49 -17.39
C ARG A 955 -4.97 1.60 -18.84
N TYR A 956 -5.91 1.83 -19.76
CA TYR A 956 -5.62 2.12 -21.16
C TYR A 956 -6.90 2.66 -21.80
N ALA A 957 -6.86 2.83 -23.12
CA ALA A 957 -8.06 3.16 -23.89
C ALA A 957 -7.85 2.70 -25.32
N VAL A 958 -8.86 2.08 -25.91
CA VAL A 958 -8.77 1.63 -27.30
C VAL A 958 -10.03 2.08 -28.03
N PHE A 959 -9.88 2.49 -29.28
CA PHE A 959 -10.92 3.17 -30.02
C PHE A 959 -11.50 2.28 -31.10
N ASN A 960 -12.72 2.60 -31.51
CA ASN A 960 -13.48 1.81 -32.46
C ASN A 960 -13.09 2.22 -33.88
N GLU A 961 -13.14 1.25 -34.79
CA GLU A 961 -12.65 1.47 -36.16
C GLU A 961 -13.46 2.52 -36.90
N ASP A 962 -14.77 2.57 -36.67
CA ASP A 962 -15.62 3.51 -37.41
C ASP A 962 -15.36 4.95 -37.00
N GLY A 963 -14.85 5.18 -35.79
CA GLY A 963 -14.56 6.52 -35.34
C GLY A 963 -15.03 6.80 -33.93
N SER A 964 -15.85 5.90 -33.38
CA SER A 964 -16.35 6.04 -32.03
C SER A 964 -15.35 5.43 -31.06
N LEU A 965 -15.77 5.25 -29.80
CA LEU A 965 -14.96 4.63 -28.78
C LEU A 965 -15.24 3.13 -28.75
N ALA A 966 -14.25 2.35 -28.32
CA ALA A 966 -14.38 0.91 -28.22
C ALA A 966 -14.34 0.39 -26.80
N GLU A 967 -13.27 0.67 -26.03
CA GLU A 967 -13.13 0.01 -24.74
C GLU A 967 -12.22 0.78 -23.80
N LEU A 968 -12.67 0.94 -22.57
CA LEU A 968 -11.88 1.37 -21.42
C LEU A 968 -11.79 0.21 -20.43
N LYS A 969 -11.02 0.42 -19.37
CA LYS A 969 -10.94 -0.56 -18.29
C LYS A 969 -10.33 0.10 -17.06
N GLY A 970 -11.03 0.00 -15.93
CA GLY A 970 -10.49 0.36 -14.62
C GLY A 970 -9.90 1.75 -14.53
N PHE A 971 -10.53 2.72 -15.18
CA PHE A 971 -9.89 3.97 -15.54
C PHE A 971 -10.71 5.13 -14.99
N GLU A 972 -10.14 6.33 -15.02
CA GLU A 972 -10.65 7.46 -14.24
C GLU A 972 -11.52 8.38 -15.10
N VAL A 973 -12.33 7.79 -15.99
CA VAL A 973 -13.26 8.58 -16.77
C VAL A 973 -14.33 9.19 -15.87
N LYS A 974 -14.74 8.46 -14.84
CA LYS A 974 -15.73 8.93 -13.88
C LYS A 974 -15.68 8.03 -12.66
N ARG A 975 -15.76 8.64 -11.47
CA ARG A 975 -15.65 7.88 -10.24
C ARG A 975 -16.35 8.66 -9.13
N ARG A 976 -16.90 7.92 -8.17
CA ARG A 976 -17.50 8.53 -6.99
C ARG A 976 -16.46 9.30 -6.19
N GLY A 977 -16.90 10.41 -5.60
CA GLY A 977 -16.02 11.23 -4.79
C GLY A 977 -14.86 11.83 -5.57
N GLU A 978 -15.11 12.28 -6.79
CA GLU A 978 -14.07 12.83 -7.65
C GLU A 978 -14.52 14.17 -8.20
N LEU A 979 -13.57 15.07 -8.38
CA LEU A 979 -13.85 16.36 -9.02
C LEU A 979 -14.32 16.15 -10.45
N GLN A 980 -15.18 17.02 -10.91
CA GLN A 980 -15.80 16.86 -12.23
C GLN A 980 -15.01 17.53 -13.34
N LEU A 981 -13.97 18.31 -13.02
CA LEU A 981 -13.20 18.98 -14.05
C LEU A 981 -12.35 17.99 -14.86
N ILE A 982 -11.67 17.08 -14.17
CA ILE A 982 -10.79 16.16 -14.87
C ILE A 982 -11.58 15.18 -15.72
N LYS A 983 -12.80 14.82 -15.32
CA LYS A 983 -13.62 13.92 -16.13
C LYS A 983 -13.95 14.54 -17.48
N ILE A 984 -14.42 15.79 -17.49
CA ILE A 984 -14.80 16.42 -18.75
C ILE A 984 -13.56 16.74 -19.59
N PHE A 985 -12.46 17.16 -18.94
CA PHE A 985 -11.21 17.35 -19.67
C PHE A 985 -10.75 16.06 -20.32
N GLN A 986 -10.83 14.96 -19.59
CA GLN A 986 -10.25 13.70 -20.02
C GLN A 986 -11.08 13.08 -21.15
N SER A 987 -12.41 13.16 -21.03
CA SER A 987 -13.28 12.75 -22.13
C SER A 987 -13.11 13.64 -23.35
N SER A 988 -12.92 14.95 -23.15
CA SER A 988 -12.71 15.85 -24.29
C SER A 988 -11.42 15.52 -25.03
N VAL A 989 -10.34 15.25 -24.28
CA VAL A 989 -9.08 14.85 -24.90
C VAL A 989 -9.24 13.55 -25.66
N PHE A 990 -9.96 12.58 -25.08
CA PHE A 990 -10.16 11.31 -25.77
C PHE A 990 -11.00 11.46 -27.03
N GLU A 991 -12.02 12.33 -27.01
CA GLU A 991 -12.91 12.45 -28.15
C GLU A 991 -12.41 13.42 -29.22
N ALA A 992 -11.44 14.27 -28.90
CA ALA A 992 -10.86 15.19 -29.89
C ALA A 992 -9.52 14.69 -30.38
N PHE A 993 -9.39 13.39 -30.61
CA PHE A 993 -8.09 12.74 -30.74
C PHE A 993 -7.77 12.24 -32.15
N LEU A 994 -8.74 11.70 -32.88
CA LEU A 994 -8.44 10.86 -34.04
C LEU A 994 -7.86 11.61 -35.22
N LYS A 995 -7.85 12.94 -35.22
CA LYS A 995 -7.25 13.68 -36.32
C LYS A 995 -5.73 13.73 -36.13
N GLY A 996 -5.01 13.55 -37.22
CA GLY A 996 -3.56 13.52 -37.19
C GLY A 996 -3.00 12.60 -38.27
N SER A 997 -1.72 12.81 -38.57
CA SER A 997 -1.02 12.08 -39.62
C SER A 997 0.23 11.36 -39.14
N THR A 998 0.94 11.91 -38.16
CA THR A 998 2.11 11.29 -37.56
C THR A 998 1.98 11.40 -36.05
N LEU A 999 3.01 10.92 -35.32
CA LEU A 999 2.99 11.05 -33.87
C LEU A 999 3.04 12.50 -33.42
N GLU A 1000 3.87 13.32 -34.09
CA GLU A 1000 3.88 14.74 -33.75
C GLU A 1000 2.55 15.41 -34.08
N GLU A 1001 1.87 14.96 -35.14
CA GLU A 1001 0.59 15.56 -35.50
C GLU A 1001 -0.50 15.19 -34.51
N VAL A 1002 -0.57 13.92 -34.10
CA VAL A 1002 -1.59 13.52 -33.15
C VAL A 1002 -1.30 14.10 -31.77
N TYR A 1003 -0.02 14.23 -31.39
CA TYR A 1003 0.27 14.87 -30.12
C TYR A 1003 0.00 16.37 -30.18
N GLY A 1004 0.14 16.98 -31.35
CA GLY A 1004 -0.30 18.35 -31.53
C GLY A 1004 -1.81 18.50 -31.43
N SER A 1005 -2.56 17.53 -31.94
CA SER A 1005 -4.01 17.61 -31.84
C SER A 1005 -4.47 17.40 -30.40
N VAL A 1006 -3.78 16.55 -29.64
CA VAL A 1006 -4.04 16.45 -28.21
C VAL A 1006 -3.67 17.76 -27.51
N ALA A 1007 -2.53 18.34 -27.86
CA ALA A 1007 -2.11 19.62 -27.31
C ALA A 1007 -3.06 20.75 -27.65
N LYS A 1008 -3.81 20.64 -28.76
CA LYS A 1008 -4.79 21.67 -29.09
C LYS A 1008 -5.88 21.76 -28.03
N VAL A 1009 -6.51 20.64 -27.69
CA VAL A 1009 -7.55 20.67 -26.68
C VAL A 1009 -6.97 20.90 -25.30
N ALA A 1010 -5.74 20.42 -25.04
CA ALA A 1010 -5.09 20.71 -23.76
C ALA A 1010 -4.83 22.22 -23.62
N ASP A 1011 -4.37 22.86 -24.68
CA ASP A 1011 -4.12 24.30 -24.66
C ASP A 1011 -5.43 25.07 -24.51
N TYR A 1012 -6.50 24.60 -25.15
CA TYR A 1012 -7.80 25.23 -24.97
C TYR A 1012 -8.26 25.17 -23.50
N TRP A 1013 -8.11 23.99 -22.87
CA TRP A 1013 -8.56 23.86 -21.49
C TRP A 1013 -7.67 24.65 -20.53
N LEU A 1014 -6.36 24.66 -20.76
CA LEU A 1014 -5.50 25.47 -19.90
C LEU A 1014 -5.70 26.96 -20.13
N ASP A 1015 -6.12 27.36 -21.34
CA ASP A 1015 -6.46 28.76 -21.57
C ASP A 1015 -7.74 29.16 -20.85
N VAL A 1016 -8.75 28.29 -20.89
CA VAL A 1016 -10.00 28.61 -20.19
C VAL A 1016 -9.91 28.37 -18.69
N LEU A 1017 -8.85 27.74 -18.20
CA LEU A 1017 -8.69 27.51 -16.77
C LEU A 1017 -7.66 28.45 -16.14
N TYR A 1018 -6.68 28.95 -16.90
CA TYR A 1018 -5.81 30.03 -16.45
C TYR A 1018 -6.48 31.40 -16.50
N SER A 1019 -7.63 31.53 -17.15
CA SER A 1019 -8.35 32.79 -17.23
C SER A 1019 -9.18 33.07 -15.98
N LYS A 1020 -9.15 32.16 -15.00
CA LYS A 1020 -9.89 32.27 -13.75
C LYS A 1020 -11.39 32.43 -13.99
N ALA A 1021 -11.90 31.67 -14.97
CA ALA A 1021 -13.32 31.60 -15.31
C ALA A 1021 -13.88 32.99 -15.65
N ALA A 1022 -13.34 33.54 -16.74
CA ALA A 1022 -13.66 34.91 -17.13
C ALA A 1022 -15.07 35.00 -17.69
N ASN A 1023 -15.36 34.27 -18.76
CA ASN A 1023 -16.62 34.39 -19.49
C ASN A 1023 -17.32 33.04 -19.60
N MET A 1024 -17.38 32.32 -18.49
CA MET A 1024 -18.06 31.04 -18.43
C MET A 1024 -18.99 31.02 -17.23
N PRO A 1025 -20.11 30.28 -17.31
CA PRO A 1025 -21.13 30.36 -16.25
C PRO A 1025 -20.61 29.88 -14.91
N ASP A 1026 -21.06 30.57 -13.85
CA ASP A 1026 -20.61 30.28 -12.49
C ASP A 1026 -21.25 29.01 -11.96
N SER A 1027 -22.50 28.74 -12.32
CA SER A 1027 -23.19 27.53 -11.84
C SER A 1027 -22.51 26.27 -12.36
N GLU A 1028 -22.13 26.27 -13.64
CA GLU A 1028 -21.46 25.11 -14.22
C GLU A 1028 -20.14 24.83 -13.53
N LEU A 1029 -19.35 25.88 -13.30
CA LEU A 1029 -18.08 25.71 -12.58
C LEU A 1029 -18.29 25.26 -11.15
N PHE A 1030 -19.31 25.81 -10.49
CA PHE A 1030 -19.54 25.51 -9.08
C PHE A 1030 -19.96 24.05 -8.91
N GLU A 1031 -20.80 23.54 -9.81
CA GLU A 1031 -21.07 22.10 -9.84
C GLU A 1031 -19.86 21.32 -10.32
N LEU A 1032 -18.98 21.93 -11.11
CA LEU A 1032 -17.84 21.25 -11.68
C LEU A 1032 -16.73 21.01 -10.67
N ILE A 1033 -16.63 21.84 -9.64
CA ILE A 1033 -15.54 21.74 -8.67
C ILE A 1033 -16.04 21.35 -7.28
N SER A 1034 -17.25 20.82 -7.18
CA SER A 1034 -17.71 20.27 -5.91
C SER A 1034 -17.01 18.95 -5.63
N GLU A 1035 -16.68 18.70 -4.36
CA GLU A 1035 -16.17 17.41 -3.93
C GLU A 1035 -17.04 16.93 -2.77
N ASN A 1036 -17.64 15.75 -2.91
CA ASN A 1036 -18.58 15.24 -1.94
C ASN A 1036 -18.00 14.04 -1.20
N ARG A 1037 -18.10 14.07 0.13
CA ARG A 1037 -17.68 12.96 0.98
C ARG A 1037 -18.85 12.53 1.85
N SER A 1038 -19.07 11.22 1.94
CA SER A 1038 -20.19 10.66 2.68
C SER A 1038 -19.77 10.37 4.11
N MET A 1039 -20.63 10.75 5.06
CA MET A 1039 -20.40 10.50 6.48
C MET A 1039 -21.66 9.93 7.11
N SER A 1040 -21.49 9.02 8.06
CA SER A 1040 -22.59 8.40 8.77
C SER A 1040 -22.10 8.05 10.18
N ARG A 1041 -22.87 7.19 10.86
CA ARG A 1041 -22.48 6.58 12.13
C ARG A 1041 -22.30 7.64 13.22
N LYS A 1042 -23.15 8.67 13.17
CA LYS A 1042 -23.08 9.86 14.02
C LYS A 1042 -21.69 10.48 13.97
N LEU A 1043 -20.97 10.49 15.10
CA LEU A 1043 -19.63 11.07 15.15
C LEU A 1043 -18.60 10.19 15.86
N GLU A 1044 -19.00 9.06 16.42
CA GLU A 1044 -18.09 8.25 17.23
C GLU A 1044 -17.47 7.09 16.47
N ASP A 1045 -17.69 7.00 15.16
CA ASP A 1045 -17.10 5.91 14.39
C ASP A 1045 -15.60 6.07 14.28
N TYR A 1046 -15.13 7.26 13.92
CA TYR A 1046 -13.70 7.48 13.73
C TYR A 1046 -12.94 7.67 15.04
N GLY A 1047 -13.63 8.06 16.11
CA GLY A 1047 -12.98 8.30 17.38
C GLY A 1047 -12.43 9.71 17.51
N GLU A 1048 -11.10 9.83 17.59
CA GLU A 1048 -10.42 11.11 17.73
C GLU A 1048 -9.37 11.21 16.62
N GLN A 1049 -9.78 11.69 15.45
CA GLN A 1049 -8.87 11.83 14.32
C GLN A 1049 -9.36 12.96 13.44
N LYS A 1050 -8.44 13.47 12.60
CA LYS A 1050 -8.69 14.63 11.76
C LYS A 1050 -8.50 14.26 10.30
N SER A 1051 -9.60 14.09 9.58
CA SER A 1051 -9.60 13.96 8.12
C SER A 1051 -10.41 15.11 7.54
N THR A 1052 -10.54 15.12 6.20
CA THR A 1052 -11.29 16.20 5.56
C THR A 1052 -12.78 16.08 5.84
N SER A 1053 -13.32 14.86 5.91
CA SER A 1053 -14.73 14.69 6.24
C SER A 1053 -15.01 15.08 7.68
N ILE A 1054 -14.08 14.77 8.58
CA ILE A 1054 -14.25 15.16 9.98
C ILE A 1054 -14.13 16.67 10.14
N SER A 1055 -13.23 17.29 9.38
CA SER A 1055 -13.11 18.75 9.41
C SER A 1055 -14.37 19.43 8.87
N THR A 1056 -14.94 18.89 7.80
CA THR A 1056 -16.20 19.46 7.32
C THR A 1056 -17.35 19.18 8.29
N ALA A 1057 -17.31 18.06 9.00
CA ALA A 1057 -18.31 17.80 10.03
C ALA A 1057 -18.21 18.83 11.15
N LYS A 1058 -16.99 19.16 11.58
CA LYS A 1058 -16.83 20.23 12.57
C LYS A 1058 -17.23 21.58 12.01
N ARG A 1059 -16.99 21.82 10.71
CA ARG A 1059 -17.37 23.09 10.10
C ARG A 1059 -18.88 23.26 10.08
N LEU A 1060 -19.62 22.20 9.75
CA LEU A 1060 -21.08 22.26 9.85
C LEU A 1060 -21.55 22.26 11.30
N ALA A 1061 -20.76 21.71 12.23
CA ALA A 1061 -21.13 21.80 13.64
C ALA A 1061 -21.09 23.23 14.13
N GLU A 1062 -20.11 24.01 13.69
CA GLU A 1062 -20.00 25.41 14.04
C GLU A 1062 -20.71 26.33 13.05
N PHE A 1063 -21.39 25.77 12.05
CA PHE A 1063 -22.05 26.61 11.04
C PHE A 1063 -23.34 27.20 11.58
N LEU A 1064 -24.31 26.35 11.92
CA LEU A 1064 -25.59 26.83 12.43
C LEU A 1064 -26.05 26.02 13.63
N GLY A 1065 -25.64 24.75 13.70
CA GLY A 1065 -26.08 23.89 14.77
C GLY A 1065 -25.40 22.54 14.69
N ASP A 1066 -25.74 21.68 15.65
CA ASP A 1066 -25.13 20.36 15.76
C ASP A 1066 -26.00 19.27 15.14
N GLN A 1067 -27.31 19.49 15.03
CA GLN A 1067 -28.20 18.44 14.55
C GLN A 1067 -27.96 18.10 13.08
N MET A 1068 -27.35 19.01 12.32
CA MET A 1068 -27.01 18.74 10.93
C MET A 1068 -25.79 17.84 10.79
N VAL A 1069 -25.08 17.56 11.88
CA VAL A 1069 -23.92 16.68 11.85
C VAL A 1069 -24.29 15.39 12.58
N LYS A 1070 -25.23 15.49 13.51
CA LYS A 1070 -25.62 14.34 14.31
C LYS A 1070 -26.28 13.25 13.47
N ASP A 1071 -27.19 13.63 12.58
CA ASP A 1071 -27.88 12.65 11.75
C ASP A 1071 -26.92 12.05 10.74
N ALA A 1072 -27.06 10.74 10.51
CA ALA A 1072 -26.12 9.98 9.71
C ALA A 1072 -26.52 9.96 8.25
N GLY A 1073 -25.64 9.40 7.43
CA GLY A 1073 -25.90 9.23 6.01
C GLY A 1073 -25.98 10.49 5.19
N LEU A 1074 -25.14 11.48 5.49
CA LEU A 1074 -25.14 12.73 4.74
C LEU A 1074 -23.87 12.85 3.91
N SER A 1075 -24.03 13.29 2.66
CA SER A 1075 -22.89 13.56 1.79
C SER A 1075 -22.65 15.07 1.81
N CYS A 1076 -21.51 15.47 2.37
CA CYS A 1076 -21.14 16.87 2.48
C CYS A 1076 -20.32 17.29 1.26
N ARG A 1077 -20.69 18.41 0.66
CA ARG A 1077 -20.00 18.95 -0.49
C ARG A 1077 -19.10 20.10 -0.07
N TYR A 1078 -17.92 20.18 -0.69
CA TYR A 1078 -16.89 21.11 -0.23
C TYR A 1078 -15.90 21.41 -1.34
N ILE A 1079 -15.13 22.48 -1.12
CA ILE A 1079 -14.07 22.96 -1.99
C ILE A 1079 -12.85 23.30 -1.12
N ILE A 1080 -11.67 22.96 -1.61
CA ILE A 1080 -10.41 23.33 -0.97
C ILE A 1080 -10.10 24.78 -1.28
N SER A 1081 -9.89 25.58 -0.25
CA SER A 1081 -9.51 26.98 -0.40
C SER A 1081 -8.00 27.13 -0.21
N ARG A 1082 -7.52 28.37 -0.27
CA ARG A 1082 -6.09 28.62 -0.24
C ARG A 1082 -5.73 29.68 0.80
N LYS A 1083 -6.69 30.55 1.11
CA LYS A 1083 -6.39 31.71 1.97
C LYS A 1083 -5.87 31.35 3.37
N PRO A 1084 -6.37 30.31 4.07
CA PRO A 1084 -5.66 29.93 5.32
C PRO A 1084 -4.39 29.12 5.03
N GLU A 1085 -3.37 29.81 4.54
CA GLU A 1085 -2.13 29.15 4.15
C GLU A 1085 -1.36 28.71 5.39
N GLY A 1086 -0.74 27.53 5.31
CA GLY A 1086 -0.01 26.94 6.40
C GLY A 1086 -0.75 25.84 7.13
N SER A 1087 -2.09 25.87 7.12
CA SER A 1087 -2.86 24.77 7.67
C SER A 1087 -2.75 23.56 6.75
N PRO A 1088 -2.91 22.34 7.28
CA PRO A 1088 -2.86 21.14 6.43
C PRO A 1088 -4.04 21.06 5.47
N VAL A 1089 -4.07 20.00 4.66
CA VAL A 1089 -5.10 19.86 3.64
C VAL A 1089 -6.49 19.69 4.24
N THR A 1090 -6.59 19.17 5.47
CA THR A 1090 -7.89 18.92 6.06
C THR A 1090 -8.57 20.21 6.53
N GLU A 1091 -7.79 21.16 7.05
CA GLU A 1091 -8.36 22.36 7.65
C GLU A 1091 -8.94 23.31 6.61
N ARG A 1092 -8.43 23.28 5.38
CA ARG A 1092 -8.81 24.24 4.35
C ARG A 1092 -9.97 23.77 3.50
N ALA A 1093 -10.58 22.63 3.83
CA ALA A 1093 -11.69 22.07 3.04
C ALA A 1093 -12.98 22.75 3.47
N ILE A 1094 -13.26 23.91 2.89
CA ILE A 1094 -14.45 24.67 3.30
C ILE A 1094 -15.68 24.04 2.64
N PRO A 1095 -16.74 23.79 3.40
CA PRO A 1095 -17.96 23.24 2.80
C PRO A 1095 -18.67 24.27 1.94
N LEU A 1096 -19.80 23.84 1.37
CA LEU A 1096 -20.53 24.69 0.46
C LEU A 1096 -21.80 25.27 1.07
N ALA A 1097 -22.14 24.87 2.30
CA ALA A 1097 -23.23 25.52 3.02
C ALA A 1097 -22.93 26.97 3.34
N ILE A 1098 -21.65 27.33 3.43
CA ILE A 1098 -21.24 28.72 3.55
C ILE A 1098 -21.47 29.50 2.27
N PHE A 1099 -21.72 28.80 1.15
CA PHE A 1099 -22.06 29.45 -0.11
C PHE A 1099 -23.57 29.53 -0.34
N GLN A 1100 -24.38 29.07 0.62
CA GLN A 1100 -25.83 29.03 0.44
C GLN A 1100 -26.58 29.71 1.57
N ALA A 1101 -26.19 30.93 1.93
CA ALA A 1101 -26.85 31.66 3.00
C ALA A 1101 -26.98 33.13 2.58
N GLU A 1102 -27.38 33.97 3.52
CA GLU A 1102 -27.42 35.41 3.30
C GLU A 1102 -25.99 35.94 3.18
N PRO A 1103 -25.71 36.83 2.22
CA PRO A 1103 -24.30 37.21 1.96
C PRO A 1103 -23.56 37.81 3.14
N THR A 1104 -24.21 38.60 3.98
CA THR A 1104 -23.50 39.23 5.10
C THR A 1104 -23.10 38.21 6.15
N VAL A 1105 -23.99 37.27 6.48
CA VAL A 1105 -23.63 36.26 7.47
C VAL A 1105 -22.66 35.25 6.87
N ARG A 1106 -22.69 35.09 5.53
CA ARG A 1106 -21.65 34.34 4.85
C ARG A 1106 -20.29 35.01 5.02
N LYS A 1107 -20.25 36.34 4.90
CA LYS A 1107 -19.01 37.08 5.14
C LYS A 1107 -18.54 36.90 6.57
N HIS A 1108 -19.48 36.90 7.52
CA HIS A 1108 -19.13 36.66 8.91
C HIS A 1108 -18.53 35.27 9.11
N PHE A 1109 -19.14 34.25 8.49
CA PHE A 1109 -18.61 32.88 8.61
C PHE A 1109 -17.23 32.77 7.97
N LEU A 1110 -17.01 33.40 6.81
CA LEU A 1110 -15.71 33.25 6.17
C LEU A 1110 -14.63 34.06 6.88
N ARG A 1111 -15.00 35.17 7.54
CA ARG A 1111 -14.05 35.85 8.43
C ARG A 1111 -13.76 35.00 9.67
N LYS A 1112 -14.76 34.26 10.16
CA LYS A 1112 -14.52 33.36 11.29
C LYS A 1112 -13.58 32.23 10.89
N TRP A 1113 -13.75 31.68 9.70
CA TRP A 1113 -12.95 30.56 9.22
C TRP A 1113 -11.69 31.01 8.49
N LEU A 1114 -11.44 32.31 8.39
CA LEU A 1114 -10.26 32.85 7.75
C LEU A 1114 -9.22 33.35 8.74
N LYS A 1115 -9.61 33.55 10.00
CA LYS A 1115 -8.72 33.93 11.10
C LYS A 1115 -8.07 35.30 10.89
N SER A 1116 -8.71 36.14 10.07
CA SER A 1116 -8.26 37.51 9.87
C SER A 1116 -9.43 38.31 9.31
N SER A 1117 -9.31 39.64 9.41
CA SER A 1117 -10.35 40.53 8.91
C SER A 1117 -9.74 41.78 8.27
N SER A 1118 -8.59 41.64 7.63
CA SER A 1118 -7.90 42.76 6.99
C SER A 1118 -8.25 42.91 5.52
N LEU A 1119 -9.18 42.11 5.01
CA LEU A 1119 -9.58 42.15 3.61
C LEU A 1119 -10.89 42.94 3.49
N GLN A 1120 -11.22 43.32 2.26
CA GLN A 1120 -12.45 44.06 1.99
C GLN A 1120 -13.29 43.43 0.88
N ASP A 1121 -12.70 42.58 0.05
CA ASP A 1121 -13.40 41.94 -1.06
C ASP A 1121 -13.91 40.58 -0.63
N PHE A 1122 -14.98 40.13 -1.29
CA PHE A 1122 -15.61 38.85 -0.99
C PHE A 1122 -15.92 38.09 -2.27
N ASP A 1123 -14.95 38.04 -3.17
CA ASP A 1123 -15.12 37.36 -4.45
C ASP A 1123 -15.11 35.85 -4.26
N ILE A 1124 -16.04 35.17 -4.93
CA ILE A 1124 -16.10 33.71 -4.86
C ILE A 1124 -14.94 33.08 -5.60
N ARG A 1125 -14.46 33.70 -6.67
CA ARG A 1125 -13.41 33.10 -7.48
C ARG A 1125 -12.05 33.18 -6.81
N ALA A 1126 -11.83 34.17 -5.95
CA ALA A 1126 -10.51 34.36 -5.35
C ALA A 1126 -10.23 33.35 -4.25
N ILE A 1127 -11.23 33.01 -3.44
CA ILE A 1127 -11.03 32.13 -2.30
C ILE A 1127 -10.70 30.71 -2.75
N LEU A 1128 -11.15 30.32 -3.95
CA LEU A 1128 -10.88 28.98 -4.46
C LEU A 1128 -9.39 28.77 -4.66
N ASP A 1129 -8.91 27.58 -4.28
CA ASP A 1129 -7.50 27.22 -4.46
C ASP A 1129 -7.27 26.86 -5.93
N TRP A 1130 -6.97 27.91 -6.71
CA TRP A 1130 -6.85 27.73 -8.16
C TRP A 1130 -5.69 26.81 -8.51
N ASP A 1131 -4.55 26.99 -7.83
CA ASP A 1131 -3.37 26.19 -8.12
C ASP A 1131 -3.56 24.74 -7.71
N TYR A 1132 -4.41 24.46 -6.72
CA TYR A 1132 -4.70 23.07 -6.37
C TYR A 1132 -5.37 22.35 -7.53
N TYR A 1133 -6.37 22.98 -8.15
CA TYR A 1133 -7.03 22.36 -9.29
C TYR A 1133 -6.10 22.32 -10.50
N ILE A 1134 -5.23 23.33 -10.63
CA ILE A 1134 -4.25 23.33 -11.71
C ILE A 1134 -3.31 22.14 -11.58
N GLU A 1135 -2.83 21.86 -10.36
CA GLU A 1135 -1.90 20.75 -10.19
C GLU A 1135 -2.63 19.40 -10.23
N ARG A 1136 -3.92 19.36 -9.90
CA ARG A 1136 -4.65 18.10 -10.09
C ARG A 1136 -4.85 17.79 -11.57
N LEU A 1137 -5.26 18.79 -12.36
CA LEU A 1137 -5.33 18.60 -13.80
C LEU A 1137 -3.94 18.30 -14.38
N GLY A 1138 -2.91 18.90 -13.79
CA GLY A 1138 -1.55 18.60 -14.21
C GLY A 1138 -1.15 17.17 -13.93
N SER A 1139 -1.50 16.65 -12.76
CA SER A 1139 -1.21 15.24 -12.45
C SER A 1139 -1.97 14.32 -13.38
N ALA A 1140 -3.22 14.66 -13.69
CA ALA A 1140 -3.99 13.86 -14.64
C ALA A 1140 -3.33 13.83 -16.01
N ILE A 1141 -2.93 15.01 -16.52
CA ILE A 1141 -2.35 15.05 -17.86
C ILE A 1141 -0.93 14.51 -17.86
N GLN A 1142 -0.25 14.50 -16.71
CA GLN A 1142 1.01 13.78 -16.58
C GLN A 1142 0.79 12.29 -16.73
N LYS A 1143 -0.24 11.76 -16.05
CA LYS A 1143 -0.51 10.34 -16.15
C LYS A 1143 -0.95 9.95 -17.56
N ILE A 1144 -1.68 10.82 -18.24
CA ILE A 1144 -2.35 10.44 -19.48
C ILE A 1144 -1.51 10.74 -20.71
N ILE A 1145 -0.86 11.90 -20.78
CA ILE A 1145 -0.27 12.35 -22.03
C ILE A 1145 1.25 12.47 -21.97
N THR A 1146 1.77 13.34 -21.10
CA THR A 1146 3.16 13.77 -21.21
C THR A 1146 4.14 12.65 -20.85
N ILE A 1147 3.92 11.97 -19.72
CA ILE A 1147 4.78 10.84 -19.36
C ILE A 1147 4.66 9.71 -20.37
N PRO A 1148 3.47 9.32 -20.87
CA PRO A 1148 3.45 8.36 -21.98
C PRO A 1148 4.20 8.82 -23.22
N ALA A 1149 4.26 10.13 -23.48
CA ALA A 1149 5.08 10.63 -24.58
C ALA A 1149 6.56 10.47 -24.28
N ALA A 1150 6.96 10.66 -23.03
CA ALA A 1150 8.37 10.67 -22.71
C ALA A 1150 8.98 9.26 -22.73
N LEU A 1151 8.16 8.22 -22.58
CA LEU A 1151 8.68 6.86 -22.77
C LEU A 1151 8.88 6.50 -24.23
N GLN A 1152 8.45 7.35 -25.16
CA GLN A 1152 8.73 7.19 -26.57
C GLN A 1152 9.76 8.22 -27.03
N GLN A 1153 10.31 7.98 -28.22
CA GLN A 1153 11.30 8.89 -28.81
C GLN A 1153 10.57 9.98 -29.59
N VAL A 1154 9.80 10.77 -28.86
CA VAL A 1154 9.02 11.87 -29.44
C VAL A 1154 9.24 13.11 -28.60
N LYS A 1155 8.96 14.26 -29.21
CA LYS A 1155 9.09 15.54 -28.53
C LYS A 1155 8.04 15.65 -27.43
N ASN A 1156 8.37 16.43 -26.40
CA ASN A 1156 7.43 16.69 -25.33
C ASN A 1156 6.16 17.35 -25.87
N PRO A 1157 4.97 16.85 -25.51
CA PRO A 1157 3.74 17.32 -26.17
C PRO A 1157 3.36 18.76 -25.82
N VAL A 1158 3.37 19.10 -24.54
CA VAL A 1158 3.02 20.44 -24.08
C VAL A 1158 4.12 21.01 -23.20
N PRO A 1159 4.65 22.19 -23.51
CA PRO A 1159 5.66 22.81 -22.64
C PRO A 1159 5.06 23.66 -21.52
N ARG A 1160 3.74 23.69 -21.40
CA ARG A 1160 3.09 24.54 -20.40
C ARG A 1160 3.01 23.88 -19.03
N VAL A 1161 3.49 22.65 -18.90
CA VAL A 1161 3.50 21.94 -17.63
C VAL A 1161 4.92 21.41 -17.40
N LYS A 1162 5.30 21.32 -16.12
CA LYS A 1162 6.61 20.81 -15.75
C LYS A 1162 6.59 19.28 -15.80
N HIS A 1163 7.63 18.65 -15.26
CA HIS A 1163 7.77 17.21 -15.30
C HIS A 1163 8.33 16.71 -13.97
N PRO A 1164 8.12 15.44 -13.65
CA PRO A 1164 8.81 14.86 -12.48
C PRO A 1164 10.32 14.91 -12.66
N ASP A 1165 11.02 15.03 -11.54
CA ASP A 1165 12.47 15.22 -11.57
C ASP A 1165 13.18 14.01 -12.16
N TRP A 1166 12.71 12.79 -11.82
CA TRP A 1166 13.29 11.59 -12.42
C TRP A 1166 13.08 11.58 -13.93
N LEU A 1167 11.90 12.01 -14.39
CA LEU A 1167 11.64 12.07 -15.82
C LEU A 1167 12.54 13.10 -16.49
N HIS A 1168 12.74 14.25 -15.85
CA HIS A 1168 13.57 15.30 -16.43
C HIS A 1168 15.02 14.84 -16.52
N LYS A 1169 15.52 14.14 -15.50
CA LYS A 1169 16.90 13.70 -15.56
C LYS A 1169 17.10 12.54 -16.54
N LYS A 1170 16.11 11.66 -16.68
CA LYS A 1170 16.20 10.64 -17.74
C LYS A 1170 16.15 11.27 -19.12
N LEU A 1171 15.34 12.31 -19.31
CA LEU A 1171 15.29 13.00 -20.59
C LEU A 1171 16.60 13.71 -20.89
N LEU A 1172 17.24 14.30 -19.87
CA LEU A 1172 18.52 14.96 -20.09
C LEU A 1172 19.66 13.97 -20.26
N GLU A 1173 19.53 12.77 -19.69
CA GLU A 1173 20.59 11.78 -19.76
C GLU A 1173 20.50 10.91 -21.01
N LYS A 1174 19.29 10.78 -21.58
CA LYS A 1174 19.11 9.93 -22.75
C LYS A 1174 19.79 10.50 -23.99
N ASN A 1175 19.76 11.82 -24.15
CA ASN A 1175 20.12 12.47 -25.41
C ASN A 1175 21.56 12.99 -25.41
N ASP A 1176 22.48 12.28 -24.78
CA ASP A 1176 23.89 12.64 -24.78
C ASP A 1176 24.70 11.53 -25.45
N VAL A 1177 25.54 11.91 -26.41
CA VAL A 1177 26.44 10.94 -27.05
C VAL A 1177 27.62 10.59 -26.17
N TYR A 1178 27.91 11.41 -25.15
CA TYR A 1178 28.97 11.15 -24.20
C TYR A 1178 28.52 10.25 -23.06
N LYS A 1179 27.51 9.41 -23.29
CA LYS A 1179 26.80 8.75 -22.20
C LYS A 1179 27.59 7.57 -21.63
N GLN A 1180 27.88 6.57 -22.45
CA GLN A 1180 28.47 5.34 -21.92
C GLN A 1180 29.42 4.71 -22.92
N LYS A 1181 30.64 4.41 -22.46
CA LYS A 1181 31.58 3.55 -23.17
C LYS A 1181 32.13 2.55 -22.15
N LYS A 1182 31.91 1.27 -22.39
CA LYS A 1182 32.37 0.25 -21.47
C LYS A 1182 33.87 0.02 -21.61
N ILE A 1183 34.35 -1.03 -20.93
CA ILE A 1183 35.75 -1.42 -21.06
C ILE A 1183 35.94 -2.80 -21.70
N SER A 1184 34.92 -3.65 -21.70
CA SER A 1184 35.08 -4.99 -22.26
C SER A 1184 35.15 -4.96 -23.79
N GLU A 1185 34.28 -4.18 -24.43
CA GLU A 1185 34.29 -4.09 -25.88
C GLU A 1185 35.13 -2.93 -26.40
N LEU A 1186 35.43 -1.94 -25.57
CA LEU A 1186 36.21 -0.82 -26.04
C LEU A 1186 37.71 -1.07 -25.89
N PHE A 1187 38.10 -1.94 -24.95
CA PHE A 1187 39.49 -2.33 -24.80
C PHE A 1187 39.59 -3.82 -24.54
N THR A 1188 40.75 -4.39 -24.90
CA THR A 1188 40.92 -5.83 -24.95
C THR A 1188 40.99 -6.44 -23.55
N LEU A 1189 40.23 -7.52 -23.36
CA LEU A 1189 40.21 -8.27 -22.12
C LEU A 1189 41.25 -9.38 -22.16
N GLU A 1190 41.83 -9.71 -21.01
CA GLU A 1190 42.94 -10.64 -20.97
C GLU A 1190 42.50 -12.09 -21.13
N GLY A 1191 41.25 -12.42 -20.84
CA GLY A 1191 40.76 -13.76 -21.09
C GLY A 1191 39.74 -14.19 -20.06
N ARG A 1192 39.61 -15.51 -19.93
CA ARG A 1192 38.60 -16.17 -19.13
C ARG A 1192 39.25 -16.85 -17.93
N ARG A 1193 38.77 -16.55 -16.73
CA ARG A 1193 39.30 -17.15 -15.52
C ARG A 1193 38.27 -17.05 -14.41
N GLN A 1194 38.08 -18.15 -13.67
CA GLN A 1194 37.12 -18.23 -12.59
C GLN A 1194 37.77 -18.84 -11.35
N VAL A 1195 37.31 -18.41 -10.18
CA VAL A 1195 37.96 -18.80 -8.93
C VAL A 1195 37.51 -20.20 -8.50
N THR A 1196 38.44 -20.94 -7.89
CA THR A 1196 38.23 -22.30 -7.44
C THR A 1196 38.15 -22.34 -5.92
N MET A 1197 38.16 -23.55 -5.38
CA MET A 1197 38.19 -23.76 -3.94
C MET A 1197 39.44 -23.14 -3.33
N ALA A 1198 39.26 -22.46 -2.19
CA ALA A 1198 40.34 -21.83 -1.42
C ALA A 1198 41.18 -20.87 -2.26
N MET B 1 5.83 18.08 51.07
CA MET B 1 7.09 18.79 50.90
C MET B 1 8.25 17.81 50.67
N PHE B 2 8.85 17.90 49.47
CA PHE B 2 10.01 17.08 49.13
C PHE B 2 10.94 17.94 48.29
N GLU B 3 12.13 18.19 48.80
CA GLU B 3 13.09 19.11 48.21
C GLU B 3 14.44 18.43 48.14
N ALA B 4 14.86 18.06 46.93
CA ALA B 4 16.10 17.30 46.76
C ALA B 4 17.06 18.06 45.85
N ARG B 5 18.21 18.44 46.41
CA ARG B 5 19.30 19.11 45.72
C ARG B 5 20.33 18.08 45.27
N LEU B 6 21.00 18.37 44.16
CA LEU B 6 22.14 17.57 43.72
C LEU B 6 23.02 18.43 42.82
N VAL B 7 24.28 18.61 43.25
CA VAL B 7 25.17 19.57 42.60
C VAL B 7 25.47 19.17 41.16
N GLN B 8 25.83 17.90 40.94
CA GLN B 8 26.12 17.43 39.60
C GLN B 8 24.85 16.87 38.96
N GLY B 9 24.59 17.28 37.73
CA GLY B 9 23.45 16.81 36.99
C GLY B 9 23.76 15.78 35.94
N SER B 10 25.03 15.40 35.78
CA SER B 10 25.40 14.47 34.73
C SER B 10 24.82 13.08 34.98
N ILE B 11 25.00 12.54 36.18
CA ILE B 11 24.64 11.15 36.42
C ILE B 11 23.13 10.97 36.43
N LEU B 12 22.40 11.92 37.03
CA LEU B 12 20.95 11.91 36.96
C LEU B 12 20.43 12.52 35.66
N LYS B 13 21.26 12.57 34.62
CA LYS B 13 20.90 12.75 33.23
C LYS B 13 21.08 11.42 32.47
N LYS B 14 22.24 10.80 32.68
CA LYS B 14 22.61 9.60 31.95
C LYS B 14 21.84 8.37 32.40
N VAL B 15 21.44 8.31 33.69
CA VAL B 15 20.70 7.14 34.15
C VAL B 15 19.37 7.02 33.40
N LEU B 16 18.64 8.13 33.26
CA LEU B 16 17.36 8.05 32.57
C LEU B 16 17.49 8.21 31.07
N GLU B 17 18.64 8.70 30.56
CA GLU B 17 18.89 8.54 29.13
C GLU B 17 19.06 7.07 28.77
N ALA B 18 19.76 6.30 29.61
CA ALA B 18 19.88 4.87 29.39
C ALA B 18 18.55 4.15 29.62
N LEU B 19 17.77 4.60 30.59
CA LEU B 19 16.46 4.01 30.82
C LEU B 19 15.43 4.41 29.76
N LYS B 20 15.70 5.47 29.00
CA LYS B 20 14.69 6.00 28.07
C LYS B 20 14.36 5.02 26.95
N ASP B 21 15.38 4.53 26.24
CA ASP B 21 15.12 3.76 25.02
C ASP B 21 14.65 2.34 25.31
N LEU B 22 14.73 1.88 26.55
CA LEU B 22 14.39 0.49 26.85
C LEU B 22 13.09 0.34 27.60
N ILE B 23 12.63 1.36 28.34
CA ILE B 23 11.43 1.27 29.16
C ILE B 23 10.53 2.45 28.80
N ASN B 24 9.23 2.19 28.67
CA ASN B 24 8.27 3.22 28.32
C ASN B 24 7.38 3.66 29.48
N GLU B 25 7.71 3.27 30.72
CA GLU B 25 6.91 3.60 31.89
C GLU B 25 7.81 3.57 33.12
N ALA B 26 7.28 4.00 34.26
CA ALA B 26 8.05 3.95 35.49
C ALA B 26 7.12 3.88 36.69
N CYS B 27 7.67 3.46 37.82
CA CYS B 27 6.96 3.40 39.09
C CYS B 27 7.91 3.90 40.17
N TRP B 28 7.89 5.21 40.40
CA TRP B 28 8.81 5.84 41.34
C TRP B 28 8.50 5.41 42.77
N ASP B 29 9.54 5.06 43.52
CA ASP B 29 9.42 4.65 44.92
C ASP B 29 10.33 5.56 45.74
N ILE B 30 9.75 6.56 46.39
CA ILE B 30 10.48 7.51 47.21
C ILE B 30 10.29 7.09 48.66
N SER B 31 11.33 6.49 49.23
CA SER B 31 11.30 5.97 50.59
C SER B 31 12.39 6.67 51.41
N SER B 32 12.44 6.32 52.71
CA SER B 32 13.46 6.89 53.58
C SER B 32 14.86 6.43 53.19
N SER B 33 14.97 5.25 52.56
CA SER B 33 16.28 4.78 52.12
C SER B 33 16.82 5.61 50.95
N GLY B 34 15.94 6.13 50.12
CA GLY B 34 16.35 6.94 48.99
C GLY B 34 15.29 6.91 47.90
N VAL B 35 15.76 6.80 46.66
CA VAL B 35 14.91 6.79 45.48
C VAL B 35 15.12 5.47 44.76
N ASN B 36 14.02 4.81 44.38
CA ASN B 36 14.08 3.58 43.62
C ASN B 36 13.18 3.68 42.40
N LEU B 37 13.59 3.02 41.33
CA LEU B 37 12.78 2.84 40.14
C LEU B 37 13.01 1.40 39.71
N GLN B 38 12.16 0.50 40.19
CA GLN B 38 12.17 -0.90 39.81
C GLN B 38 11.09 -1.11 38.75
N SER B 39 11.51 -1.35 37.51
CA SER B 39 10.57 -1.33 36.40
C SER B 39 10.82 -2.50 35.46
N MET B 40 9.75 -2.91 34.79
CA MET B 40 9.81 -3.85 33.70
C MET B 40 9.76 -3.07 32.39
N ASP B 41 10.30 -3.66 31.34
CA ASP B 41 10.19 -3.05 30.02
C ASP B 41 9.02 -3.67 29.26
N SER B 42 8.92 -3.37 27.96
CA SER B 42 7.81 -3.86 27.16
C SER B 42 7.85 -5.37 26.99
N SER B 43 9.04 -5.97 26.93
CA SER B 43 9.13 -7.40 26.68
C SER B 43 8.80 -8.25 27.89
N HIS B 44 8.89 -7.68 29.10
CA HIS B 44 8.70 -8.41 30.35
C HIS B 44 9.63 -9.62 30.45
N VAL B 45 10.84 -9.47 29.91
CA VAL B 45 11.89 -10.47 30.08
C VAL B 45 13.14 -9.90 30.75
N SER B 46 13.11 -8.64 31.17
CA SER B 46 14.26 -8.00 31.79
C SER B 46 13.78 -7.03 32.86
N LEU B 47 14.70 -6.67 33.75
CA LEU B 47 14.42 -5.83 34.91
C LEU B 47 15.36 -4.64 34.91
N VAL B 48 14.87 -3.49 35.35
CA VAL B 48 15.73 -2.32 35.53
C VAL B 48 15.54 -1.77 36.94
N GLN B 49 16.63 -1.35 37.57
CA GLN B 49 16.61 -0.88 38.94
C GLN B 49 17.50 0.35 39.06
N LEU B 50 16.89 1.53 39.15
CA LEU B 50 17.62 2.74 39.47
C LEU B 50 17.58 2.94 40.98
N THR B 51 18.75 2.95 41.63
CA THR B 51 18.84 3.18 43.06
C THR B 51 19.66 4.43 43.29
N LEU B 52 19.09 5.40 43.99
CA LEU B 52 19.76 6.64 44.34
C LEU B 52 19.68 6.82 45.84
N ARG B 53 20.76 6.52 46.55
CA ARG B 53 20.73 6.54 48.00
C ARG B 53 20.57 7.97 48.53
N SER B 54 20.00 8.07 49.73
CA SER B 54 19.64 9.37 50.29
C SER B 54 20.87 10.22 50.61
N GLU B 55 21.93 9.60 51.15
CA GLU B 55 23.08 10.37 51.61
C GLU B 55 23.92 10.92 50.45
N GLY B 56 23.72 10.39 49.24
CA GLY B 56 24.45 10.93 48.10
C GLY B 56 24.05 12.36 47.79
N PHE B 57 22.76 12.66 47.88
CA PHE B 57 22.31 14.04 47.78
C PHE B 57 22.80 14.84 48.98
N ASP B 58 23.12 16.11 48.74
CA ASP B 58 23.59 16.96 49.82
C ASP B 58 22.48 17.23 50.84
N THR B 59 21.27 17.49 50.36
CA THR B 59 20.11 17.73 51.23
C THR B 59 18.95 16.90 50.71
N TYR B 60 18.54 15.88 51.47
CA TYR B 60 17.46 15.00 51.06
C TYR B 60 16.85 14.36 52.31
N ARG B 61 15.53 14.45 52.42
CA ARG B 61 14.82 13.89 53.56
C ARG B 61 13.41 13.51 53.12
N CYS B 62 12.82 12.56 53.85
CA CYS B 62 11.49 12.07 53.57
C CYS B 62 10.71 11.91 54.86
N ASP B 63 9.39 11.94 54.76
CA ASP B 63 8.50 11.74 55.90
C ASP B 63 7.59 10.53 55.76
N ARG B 64 7.40 10.03 54.53
CA ARG B 64 6.62 8.83 54.30
C ARG B 64 7.01 8.26 52.94
N ASN B 65 6.63 7.00 52.72
CA ASN B 65 6.94 6.33 51.46
C ASN B 65 5.89 6.67 50.40
N LEU B 66 6.35 6.95 49.19
CA LEU B 66 5.49 7.31 48.08
C LEU B 66 5.75 6.37 46.91
N ALA B 67 4.68 5.94 46.24
CA ALA B 67 4.77 5.14 45.02
C ALA B 67 3.99 5.87 43.94
N MET B 68 4.70 6.61 43.09
CA MET B 68 4.07 7.44 42.06
C MET B 68 4.57 6.97 40.69
N GLY B 69 3.68 6.37 39.92
CA GLY B 69 4.04 5.75 38.65
C GLY B 69 3.86 6.58 37.39
N VAL B 70 4.59 7.69 37.28
CA VAL B 70 4.66 8.38 36.00
C VAL B 70 5.43 7.53 35.00
N ASN B 71 5.11 7.69 33.72
CA ASN B 71 5.89 7.04 32.69
C ASN B 71 7.31 7.61 32.66
N LEU B 72 8.20 6.91 31.96
CA LEU B 72 9.61 7.24 31.95
C LEU B 72 10.09 7.89 30.66
N THR B 73 9.44 7.59 29.53
CA THR B 73 9.82 8.22 28.27
C THR B 73 9.58 9.73 28.33
N SER B 74 8.46 10.15 28.92
CA SER B 74 8.18 11.58 29.03
C SER B 74 9.18 12.28 29.93
N MET B 75 9.58 11.62 31.03
CA MET B 75 10.55 12.22 31.95
C MET B 75 11.91 12.40 31.30
N SER B 76 12.39 11.38 30.60
CA SER B 76 13.67 11.52 29.90
C SER B 76 13.56 12.41 28.67
N LYS B 77 12.35 12.64 28.16
CA LYS B 77 12.17 13.66 27.14
C LYS B 77 12.26 15.06 27.72
N ILE B 78 11.68 15.28 28.89
CA ILE B 78 11.63 16.63 29.43
C ILE B 78 12.92 17.01 30.17
N LEU B 79 13.66 16.03 30.69
CA LEU B 79 14.81 16.36 31.53
C LEU B 79 16.07 16.64 30.73
N LYS B 80 16.06 16.45 29.41
CA LYS B 80 17.22 16.76 28.57
C LYS B 80 17.54 18.26 28.49
N CYS B 81 16.82 19.16 29.16
CA CYS B 81 17.01 20.59 28.94
C CYS B 81 18.39 21.05 29.43
N ALA B 82 18.73 20.75 30.67
CA ALA B 82 19.97 21.22 31.26
C ALA B 82 21.16 20.45 30.67
N GLY B 83 22.34 20.73 31.20
CA GLY B 83 23.56 20.06 30.78
C GLY B 83 23.99 19.00 31.76
N ASN B 84 25.27 18.61 31.65
CA ASN B 84 25.86 17.66 32.59
C ASN B 84 26.55 18.34 33.76
N GLU B 85 26.67 19.67 33.75
CA GLU B 85 27.24 20.41 34.86
C GLU B 85 26.20 21.13 35.69
N ASP B 86 24.93 21.08 35.28
CA ASP B 86 23.89 21.87 35.93
C ASP B 86 23.46 21.21 37.25
N ILE B 87 23.10 22.05 38.22
CA ILE B 87 22.65 21.59 39.52
C ILE B 87 21.16 21.29 39.44
N ILE B 88 20.77 20.07 39.82
CA ILE B 88 19.40 19.63 39.65
C ILE B 88 18.70 19.61 41.01
N THR B 89 17.37 19.67 40.96
CA THR B 89 16.54 19.71 42.16
C THR B 89 15.16 19.15 41.79
N LEU B 90 14.61 18.34 42.68
CA LEU B 90 13.24 17.89 42.52
C LEU B 90 12.40 18.36 43.70
N ARG B 91 11.22 18.90 43.39
CA ARG B 91 10.30 19.46 44.36
C ARG B 91 8.94 18.82 44.17
N ALA B 92 8.37 18.34 45.27
CA ALA B 92 7.10 17.61 45.23
C ALA B 92 6.38 17.83 46.55
N GLU B 93 5.18 17.27 46.67
CA GLU B 93 4.36 17.33 47.87
C GLU B 93 4.13 15.92 48.40
N ASP B 94 3.43 15.83 49.54
CA ASP B 94 3.12 14.52 50.12
C ASP B 94 2.02 13.82 49.34
N ASN B 95 1.22 14.56 48.58
CA ASN B 95 0.17 14.02 47.72
C ASN B 95 0.15 14.78 46.40
N ALA B 96 1.34 15.02 45.84
CA ALA B 96 1.45 15.82 44.64
C ALA B 96 0.90 15.08 43.43
N ASP B 97 0.10 15.79 42.64
CA ASP B 97 -0.37 15.27 41.36
C ASP B 97 0.56 15.63 40.21
N THR B 98 1.55 16.49 40.46
CA THR B 98 2.50 16.93 39.44
C THR B 98 3.75 17.44 40.16
N LEU B 99 4.90 16.85 39.88
CA LEU B 99 6.14 17.28 40.51
C LEU B 99 6.87 18.27 39.61
N ALA B 100 7.85 18.96 40.20
CA ALA B 100 8.60 19.99 39.51
C ALA B 100 10.09 19.68 39.57
N LEU B 101 10.79 20.05 38.50
CA LEU B 101 12.23 19.87 38.40
C LEU B 101 12.89 21.22 38.16
N VAL B 102 13.79 21.60 39.05
CA VAL B 102 14.52 22.86 38.98
C VAL B 102 15.93 22.56 38.51
N PHE B 103 16.38 23.26 37.47
CA PHE B 103 17.72 23.11 36.93
C PHE B 103 18.42 24.45 37.05
N GLU B 104 19.28 24.60 38.06
CA GLU B 104 20.01 25.83 38.31
C GLU B 104 21.42 25.75 37.71
N ALA B 105 21.81 26.80 37.02
CA ALA B 105 23.12 26.85 36.38
C ALA B 105 24.23 26.95 37.41
N PRO B 106 25.49 26.66 37.02
CA PRO B 106 26.61 26.88 37.96
C PRO B 106 26.74 28.33 38.43
N ASN B 107 26.39 29.31 37.60
CA ASN B 107 26.37 30.69 38.05
C ASN B 107 25.06 31.07 38.72
N GLN B 108 24.17 30.09 38.94
CA GLN B 108 22.88 30.30 39.60
C GLN B 108 22.01 31.30 38.85
N GLU B 109 22.07 31.26 37.52
CA GLU B 109 21.29 32.17 36.70
C GLU B 109 20.24 31.44 35.86
N LYS B 110 20.64 30.47 35.05
CA LYS B 110 19.69 29.70 34.26
C LYS B 110 19.01 28.72 35.20
N VAL B 111 17.82 29.10 35.69
CA VAL B 111 17.07 28.32 36.67
C VAL B 111 15.76 27.87 36.04
N SER B 112 15.42 26.61 36.25
CA SER B 112 14.28 25.98 35.58
C SER B 112 13.18 25.64 36.57
N ASP B 113 11.99 25.35 36.03
CA ASP B 113 10.93 24.68 36.77
C ASP B 113 10.06 23.95 35.73
N TYR B 114 10.29 22.66 35.59
CA TYR B 114 9.68 21.86 34.53
C TYR B 114 8.77 20.82 35.16
N GLU B 115 7.52 20.76 34.67
CA GLU B 115 6.51 19.90 35.27
C GLU B 115 5.74 19.19 34.17
N MET B 116 5.12 18.06 34.54
CA MET B 116 4.44 17.21 33.57
C MET B 116 3.29 16.50 34.26
N LYS B 117 2.32 16.06 33.46
CA LYS B 117 1.21 15.29 34.00
C LYS B 117 1.68 13.93 34.48
N LEU B 118 1.08 13.47 35.58
CA LEU B 118 1.47 12.21 36.21
C LEU B 118 0.28 11.27 36.24
N MET B 119 0.54 9.98 36.08
CA MET B 119 -0.46 8.95 36.22
C MET B 119 0.06 7.89 37.18
N ASP B 120 -0.75 6.86 37.39
CA ASP B 120 -0.35 5.70 38.19
C ASP B 120 -0.75 4.42 37.49
N LEU B 121 0.06 3.38 37.71
CA LEU B 121 -0.18 2.08 37.12
C LEU B 121 0.20 1.02 38.15
N ASP B 122 0.32 -0.23 37.70
CA ASP B 122 0.72 -1.32 38.59
C ASP B 122 2.13 -1.09 39.10
N VAL B 123 2.27 -1.01 40.41
CA VAL B 123 3.56 -0.81 41.07
C VAL B 123 3.87 -2.08 41.85
N GLU B 124 4.91 -2.80 41.42
CA GLU B 124 5.31 -4.04 42.04
C GLU B 124 6.81 -4.05 42.26
N GLN B 125 7.23 -4.69 43.35
CA GLN B 125 8.64 -4.86 43.69
C GLN B 125 8.94 -6.35 43.56
N LEU B 126 9.55 -6.73 42.45
CA LEU B 126 9.95 -8.12 42.25
C LEU B 126 11.22 -8.43 43.03
N GLY B 127 11.48 -9.71 43.23
CA GLY B 127 12.66 -10.16 43.93
C GLY B 127 13.96 -9.75 43.26
N ILE B 128 14.86 -9.15 44.03
CA ILE B 128 16.17 -8.75 43.53
C ILE B 128 17.22 -9.48 44.36
N PRO B 129 17.52 -10.75 44.04
CA PRO B 129 18.48 -11.51 44.85
C PRO B 129 19.92 -11.17 44.45
N GLU B 130 20.73 -10.85 45.45
CA GLU B 130 22.16 -10.59 45.24
C GLU B 130 22.92 -11.90 45.43
N GLN B 131 22.61 -12.86 44.57
CA GLN B 131 23.22 -14.17 44.62
C GLN B 131 24.70 -14.06 44.23
N GLU B 132 25.50 -14.97 44.78
CA GLU B 132 26.94 -14.97 44.54
C GLU B 132 27.21 -15.29 43.08
N TYR B 133 27.56 -14.25 42.31
CA TYR B 133 27.77 -14.41 40.88
C TYR B 133 29.03 -15.22 40.61
N SER B 134 28.99 -16.04 39.56
CA SER B 134 30.13 -16.87 39.22
C SER B 134 31.25 -16.06 38.57
N CYS B 135 30.87 -15.17 37.66
CA CYS B 135 31.86 -14.35 36.93
C CYS B 135 31.49 -12.87 37.05
N VAL B 136 32.38 -12.05 37.60
CA VAL B 136 32.14 -10.61 37.65
C VAL B 136 33.31 -9.89 37.02
N VAL B 137 33.03 -9.10 35.99
CA VAL B 137 34.08 -8.46 35.19
C VAL B 137 33.80 -6.97 35.09
N LYS B 138 34.85 -6.16 35.21
CA LYS B 138 34.76 -4.70 35.15
C LYS B 138 35.61 -4.22 33.98
N MET B 139 34.99 -3.49 33.06
CA MET B 139 35.63 -2.98 31.87
C MET B 139 35.34 -1.50 31.77
N PRO B 140 36.21 -0.71 31.12
CA PRO B 140 35.86 0.67 30.82
C PRO B 140 34.63 0.74 29.91
N SER B 141 33.85 1.80 30.08
CA SER B 141 32.58 1.89 29.35
C SER B 141 32.80 2.13 27.86
N GLY B 142 33.81 2.91 27.50
CA GLY B 142 34.08 3.16 26.09
C GLY B 142 34.46 1.92 25.32
N GLU B 143 35.35 1.11 25.89
CA GLU B 143 35.77 -0.14 25.24
C GLU B 143 34.60 -1.12 25.12
N PHE B 144 33.81 -1.26 26.18
CA PHE B 144 32.69 -2.20 26.13
C PHE B 144 31.62 -1.73 25.15
N ALA B 145 31.37 -0.42 25.10
CA ALA B 145 30.43 0.11 24.11
C ALA B 145 30.93 -0.12 22.69
N ARG B 146 32.23 0.12 22.47
CA ARG B 146 32.80 -0.13 21.16
C ARG B 146 32.70 -1.59 20.77
N ILE B 147 32.92 -2.50 21.72
CA ILE B 147 32.90 -3.91 21.33
C ILE B 147 31.48 -4.41 21.15
N CYS B 148 30.51 -3.83 21.85
CA CYS B 148 29.12 -4.23 21.61
C CYS B 148 28.62 -3.70 20.27
N ARG B 149 28.90 -2.43 19.96
CA ARG B 149 28.59 -1.91 18.64
C ARG B 149 29.35 -2.66 17.54
N ASP B 150 30.55 -3.13 17.87
CA ASP B 150 31.33 -3.95 16.95
C ASP B 150 30.62 -5.26 16.63
N LEU B 151 30.21 -5.99 17.64
CA LEU B 151 29.62 -7.30 17.41
C LEU B 151 28.16 -7.24 17.01
N SER B 152 27.52 -6.06 17.09
CA SER B 152 26.15 -5.96 16.62
C SER B 152 26.04 -6.07 15.11
N HIS B 153 27.10 -5.70 14.38
CA HIS B 153 27.05 -5.75 12.92
C HIS B 153 27.13 -7.19 12.40
N ILE B 154 27.99 -8.00 13.01
CA ILE B 154 28.23 -9.35 12.51
C ILE B 154 27.00 -10.23 12.73
N GLY B 155 26.43 -10.19 13.93
CA GLY B 155 25.29 -11.03 14.22
C GLY B 155 24.22 -10.37 15.07
N ASP B 156 23.35 -11.19 15.66
CA ASP B 156 22.28 -10.70 16.53
C ASP B 156 22.36 -11.31 17.92
N ALA B 157 23.50 -11.92 18.26
CA ALA B 157 23.71 -12.51 19.58
C ALA B 157 25.20 -12.65 19.81
N VAL B 158 25.62 -12.47 21.06
CA VAL B 158 27.02 -12.66 21.43
C VAL B 158 27.12 -13.69 22.54
N VAL B 159 28.00 -14.63 22.37
CA VAL B 159 28.31 -15.58 23.43
C VAL B 159 29.54 -15.09 24.18
N ILE B 160 29.44 -15.08 25.50
CA ILE B 160 30.46 -14.55 26.39
C ILE B 160 31.02 -15.71 27.18
N SER B 161 32.35 -15.78 27.26
CA SER B 161 33.07 -16.77 28.04
C SER B 161 33.88 -16.07 29.12
N CYS B 162 33.71 -16.57 30.35
CA CYS B 162 34.51 -16.07 31.49
C CYS B 162 35.49 -17.19 31.88
N ALA B 163 36.78 -16.88 31.97
CA ALA B 163 37.80 -17.87 32.28
C ALA B 163 38.80 -17.27 33.25
N LYS B 164 39.84 -18.05 33.56
CA LYS B 164 40.88 -17.58 34.46
C LYS B 164 41.65 -16.41 33.87
N ASP B 165 41.91 -16.44 32.56
CA ASP B 165 42.66 -15.40 31.88
C ASP B 165 41.88 -14.11 31.71
N GLY B 166 40.57 -14.21 31.44
CA GLY B 166 39.78 -13.02 31.22
C GLY B 166 38.43 -13.27 30.59
N VAL B 167 38.06 -12.41 29.63
CA VAL B 167 36.73 -12.43 29.03
C VAL B 167 36.89 -12.66 27.53
N LYS B 168 35.92 -13.36 26.94
CA LYS B 168 35.93 -13.69 25.52
C LYS B 168 34.55 -13.39 24.94
N PHE B 169 34.46 -12.29 24.19
CA PHE B 169 33.30 -12.00 23.37
C PHE B 169 33.35 -12.85 22.11
N SER B 170 32.18 -13.26 21.61
CA SER B 170 32.13 -13.88 20.30
C SER B 170 30.77 -13.59 19.67
N ALA B 171 30.78 -13.34 18.37
CA ALA B 171 29.54 -13.08 17.64
C ALA B 171 29.58 -13.83 16.31
N SER B 172 28.59 -14.67 16.07
CA SER B 172 28.51 -15.46 14.85
C SER B 172 27.47 -14.86 13.91
N GLY B 173 27.58 -15.22 12.64
CA GLY B 173 26.65 -14.72 11.64
C GLY B 173 27.13 -15.07 10.25
N GLU B 174 26.50 -14.42 9.26
CA GLU B 174 26.86 -14.66 7.86
C GLU B 174 28.17 -13.99 7.47
N LEU B 175 28.69 -13.08 8.28
CA LEU B 175 30.02 -12.53 8.08
C LEU B 175 31.10 -13.38 8.74
N GLY B 176 30.74 -14.47 9.39
CA GLY B 176 31.73 -15.28 10.06
C GLY B 176 31.85 -14.93 11.53
N ASN B 177 32.25 -15.92 12.32
CA ASN B 177 32.36 -15.73 13.76
C ASN B 177 33.57 -14.85 14.09
N GLY B 178 33.33 -13.85 14.93
CA GLY B 178 34.40 -12.99 15.41
C GLY B 178 34.51 -13.04 16.92
N ASN B 179 35.69 -13.34 17.44
CA ASN B 179 35.91 -13.45 18.87
C ASN B 179 36.98 -12.47 19.33
N ILE B 180 36.74 -11.88 20.49
CA ILE B 180 37.57 -10.82 21.04
C ILE B 180 37.93 -11.20 22.48
N LYS B 181 39.23 -11.32 22.76
CA LYS B 181 39.72 -11.82 24.04
C LYS B 181 40.42 -10.70 24.79
N LEU B 182 40.03 -10.49 26.05
CA LEU B 182 40.66 -9.51 26.92
C LEU B 182 41.18 -10.19 28.17
N SER B 183 42.45 -9.97 28.48
CA SER B 183 43.09 -10.42 29.71
C SER B 183 43.15 -9.26 30.70
N GLN B 184 43.48 -9.58 31.95
CA GLN B 184 43.54 -8.58 33.02
C GLN B 184 44.64 -7.58 32.71
N THR B 185 44.27 -6.31 32.56
CA THR B 185 45.25 -5.25 32.32
C THR B 185 45.61 -4.54 33.62
N SER B 186 46.19 -5.31 34.54
CA SER B 186 46.59 -4.80 35.85
C SER B 186 47.99 -4.21 35.84
N ASN B 187 48.46 -3.74 34.68
CA ASN B 187 49.79 -3.15 34.55
C ASN B 187 49.76 -1.64 34.47
N VAL B 188 48.62 -1.02 34.75
CA VAL B 188 48.46 0.43 34.65
C VAL B 188 47.91 0.95 35.97
N ASP B 189 48.37 2.15 36.35
CA ASP B 189 47.93 2.78 37.59
C ASP B 189 46.51 3.33 37.51
N LYS B 190 45.91 3.39 36.33
CA LYS B 190 44.56 3.89 36.16
C LYS B 190 43.59 2.71 36.16
N GLU B 191 42.74 2.63 37.18
CA GLU B 191 41.69 1.63 37.21
C GLU B 191 40.55 1.95 36.26
N GLU B 192 40.44 3.20 35.81
CA GLU B 192 39.38 3.59 34.88
C GLU B 192 39.56 2.91 33.53
N GLU B 193 40.78 2.82 33.04
CA GLU B 193 41.08 2.22 31.75
C GLU B 193 41.51 0.76 31.87
N ALA B 194 41.52 0.21 33.07
CA ALA B 194 41.90 -1.18 33.27
C ALA B 194 40.67 -2.08 33.33
N VAL B 195 40.90 -3.38 33.21
CA VAL B 195 39.85 -4.38 33.30
C VAL B 195 40.19 -5.31 34.47
N THR B 196 39.18 -5.71 35.22
CA THR B 196 39.40 -6.54 36.39
C THR B 196 38.37 -7.67 36.42
N ILE B 197 38.84 -8.88 36.69
CA ILE B 197 37.95 -10.04 36.72
C ILE B 197 38.04 -10.70 38.08
N GLU B 198 36.90 -11.21 38.54
CA GLU B 198 36.88 -12.17 39.64
C GLU B 198 36.00 -13.34 39.25
N MET B 199 36.48 -14.53 39.62
CA MET B 199 36.22 -15.76 38.88
C MET B 199 35.94 -16.90 39.86
N ASN B 200 34.91 -17.70 39.55
CA ASN B 200 34.60 -18.88 40.35
C ASN B 200 34.68 -20.16 39.52
N GLU B 201 33.97 -20.23 38.40
CA GLU B 201 33.89 -21.43 37.58
C GLU B 201 33.43 -21.05 36.18
N PRO B 202 33.97 -21.71 35.15
CA PRO B 202 33.75 -21.24 33.76
C PRO B 202 32.35 -21.60 33.25
N VAL B 203 31.67 -20.60 32.71
CA VAL B 203 30.38 -20.75 32.05
C VAL B 203 30.41 -19.99 30.73
N GLN B 204 29.49 -20.36 29.84
CA GLN B 204 29.46 -19.85 28.46
C GLN B 204 28.02 -19.44 28.15
N LEU B 205 27.76 -18.13 28.09
CA LEU B 205 26.37 -17.68 27.97
C LEU B 205 26.19 -16.73 26.79
N THR B 206 25.17 -16.98 25.98
CA THR B 206 24.88 -16.14 24.81
C THR B 206 23.69 -15.23 25.08
N PHE B 207 23.82 -13.97 24.63
CA PHE B 207 22.94 -12.87 24.98
C PHE B 207 22.48 -12.19 23.70
N ALA B 208 21.33 -11.51 23.79
CA ALA B 208 20.75 -10.85 22.63
C ALA B 208 21.27 -9.41 22.51
N LEU B 209 21.68 -9.04 21.29
CA LEU B 209 22.40 -7.80 21.06
C LEU B 209 21.54 -6.55 20.94
N ARG B 210 20.25 -6.65 20.66
CA ARG B 210 19.44 -5.45 20.72
C ARG B 210 19.32 -4.96 22.16
N TYR B 211 19.20 -5.89 23.10
CA TYR B 211 19.07 -5.50 24.49
C TYR B 211 20.41 -5.08 25.10
N LEU B 212 21.53 -5.68 24.67
CA LEU B 212 22.82 -5.13 25.11
C LEU B 212 23.12 -3.79 24.46
N ASN B 213 22.68 -3.60 23.21
CA ASN B 213 22.89 -2.29 22.58
C ASN B 213 21.99 -1.23 23.20
N PHE B 214 20.92 -1.65 23.87
CA PHE B 214 20.16 -0.70 24.68
C PHE B 214 20.73 -0.53 26.09
N PHE B 215 21.30 -1.59 26.67
CA PHE B 215 21.96 -1.48 27.97
C PHE B 215 23.11 -0.51 27.93
N THR B 216 23.96 -0.63 26.90
CA THR B 216 25.21 0.11 26.91
C THR B 216 25.01 1.50 26.29
N LYS B 217 23.77 1.98 26.25
CA LYS B 217 23.53 3.37 25.88
C LYS B 217 24.10 4.34 26.92
N ALA B 218 24.29 3.89 28.16
CA ALA B 218 24.92 4.71 29.20
C ALA B 218 26.45 4.66 29.07
N THR B 219 26.93 5.15 27.93
CA THR B 219 28.37 5.28 27.75
C THR B 219 29.04 6.25 28.73
N PRO B 220 28.54 7.46 28.96
CA PRO B 220 29.31 8.39 29.81
C PRO B 220 29.02 8.27 31.30
N LEU B 221 28.19 7.30 31.71
CA LEU B 221 27.73 7.24 33.09
C LEU B 221 28.88 6.96 34.04
N SER B 222 29.77 6.04 33.68
CA SER B 222 30.82 5.61 34.58
C SER B 222 32.12 5.45 33.80
N SER B 223 33.24 5.63 34.51
CA SER B 223 34.53 5.31 33.92
C SER B 223 34.66 3.80 33.69
N THR B 224 34.08 3.00 34.59
CA THR B 224 34.09 1.55 34.42
C THR B 224 32.71 0.99 34.74
N VAL B 225 32.25 0.08 33.88
CA VAL B 225 31.02 -0.67 34.06
C VAL B 225 31.41 -2.10 34.42
N THR B 226 30.79 -2.64 35.46
CA THR B 226 30.96 -4.03 35.81
C THR B 226 29.68 -4.79 35.48
N LEU B 227 29.84 -6.04 35.09
CA LEU B 227 28.72 -6.90 34.79
C LEU B 227 29.02 -8.28 35.37
N SER B 228 27.98 -8.92 35.88
CA SER B 228 28.10 -10.20 36.56
C SER B 228 27.17 -11.20 35.90
N MET B 229 27.66 -12.44 35.81
CA MET B 229 26.92 -13.50 35.12
C MET B 229 27.24 -14.83 35.77
N SER B 230 26.23 -15.70 35.80
CA SER B 230 26.37 -17.03 36.37
C SER B 230 25.49 -17.98 35.55
N ALA B 231 25.66 -19.28 35.80
CA ALA B 231 24.96 -20.32 35.05
C ALA B 231 23.45 -20.20 35.27
N ASP B 232 22.72 -19.90 34.19
CA ASP B 232 21.27 -19.72 34.17
C ASP B 232 20.81 -18.59 35.08
N VAL B 233 21.71 -17.67 35.43
CA VAL B 233 21.38 -16.52 36.27
C VAL B 233 21.35 -15.30 35.36
N PRO B 234 20.39 -14.38 35.54
CA PRO B 234 20.34 -13.18 34.70
C PRO B 234 21.63 -12.38 34.79
N LEU B 235 22.07 -11.88 33.63
CA LEU B 235 23.15 -10.90 33.59
C LEU B 235 22.76 -9.67 34.37
N VAL B 236 23.65 -9.25 35.27
CA VAL B 236 23.45 -8.06 36.09
C VAL B 236 24.49 -7.05 35.66
N VAL B 237 24.06 -6.08 34.85
CA VAL B 237 24.89 -4.93 34.53
C VAL B 237 24.79 -4.00 35.73
N GLU B 238 25.88 -3.87 36.48
CA GLU B 238 25.95 -3.05 37.70
C GLU B 238 26.65 -1.76 37.31
N TYR B 239 25.90 -0.83 36.73
CA TYR B 239 26.42 0.50 36.45
C TYR B 239 26.72 1.17 37.78
N LYS B 240 28.01 1.28 38.10
CA LYS B 240 28.44 1.89 39.34
C LYS B 240 28.46 3.40 39.20
N ILE B 241 27.80 4.08 40.14
CA ILE B 241 27.80 5.53 40.21
C ILE B 241 28.64 5.95 41.41
N ALA B 242 29.66 6.77 41.17
CA ALA B 242 30.53 7.22 42.25
C ALA B 242 29.82 8.15 43.22
N ASP B 243 28.76 8.82 42.78
CA ASP B 243 28.08 9.78 43.65
C ASP B 243 27.10 9.08 44.59
N MET B 244 26.08 8.42 44.03
CA MET B 244 25.08 7.78 44.86
C MET B 244 24.49 6.57 44.16
N GLY B 245 24.22 5.51 44.93
CA GLY B 245 23.51 4.34 44.48
C GLY B 245 24.19 3.64 43.31
N HIS B 246 23.36 3.21 42.36
CA HIS B 246 23.80 2.47 41.17
C HIS B 246 22.62 2.29 40.23
N LEU B 247 22.91 1.65 39.10
CA LEU B 247 21.88 1.25 38.15
C LEU B 247 22.08 -0.22 37.83
N LYS B 248 20.99 -0.97 37.79
CA LYS B 248 21.06 -2.42 37.56
C LYS B 248 20.23 -2.78 36.35
N TYR B 249 20.85 -3.47 35.39
CA TYR B 249 20.18 -4.03 34.23
C TYR B 249 20.20 -5.55 34.36
N TYR B 250 19.04 -6.15 34.62
CA TYR B 250 18.92 -7.60 34.77
C TYR B 250 18.35 -8.18 33.49
N LEU B 251 19.01 -9.19 32.93
CA LEU B 251 18.50 -9.82 31.72
C LEU B 251 18.58 -11.33 31.83
N ALA B 252 17.47 -12.00 31.50
CA ALA B 252 17.43 -13.45 31.50
C ALA B 252 18.16 -13.99 30.27
N PRO B 253 19.20 -14.80 30.43
CA PRO B 253 19.98 -15.25 29.27
C PRO B 253 19.16 -16.13 28.34
N LYS B 254 19.29 -15.86 27.04
CA LYS B 254 18.60 -16.64 26.03
C LYS B 254 19.49 -17.82 25.63
N ILE B 255 19.02 -19.03 25.89
CA ILE B 255 19.69 -20.25 25.46
C ILE B 255 18.67 -21.07 24.68
N GLU B 256 19.00 -21.40 23.44
CA GLU B 256 18.08 -22.13 22.58
C GLU B 256 17.91 -23.56 23.06
N ASP B 257 16.69 -24.08 22.95
CA ASP B 257 16.39 -25.43 23.40
C ASP B 257 16.76 -26.43 22.31
N GLU B 258 16.33 -27.68 22.47
CA GLU B 258 16.69 -28.77 21.59
C GLU B 258 15.80 -28.87 20.35
N GLU B 259 15.11 -27.78 19.98
CA GLU B 259 14.28 -27.78 18.80
C GLU B 259 15.07 -27.83 17.50
N GLY B 260 16.37 -27.58 17.54
CA GLY B 260 17.20 -27.65 16.34
C GLY B 260 18.49 -28.41 16.56
N SER B 261 18.72 -28.87 17.79
CA SER B 261 19.93 -29.59 18.11
C SER B 261 19.60 -30.97 18.70
N MET C 1 29.79 36.31 -13.13
CA MET C 1 30.70 36.86 -12.13
C MET C 1 29.94 37.60 -11.03
N PHE C 2 30.62 38.59 -10.43
CA PHE C 2 30.08 39.45 -9.39
C PHE C 2 29.66 38.64 -8.16
N GLU C 3 30.67 38.16 -7.46
CA GLU C 3 30.52 37.51 -6.16
C GLU C 3 31.26 38.34 -5.12
N ALA C 4 30.59 38.66 -4.01
CA ALA C 4 31.15 39.58 -3.03
C ALA C 4 32.42 39.03 -2.39
N ARG C 5 33.43 39.88 -2.28
CA ARG C 5 34.75 39.48 -1.82
C ARG C 5 34.82 39.44 -0.29
N LEU C 6 35.37 38.33 0.21
CA LEU C 6 35.64 38.18 1.64
C LEU C 6 36.66 37.06 1.81
N VAL C 7 37.62 37.28 2.72
CA VAL C 7 38.69 36.30 2.91
C VAL C 7 38.17 35.03 3.57
N GLN C 8 37.04 35.09 4.27
CA GLN C 8 36.45 33.92 4.88
C GLN C 8 35.12 33.59 4.21
N GLY C 9 34.78 32.30 4.24
CA GLY C 9 33.56 31.84 3.63
C GLY C 9 32.74 30.97 4.55
N SER C 10 33.08 30.98 5.85
CA SER C 10 32.29 30.25 6.82
C SER C 10 30.89 30.83 6.93
N ILE C 11 30.79 32.15 7.05
CA ILE C 11 29.48 32.78 7.16
C ILE C 11 28.71 32.66 5.85
N LEU C 12 29.40 32.78 4.71
CA LEU C 12 28.73 32.77 3.41
C LEU C 12 28.11 31.41 3.08
N LYS C 13 28.62 30.34 3.67
CA LYS C 13 28.00 29.04 3.50
C LYS C 13 27.04 28.70 4.63
N LYS C 14 27.33 29.13 5.86
CA LYS C 14 26.51 28.70 6.98
C LYS C 14 25.21 29.49 7.09
N VAL C 15 25.20 30.75 6.64
CA VAL C 15 23.94 31.48 6.64
C VAL C 15 22.97 30.88 5.63
N LEU C 16 23.49 30.41 4.49
CA LEU C 16 22.62 29.75 3.51
C LEU C 16 22.24 28.35 3.96
N GLU C 17 23.12 27.68 4.71
CA GLU C 17 22.76 26.38 5.27
C GLU C 17 21.62 26.51 6.27
N ALA C 18 21.64 27.58 7.08
CA ALA C 18 20.55 27.80 8.02
C ALA C 18 19.29 28.32 7.34
N LEU C 19 19.45 29.12 6.29
CA LEU C 19 18.30 29.70 5.59
C LEU C 19 17.67 28.73 4.60
N LYS C 20 18.34 27.61 4.31
CA LYS C 20 17.88 26.68 3.28
C LYS C 20 16.57 25.99 3.60
N ASP C 21 16.17 25.93 4.87
CA ASP C 21 14.98 25.20 5.26
C ASP C 21 13.74 26.08 5.27
N LEU C 22 13.84 27.26 5.89
CA LEU C 22 12.69 28.16 5.96
C LEU C 22 12.29 28.68 4.60
N ILE C 23 13.27 29.06 3.78
CA ILE C 23 13.03 29.66 2.47
C ILE C 23 13.62 28.73 1.42
N ASN C 24 12.83 28.40 0.41
CA ASN C 24 13.28 27.61 -0.72
C ASN C 24 13.91 28.49 -1.80
N GLU C 25 13.23 29.57 -2.16
CA GLU C 25 13.66 30.47 -3.24
C GLU C 25 13.48 31.91 -2.78
N ALA C 26 14.45 32.75 -3.10
CA ALA C 26 14.41 34.15 -2.71
C ALA C 26 15.24 34.96 -3.69
N CYS C 27 15.42 36.25 -3.40
CA CYS C 27 16.12 37.18 -4.26
C CYS C 27 17.09 38.01 -3.42
N TRP C 28 18.27 38.32 -3.99
CA TRP C 28 19.34 38.99 -3.26
C TRP C 28 19.54 40.39 -3.84
N ASP C 29 19.57 41.40 -2.97
CA ASP C 29 19.70 42.79 -3.39
C ASP C 29 21.09 43.29 -3.03
N ILE C 30 21.81 43.81 -4.03
CA ILE C 30 23.10 44.46 -3.83
C ILE C 30 22.91 45.97 -4.00
N SER C 31 23.34 46.72 -2.98
CA SER C 31 23.28 48.18 -2.99
C SER C 31 24.55 48.71 -2.36
N SER C 32 24.68 50.03 -2.35
CA SER C 32 25.87 50.67 -1.78
C SER C 32 26.03 50.38 -0.30
N SER C 33 24.95 50.03 0.40
CA SER C 33 25.07 49.62 1.79
C SER C 33 25.70 48.24 1.91
N GLY C 34 25.42 47.35 0.96
CA GLY C 34 25.96 46.00 0.99
C GLY C 34 24.98 45.02 0.37
N VAL C 35 25.02 43.77 0.85
CA VAL C 35 24.08 42.75 0.41
C VAL C 35 22.94 42.66 1.43
N ASN C 36 21.76 42.40 0.90
CA ASN C 36 20.53 42.35 1.71
C ASN C 36 19.61 41.30 1.10
N LEU C 37 18.83 40.66 1.96
CA LEU C 37 17.66 39.95 1.47
C LEU C 37 16.56 39.91 2.53
N GLN C 38 15.35 40.23 2.07
CA GLN C 38 14.11 40.09 2.81
C GLN C 38 13.34 38.95 2.17
N SER C 39 13.07 37.90 2.94
CA SER C 39 12.47 36.69 2.38
C SER C 39 11.30 36.24 3.24
N MET C 40 10.36 35.55 2.61
CA MET C 40 9.25 34.92 3.32
C MET C 40 9.40 33.41 3.25
N ASP C 41 8.80 32.73 4.22
CA ASP C 41 8.88 31.27 4.28
C ASP C 41 7.88 30.66 3.30
N SER C 42 7.67 29.35 3.40
CA SER C 42 6.79 28.66 2.48
C SER C 42 5.33 29.06 2.69
N SER C 43 4.91 29.21 3.94
CA SER C 43 3.53 29.54 4.27
C SER C 43 3.24 31.03 4.23
N HIS C 44 4.27 31.87 3.97
CA HIS C 44 4.14 33.32 3.88
C HIS C 44 3.54 33.90 5.16
N VAL C 45 4.21 33.65 6.28
CA VAL C 45 3.83 34.27 7.55
C VAL C 45 5.00 34.93 8.27
N SER C 46 6.24 34.53 8.03
CA SER C 46 7.39 35.08 8.74
C SER C 46 8.33 35.75 7.75
N LEU C 47 9.04 36.77 8.21
CA LEU C 47 10.03 37.46 7.39
C LEU C 47 11.42 37.16 7.93
N VAL C 48 12.38 37.00 7.03
CA VAL C 48 13.78 36.82 7.38
C VAL C 48 14.58 37.93 6.71
N GLN C 49 15.36 38.64 7.51
CA GLN C 49 16.21 39.73 7.06
C GLN C 49 17.67 39.33 7.24
N LEU C 50 18.46 39.43 6.17
CA LEU C 50 19.91 39.37 6.28
C LEU C 50 20.50 40.62 5.69
N THR C 51 21.27 41.35 6.50
CA THR C 51 22.02 42.52 6.05
C THR C 51 23.50 42.28 6.34
N LEU C 52 24.31 42.28 5.28
CA LEU C 52 25.77 42.20 5.43
C LEU C 52 26.36 43.38 4.67
N ARG C 53 26.92 44.33 5.41
CA ARG C 53 27.35 45.58 4.83
C ARG C 53 28.62 45.42 4.00
N SER C 54 28.72 46.18 2.92
CA SER C 54 29.91 46.19 2.10
C SER C 54 31.11 46.73 2.87
N GLU C 55 30.89 47.77 3.69
CA GLU C 55 31.94 48.23 4.59
C GLU C 55 32.24 47.20 5.69
N GLY C 56 31.28 46.32 5.99
CA GLY C 56 31.56 45.19 6.85
C GLY C 56 32.37 44.10 6.18
N PHE C 57 32.39 44.07 4.86
CA PHE C 57 33.24 43.15 4.10
C PHE C 57 34.66 43.68 4.05
N ASP C 58 35.46 43.12 3.16
CA ASP C 58 36.83 43.60 2.98
C ASP C 58 36.86 44.90 2.18
N THR C 59 36.48 44.83 0.91
CA THR C 59 36.41 46.00 0.04
C THR C 59 35.44 45.69 -1.09
N TYR C 60 34.86 46.75 -1.64
CA TYR C 60 33.60 46.67 -2.38
C TYR C 60 33.78 47.08 -3.83
N ARG C 61 33.23 46.28 -4.74
CA ARG C 61 33.10 46.65 -6.16
C ARG C 61 31.68 46.33 -6.61
N CYS C 62 31.08 47.25 -7.36
CA CYS C 62 29.72 47.08 -7.83
C CYS C 62 29.48 48.00 -9.01
N ASP C 63 28.37 47.76 -9.70
CA ASP C 63 27.93 48.63 -10.79
C ASP C 63 26.60 49.34 -10.52
N ARG C 64 25.67 48.72 -9.79
CA ARG C 64 24.37 49.31 -9.50
C ARG C 64 23.63 48.48 -8.47
N ASN C 65 22.59 49.06 -7.90
CA ASN C 65 21.64 48.33 -7.06
C ASN C 65 20.93 47.29 -7.92
N LEU C 66 21.19 46.01 -7.67
CA LEU C 66 20.71 44.95 -8.53
C LEU C 66 20.08 43.83 -7.71
N ALA C 67 19.00 43.27 -8.24
CA ALA C 67 18.29 42.15 -7.63
C ALA C 67 18.59 40.88 -8.42
N MET C 68 18.99 39.82 -7.71
CA MET C 68 19.44 38.58 -8.32
C MET C 68 18.52 37.44 -7.92
N GLY C 69 17.98 36.75 -8.91
CA GLY C 69 17.09 35.62 -8.69
C GLY C 69 17.77 34.27 -8.61
N VAL C 70 18.47 34.01 -7.50
CA VAL C 70 19.16 32.74 -7.29
C VAL C 70 18.40 31.95 -6.23
N ASN C 71 18.14 30.68 -6.52
CA ASN C 71 17.48 29.84 -5.54
C ASN C 71 18.41 29.51 -4.38
N LEU C 72 17.84 28.94 -3.31
CA LEU C 72 18.55 28.80 -2.05
C LEU C 72 18.75 27.36 -1.61
N THR C 73 18.18 26.38 -2.30
CA THR C 73 18.31 24.98 -1.89
C THR C 73 19.37 24.23 -2.71
N SER C 74 19.21 24.21 -4.03
CA SER C 74 20.20 23.51 -4.85
C SER C 74 21.49 24.30 -4.97
N MET C 75 21.41 25.64 -4.92
CA MET C 75 22.62 26.45 -4.94
C MET C 75 23.44 26.23 -3.67
N SER C 76 22.78 25.90 -2.56
CA SER C 76 23.50 25.57 -1.33
C SER C 76 23.91 24.10 -1.32
N LYS C 77 24.50 23.67 -2.44
CA LYS C 77 25.21 22.40 -2.54
C LYS C 77 26.60 22.56 -3.12
N ILE C 78 26.94 23.74 -3.65
CA ILE C 78 28.29 24.02 -4.13
C ILE C 78 29.11 24.82 -3.14
N LEU C 79 28.52 25.24 -2.03
CA LEU C 79 29.20 26.09 -1.06
C LEU C 79 30.02 25.31 -0.06
N LYS C 80 30.12 24.00 -0.19
CA LYS C 80 30.93 23.21 0.73
C LYS C 80 32.39 23.09 0.29
N CYS C 81 32.75 23.66 -0.85
CA CYS C 81 34.18 23.92 -1.12
C CYS C 81 34.69 25.03 -0.22
N ALA C 82 33.98 26.15 -0.16
CA ALA C 82 34.43 27.30 0.61
C ALA C 82 34.28 27.02 2.09
N GLY C 83 35.39 26.66 2.73
CA GLY C 83 35.40 26.34 4.14
C GLY C 83 35.35 27.57 5.01
N ASN C 84 36.06 27.50 6.13
CA ASN C 84 36.01 28.58 7.10
C ASN C 84 36.98 29.72 6.78
N GLU C 85 37.82 29.57 5.75
CA GLU C 85 38.86 30.55 5.51
C GLU C 85 39.14 30.78 4.02
N ASP C 86 38.22 30.43 3.12
CA ASP C 86 38.48 30.56 1.70
C ASP C 86 38.08 31.93 1.19
N ILE C 87 38.85 32.42 0.21
CA ILE C 87 38.81 33.81 -0.24
C ILE C 87 37.98 33.90 -1.51
N ILE C 88 37.17 34.95 -1.61
CA ILE C 88 36.38 35.23 -2.80
C ILE C 88 37.06 36.40 -3.51
N THR C 89 36.75 36.59 -4.79
CA THR C 89 37.14 37.79 -5.52
C THR C 89 35.91 38.41 -6.18
N LEU C 90 35.91 39.73 -6.30
CA LEU C 90 34.73 40.48 -6.73
C LEU C 90 35.08 41.37 -7.93
N ARG C 91 34.18 41.43 -8.90
CA ARG C 91 34.33 42.33 -10.03
C ARG C 91 32.96 42.56 -10.66
N ALA C 92 32.84 43.67 -11.39
CA ALA C 92 31.54 44.08 -11.92
C ALA C 92 31.09 43.14 -13.03
N GLU C 93 29.78 42.88 -13.07
CA GLU C 93 29.19 42.09 -14.13
C GLU C 93 28.83 43.01 -15.31
N ASP C 94 29.32 42.66 -16.50
CA ASP C 94 29.14 43.57 -17.63
C ASP C 94 27.76 43.42 -18.27
N ASN C 95 27.48 42.26 -18.86
CA ASN C 95 26.21 42.07 -19.54
C ASN C 95 25.61 40.67 -19.43
N ALA C 96 26.30 39.71 -18.82
CA ALA C 96 25.82 38.33 -18.84
C ALA C 96 24.93 38.05 -17.63
N ASP C 97 23.99 37.12 -17.81
CA ASP C 97 23.06 36.74 -16.75
C ASP C 97 23.66 35.77 -15.75
N THR C 98 24.90 35.33 -15.97
CA THR C 98 25.51 34.32 -15.12
C THR C 98 26.24 34.96 -13.95
N LEU C 99 26.01 34.41 -12.76
CA LEU C 99 26.75 34.77 -11.55
C LEU C 99 27.72 33.66 -11.22
N ALA C 100 29.00 34.02 -11.06
CA ALA C 100 30.01 33.03 -10.75
C ALA C 100 30.21 32.90 -9.25
N LEU C 101 31.04 31.93 -8.84
CA LEU C 101 31.40 31.76 -7.44
C LEU C 101 32.79 31.16 -7.41
N VAL C 102 33.80 32.00 -7.22
CA VAL C 102 35.19 31.58 -7.22
C VAL C 102 35.62 31.28 -5.79
N PHE C 103 36.34 30.18 -5.60
CA PHE C 103 36.80 29.75 -4.28
C PHE C 103 38.31 29.62 -4.31
N GLU C 104 38.98 30.32 -3.39
CA GLU C 104 40.44 30.30 -3.29
C GLU C 104 40.84 29.71 -1.96
N ALA C 105 41.62 28.64 -2.00
CA ALA C 105 42.17 28.05 -0.79
C ALA C 105 43.22 28.97 -0.20
N PRO C 106 43.54 28.85 1.09
CA PRO C 106 44.57 29.70 1.69
C PRO C 106 45.95 29.54 1.07
N ASN C 107 46.23 28.42 0.40
CA ASN C 107 47.49 28.24 -0.30
C ASN C 107 47.63 29.13 -1.53
N GLN C 108 46.53 29.72 -2.01
CA GLN C 108 46.52 30.63 -3.16
C GLN C 108 47.11 29.98 -4.41
N GLU C 109 46.77 28.70 -4.63
CA GLU C 109 47.28 27.99 -5.80
C GLU C 109 46.19 27.28 -6.61
N LYS C 110 44.96 27.20 -6.12
CA LYS C 110 43.91 26.49 -6.84
C LYS C 110 42.61 27.28 -6.76
N VAL C 111 42.10 27.70 -7.90
CA VAL C 111 40.83 28.40 -7.99
C VAL C 111 39.81 27.46 -8.60
N SER C 112 38.53 27.80 -8.42
CA SER C 112 37.45 26.99 -8.99
C SER C 112 36.26 27.90 -9.26
N ASP C 113 35.84 27.97 -10.52
CA ASP C 113 34.67 28.77 -10.87
C ASP C 113 33.39 27.99 -10.56
N TYR C 114 32.29 28.72 -10.52
CA TYR C 114 30.97 28.10 -10.36
C TYR C 114 29.95 28.97 -11.07
N GLU C 115 29.67 28.66 -12.33
CA GLU C 115 28.81 29.48 -13.16
C GLU C 115 27.37 29.03 -13.01
N MET C 116 26.51 29.93 -12.53
CA MET C 116 25.09 29.67 -12.35
C MET C 116 24.28 30.67 -13.15
N LYS C 117 23.27 30.19 -13.87
CA LYS C 117 22.39 31.05 -14.62
C LYS C 117 21.40 31.73 -13.67
N LEU C 118 20.59 32.64 -14.21
CA LEU C 118 19.62 33.40 -13.43
C LEU C 118 18.21 33.07 -13.91
N MET C 119 17.32 32.79 -12.98
CA MET C 119 15.90 32.65 -13.25
C MET C 119 15.13 33.72 -12.49
N ASP C 120 14.08 34.24 -13.12
CA ASP C 120 13.36 35.38 -12.56
C ASP C 120 12.49 34.96 -11.39
N LEU C 121 12.78 35.52 -10.22
CA LEU C 121 11.96 35.31 -9.02
C LEU C 121 11.37 36.64 -8.62
N ASP C 122 10.05 36.79 -8.75
CA ASP C 122 9.36 38.02 -8.42
C ASP C 122 9.01 38.01 -6.93
N VAL C 123 9.58 38.96 -6.18
CA VAL C 123 9.36 39.07 -4.75
C VAL C 123 8.66 40.40 -4.47
N GLU C 124 7.71 40.38 -3.55
CA GLU C 124 6.98 41.59 -3.18
C GLU C 124 7.85 42.48 -2.31
N GLN C 125 7.51 43.77 -2.30
CA GLN C 125 8.20 44.76 -1.50
C GLN C 125 7.26 45.34 -0.46
N LEU C 126 7.81 45.69 0.70
CA LEU C 126 7.02 46.20 1.80
C LEU C 126 7.94 46.95 2.76
N GLY C 127 7.34 47.74 3.65
CA GLY C 127 8.09 48.46 4.66
C GLY C 127 7.82 47.95 6.06
N ILE C 128 8.83 47.34 6.68
CA ILE C 128 8.69 46.76 8.02
C ILE C 128 8.57 47.89 9.03
N PRO C 129 7.50 47.93 9.83
CA PRO C 129 7.37 48.99 10.84
C PRO C 129 8.42 48.86 11.93
N GLU C 130 8.85 50.02 12.44
CA GLU C 130 9.81 50.10 13.53
C GLU C 130 9.24 50.98 14.63
N GLN C 131 9.40 50.53 15.87
CA GLN C 131 8.83 51.24 17.02
C GLN C 131 9.62 50.85 18.26
N GLU C 132 9.40 51.60 19.34
CA GLU C 132 10.00 51.27 20.61
C GLU C 132 9.31 50.02 21.17
N TYR C 133 10.11 49.01 21.51
CA TYR C 133 9.59 47.73 21.97
C TYR C 133 9.67 47.64 23.49
N SER C 134 8.68 46.96 24.07
CA SER C 134 8.56 46.87 25.52
C SER C 134 9.73 46.13 26.14
N CYS C 135 10.00 44.93 25.60
CA CYS C 135 11.05 44.07 26.21
C CYS C 135 12.02 43.48 25.19
N VAL C 136 13.31 43.61 25.45
CA VAL C 136 14.35 42.98 24.65
C VAL C 136 15.19 42.10 25.57
N VAL C 137 15.22 40.81 25.27
CA VAL C 137 15.97 39.82 26.04
C VAL C 137 17.22 39.46 25.26
N LYS C 138 18.38 39.83 25.79
CA LYS C 138 19.67 39.52 25.17
C LYS C 138 20.35 38.42 25.98
N MET C 139 20.69 37.32 25.32
CA MET C 139 21.16 36.13 26.03
C MET C 139 21.86 35.23 25.03
N PRO C 140 22.89 34.49 25.46
CA PRO C 140 23.66 33.66 24.52
C PRO C 140 22.80 32.59 23.86
N SER C 141 23.13 32.30 22.60
CA SER C 141 22.24 31.51 21.74
C SER C 141 22.44 30.00 21.85
N GLY C 142 23.61 29.55 22.30
CA GLY C 142 23.83 28.11 22.42
C GLY C 142 22.92 27.46 23.44
N GLU C 143 22.83 28.06 24.64
CA GLU C 143 21.91 27.54 25.63
C GLU C 143 20.46 27.87 25.29
N PHE C 144 20.21 28.96 24.55
CA PHE C 144 18.87 29.22 24.01
C PHE C 144 18.40 28.07 23.15
N ALA C 145 19.29 27.60 22.27
CA ALA C 145 18.95 26.48 21.40
C ALA C 145 18.80 25.19 22.20
N ARG C 146 19.71 24.93 23.14
CA ARG C 146 19.61 23.64 23.84
C ARG C 146 18.50 23.62 24.88
N ILE C 147 17.88 24.76 25.19
CA ILE C 147 16.65 24.77 25.96
C ILE C 147 15.43 24.72 25.05
N CYS C 148 15.47 25.43 23.92
CA CYS C 148 14.33 25.44 23.01
C CYS C 148 14.09 24.08 22.37
N ARG C 149 15.16 23.38 21.99
CA ARG C 149 15.02 22.06 21.38
C ARG C 149 14.47 21.02 22.36
N ASP C 150 14.60 21.26 23.65
CA ASP C 150 14.14 20.31 24.66
C ASP C 150 12.85 20.73 25.34
N LEU C 151 12.39 21.96 25.14
CA LEU C 151 11.02 22.30 25.52
C LEU C 151 10.07 22.32 24.33
N SER C 152 10.59 22.16 23.11
CA SER C 152 9.75 22.23 21.92
C SER C 152 9.31 20.86 21.42
N HIS C 153 10.02 19.79 21.76
CA HIS C 153 9.62 18.48 21.27
C HIS C 153 8.52 17.83 22.11
N ILE C 154 8.18 18.40 23.26
CA ILE C 154 7.12 17.90 24.11
C ILE C 154 5.81 18.64 23.86
N GLY C 155 5.88 19.88 23.38
CA GLY C 155 4.72 20.69 23.11
C GLY C 155 4.63 21.13 21.67
N ASP C 156 3.70 22.05 21.42
CA ASP C 156 3.52 22.64 20.10
C ASP C 156 3.39 24.15 20.10
N ALA C 157 3.11 24.78 21.23
CA ALA C 157 2.95 26.22 21.30
C ALA C 157 3.75 26.78 22.46
N VAL C 158 4.15 28.03 22.35
CA VAL C 158 4.95 28.69 23.37
C VAL C 158 4.33 30.03 23.69
N VAL C 159 4.43 30.41 24.97
CA VAL C 159 4.01 31.72 25.45
C VAL C 159 5.18 32.32 26.22
N ILE C 160 5.63 33.49 25.78
CA ILE C 160 6.71 34.21 26.44
C ILE C 160 6.12 35.35 27.26
N SER C 161 6.57 35.46 28.51
CA SER C 161 6.20 36.56 29.39
C SER C 161 7.47 37.31 29.78
N CYS C 162 7.40 38.64 29.64
CA CYS C 162 8.55 39.51 30.02
C CYS C 162 8.27 40.07 31.42
N ALA C 163 9.01 39.58 32.42
CA ALA C 163 8.86 40.00 33.80
C ALA C 163 10.22 40.33 34.40
N LYS C 164 10.21 41.22 35.40
CA LYS C 164 11.46 41.63 36.04
C LYS C 164 12.12 40.47 36.76
N ASP C 165 11.33 39.67 37.49
CA ASP C 165 11.88 38.53 38.22
C ASP C 165 12.25 37.36 37.31
N GLY C 166 11.66 37.30 36.11
CA GLY C 166 12.02 36.26 35.17
C GLY C 166 11.12 36.18 33.95
N VAL C 167 11.71 36.07 32.77
CA VAL C 167 10.95 35.86 31.55
C VAL C 167 10.60 34.37 31.43
N LYS C 168 9.34 34.09 31.13
CA LYS C 168 8.82 32.73 31.24
C LYS C 168 8.44 32.19 29.88
N PHE C 169 8.98 31.02 29.53
CA PHE C 169 8.69 30.30 28.30
C PHE C 169 7.74 29.15 28.59
N SER C 170 6.45 29.45 28.68
CA SER C 170 5.43 28.41 28.87
C SER C 170 5.36 27.57 27.61
N ALA C 171 5.58 26.26 27.76
CA ALA C 171 5.47 25.33 26.64
C ALA C 171 4.11 24.64 26.72
N SER C 172 3.12 25.22 26.04
CA SER C 172 1.78 24.66 26.02
C SER C 172 1.70 23.58 24.94
N GLY C 173 1.33 22.37 25.35
CA GLY C 173 1.28 21.26 24.43
C GLY C 173 0.55 20.08 25.04
N GLU C 174 0.60 18.95 24.33
CA GLU C 174 -0.15 17.77 24.75
C GLU C 174 0.47 17.12 25.98
N LEU C 175 1.80 16.96 25.99
CA LEU C 175 2.45 16.21 27.06
C LEU C 175 2.41 16.94 28.40
N GLY C 176 2.46 18.26 28.39
CA GLY C 176 2.42 19.03 29.62
C GLY C 176 3.06 20.39 29.45
N ASN C 177 2.77 21.28 30.39
CA ASN C 177 3.36 22.60 30.38
C ASN C 177 4.64 22.63 31.20
N GLY C 178 5.69 23.19 30.62
CA GLY C 178 6.94 23.39 31.31
C GLY C 178 7.54 24.72 30.94
N ASN C 179 8.29 25.34 31.85
CA ASN C 179 8.76 26.70 31.57
C ASN C 179 10.12 26.97 32.19
N ILE C 180 10.83 27.90 31.58
CA ILE C 180 12.15 28.35 32.02
C ILE C 180 12.04 29.82 32.41
N LYS C 181 12.83 30.23 33.40
CA LYS C 181 12.83 31.61 33.86
C LYS C 181 14.26 32.14 33.92
N LEU C 182 14.43 33.40 33.54
CA LEU C 182 15.74 34.05 33.48
C LEU C 182 15.67 35.38 34.20
N SER C 183 16.45 35.52 35.27
CA SER C 183 16.56 36.76 36.02
C SER C 183 17.61 37.66 35.36
N GLN C 184 18.06 38.69 36.07
CA GLN C 184 19.16 39.53 35.62
C GLN C 184 20.48 38.98 36.16
N THR C 185 21.48 38.90 35.28
CA THR C 185 22.79 38.44 35.70
C THR C 185 23.59 39.60 36.29
N SER C 186 24.13 39.38 37.49
CA SER C 186 24.89 40.42 38.18
C SER C 186 26.27 39.99 38.62
N ASN C 187 26.62 38.70 38.55
CA ASN C 187 27.90 38.21 39.01
C ASN C 187 28.74 37.59 37.89
N VAL C 188 28.38 37.83 36.63
CA VAL C 188 29.16 37.37 35.49
C VAL C 188 29.48 38.57 34.62
N ASP C 189 30.77 38.80 34.38
CA ASP C 189 31.23 39.93 33.58
C ASP C 189 31.29 39.55 32.10
N LYS C 190 31.72 38.33 31.80
CA LYS C 190 31.88 37.90 30.42
C LYS C 190 30.54 37.84 29.71
N GLU C 191 30.51 38.32 28.47
CA GLU C 191 29.28 38.46 27.71
C GLU C 191 28.76 37.11 27.20
N GLU C 192 29.63 36.10 27.12
CA GLU C 192 29.28 34.81 26.55
C GLU C 192 28.34 33.98 27.41
N GLU C 193 28.00 34.44 28.61
CA GLU C 193 27.11 33.70 29.50
C GLU C 193 25.98 34.54 30.10
N ALA C 194 26.15 35.84 30.27
CA ALA C 194 25.20 36.66 30.99
C ALA C 194 23.93 36.92 30.18
N VAL C 195 22.81 37.03 30.89
CA VAL C 195 21.52 37.37 30.31
C VAL C 195 21.09 38.73 30.83
N THR C 196 20.54 39.57 29.95
CA THR C 196 19.98 40.85 30.32
C THR C 196 18.62 41.02 29.68
N ILE C 197 17.73 41.75 30.35
CA ILE C 197 16.40 42.02 29.83
C ILE C 197 16.10 43.51 29.96
N GLU C 198 16.26 44.24 28.87
CA GLU C 198 15.89 45.66 28.84
C GLU C 198 14.39 45.72 28.62
N MET C 199 13.64 45.90 29.70
CA MET C 199 12.18 45.82 29.63
C MET C 199 11.56 46.99 30.37
N ASN C 200 10.37 47.39 29.93
CA ASN C 200 9.63 48.50 30.50
C ASN C 200 8.29 48.08 31.08
N GLU C 201 7.50 47.32 30.33
CA GLU C 201 6.20 46.84 30.78
C GLU C 201 6.05 45.36 30.47
N PRO C 202 5.32 44.62 31.32
CA PRO C 202 5.11 43.20 31.06
C PRO C 202 4.20 42.98 29.85
N VAL C 203 4.42 41.85 29.18
CA VAL C 203 3.64 41.50 28.00
C VAL C 203 3.74 40.00 27.79
N GLN C 204 2.69 39.42 27.20
CA GLN C 204 2.64 38.00 26.86
C GLN C 204 2.49 37.86 25.36
N LEU C 205 3.33 37.04 24.74
CA LEU C 205 3.25 36.76 23.32
C LEU C 205 3.17 35.25 23.08
N THR C 206 2.38 34.85 22.08
CA THR C 206 2.19 33.46 21.74
C THR C 206 2.81 33.16 20.38
N PHE C 207 3.49 32.02 20.29
CA PHE C 207 4.18 31.64 19.06
C PHE C 207 4.19 30.13 18.93
N ALA C 208 4.70 29.65 17.79
CA ALA C 208 4.74 28.22 17.49
C ALA C 208 6.09 27.64 17.88
N LEU C 209 6.05 26.44 18.46
CA LEU C 209 7.29 25.82 18.94
C LEU C 209 8.17 25.31 17.80
N ARG C 210 7.56 24.84 16.71
CA ARG C 210 8.33 24.44 15.54
C ARG C 210 9.05 25.64 14.92
N TYR C 211 8.40 26.80 14.91
CA TYR C 211 9.01 27.99 14.32
C TYR C 211 10.20 28.44 15.14
N LEU C 212 10.09 28.42 16.47
CA LEU C 212 11.25 28.73 17.31
C LEU C 212 12.29 27.63 17.29
N ASN C 213 11.92 26.40 16.89
CA ASN C 213 12.93 25.37 16.69
C ASN C 213 13.75 25.64 15.44
N PHE C 214 13.09 25.97 14.33
CA PHE C 214 13.82 26.21 13.09
C PHE C 214 14.51 27.57 13.06
N PHE C 215 14.00 28.56 13.78
CA PHE C 215 14.62 29.89 13.74
C PHE C 215 16.01 29.86 14.37
N THR C 216 16.20 29.07 15.42
CA THR C 216 17.46 29.03 16.16
C THR C 216 18.34 27.87 15.71
N LYS C 217 18.34 27.56 14.42
CA LYS C 217 19.28 26.60 13.84
C LYS C 217 20.52 27.27 13.28
N ALA C 218 20.64 28.59 13.41
CA ALA C 218 21.82 29.34 12.98
C ALA C 218 22.74 29.66 14.15
N THR C 219 22.84 28.73 15.10
CA THR C 219 23.67 28.97 16.28
C THR C 219 25.17 29.17 16.01
N PRO C 220 25.85 28.39 15.17
CA PRO C 220 27.29 28.66 14.97
C PRO C 220 27.57 29.96 14.25
N LEU C 221 26.57 30.54 13.56
CA LEU C 221 26.77 31.82 12.90
C LEU C 221 26.93 32.96 13.90
N SER C 222 26.22 32.90 15.03
CA SER C 222 26.23 34.00 15.98
C SER C 222 26.65 33.50 17.36
N SER C 223 26.53 34.36 18.37
CA SER C 223 26.79 33.96 19.74
C SER C 223 25.74 34.44 20.74
N THR C 224 24.98 35.48 20.43
CA THR C 224 24.02 36.05 21.37
C THR C 224 22.76 36.46 20.62
N VAL C 225 21.62 35.93 21.07
CA VAL C 225 20.31 36.21 20.51
C VAL C 225 19.65 37.31 21.32
N THR C 226 19.00 38.26 20.64
CA THR C 226 18.13 39.20 21.32
C THR C 226 16.71 39.07 20.77
N LEU C 227 15.74 38.91 21.68
CA LEU C 227 14.33 38.80 21.34
C LEU C 227 13.65 40.10 21.73
N SER C 228 13.07 40.78 20.75
CA SER C 228 12.47 42.10 20.96
C SER C 228 10.98 42.02 20.71
N MET C 229 10.20 42.55 21.65
CA MET C 229 8.74 42.47 21.62
C MET C 229 8.14 43.69 22.27
N SER C 230 6.90 43.96 21.93
CA SER C 230 6.09 45.03 22.52
C SER C 230 4.69 44.47 22.69
N ALA C 231 3.71 45.33 22.91
CA ALA C 231 2.33 44.90 23.16
C ALA C 231 1.73 44.36 21.86
N ASP C 232 1.71 43.03 21.74
CA ASP C 232 1.09 42.32 20.62
C ASP C 232 1.64 42.76 19.26
N VAL C 233 2.96 42.65 19.12
CA VAL C 233 3.63 42.95 17.86
C VAL C 233 4.47 41.73 17.50
N PRO C 234 4.88 41.56 16.23
CA PRO C 234 5.72 40.41 15.88
C PRO C 234 7.04 40.40 16.62
N LEU C 235 7.49 39.20 17.00
CA LEU C 235 8.79 39.01 17.59
C LEU C 235 9.89 39.39 16.61
N VAL C 236 10.92 40.08 17.11
CA VAL C 236 12.09 40.41 16.33
C VAL C 236 13.28 39.68 16.97
N VAL C 237 13.80 38.68 16.27
CA VAL C 237 14.96 37.92 16.75
C VAL C 237 16.19 38.44 16.03
N GLU C 238 17.14 38.98 16.78
CA GLU C 238 18.38 39.54 16.25
C GLU C 238 19.51 38.58 16.55
N TYR C 239 20.23 38.16 15.50
CA TYR C 239 21.58 37.65 15.62
C TYR C 239 22.53 38.66 15.01
N LYS C 240 23.69 38.84 15.63
CA LYS C 240 24.73 39.73 15.12
C LYS C 240 25.92 38.89 14.68
N ILE C 241 26.34 39.09 13.42
CA ILE C 241 27.52 38.43 12.87
C ILE C 241 28.67 39.42 13.07
N ALA C 242 29.44 39.21 14.14
CA ALA C 242 30.48 40.12 14.62
C ALA C 242 29.93 41.54 14.74
N ASP C 243 30.56 42.48 14.05
CA ASP C 243 30.03 43.83 13.89
C ASP C 243 29.76 44.15 12.43
N MET C 244 29.65 43.14 11.59
CA MET C 244 29.54 43.32 10.15
C MET C 244 28.24 42.82 9.54
N GLY C 245 27.47 42.00 10.25
CA GLY C 245 26.21 41.48 9.73
C GLY C 245 25.14 41.43 10.80
N HIS C 246 23.88 41.46 10.36
CA HIS C 246 22.75 41.27 11.27
C HIS C 246 21.64 40.49 10.57
N LEU C 247 21.05 39.54 11.27
CA LEU C 247 19.89 38.81 10.76
C LEU C 247 18.73 38.95 11.71
N LYS C 248 17.54 39.09 11.13
CA LYS C 248 16.30 39.39 11.83
C LYS C 248 15.27 38.32 11.50
N TYR C 249 14.63 37.78 12.53
CA TYR C 249 13.46 36.92 12.38
C TYR C 249 12.24 37.74 12.77
N TYR C 250 11.23 37.72 11.90
CA TYR C 250 10.08 38.62 11.95
C TYR C 250 8.80 37.81 11.72
N LEU C 251 8.60 36.78 12.55
CA LEU C 251 7.39 35.98 12.45
C LEU C 251 6.21 36.74 13.05
N ALA C 252 5.06 36.60 12.39
CA ALA C 252 3.86 37.33 12.80
C ALA C 252 3.35 36.83 14.15
N PRO C 253 2.75 37.70 14.96
CA PRO C 253 2.25 37.26 16.28
C PRO C 253 0.93 36.53 16.13
N LYS C 254 0.91 35.27 16.54
CA LYS C 254 -0.29 34.43 16.46
C LYS C 254 -1.13 34.49 17.74
N ILE C 255 -1.44 35.72 18.17
CA ILE C 255 -2.28 35.92 19.34
C ILE C 255 -3.71 35.50 19.01
N GLU C 256 -4.30 34.70 19.90
CA GLU C 256 -5.66 34.22 19.72
C GLU C 256 -6.65 35.29 20.16
N ASP C 257 -7.92 34.93 20.26
CA ASP C 257 -8.98 35.87 20.62
C ASP C 257 -9.05 35.96 22.15
N GLU C 258 -8.13 36.77 22.70
CA GLU C 258 -8.04 37.05 24.14
C GLU C 258 -7.87 35.77 24.96
N GLU C 259 -7.12 34.81 24.42
CA GLU C 259 -6.85 33.58 25.16
C GLU C 259 -5.78 33.78 26.23
N GLY C 260 -4.84 34.71 26.00
CA GLY C 260 -3.79 34.94 26.97
C GLY C 260 -4.29 35.55 28.27
N SER C 261 -5.24 36.48 28.17
CA SER C 261 -5.79 37.14 29.35
C SER C 261 -7.25 37.53 29.13
N MET D 1 48.83 -21.55 1.96
CA MET D 1 49.22 -21.02 3.26
C MET D 1 49.70 -19.58 3.10
N PHE D 2 48.76 -18.65 3.14
CA PHE D 2 49.00 -17.23 2.92
C PHE D 2 49.03 -16.50 4.26
N GLU D 3 50.07 -15.68 4.46
CA GLU D 3 50.13 -14.78 5.61
C GLU D 3 50.60 -13.41 5.17
N ALA D 4 49.88 -12.38 5.62
CA ALA D 4 50.23 -10.99 5.34
C ALA D 4 50.13 -10.22 6.65
N ARG D 5 51.27 -9.74 7.13
CA ARG D 5 51.34 -8.96 8.36
C ARG D 5 51.43 -7.48 7.99
N LEU D 6 50.81 -6.64 8.81
CA LEU D 6 50.74 -5.21 8.52
C LEU D 6 50.77 -4.47 9.84
N VAL D 7 51.82 -3.66 10.03
CA VAL D 7 51.94 -2.84 11.24
C VAL D 7 51.04 -1.62 11.21
N GLN D 8 50.70 -1.13 10.02
CA GLN D 8 49.82 0.02 9.87
C GLN D 8 48.54 -0.49 9.22
N GLY D 9 47.61 -0.98 10.04
CA GLY D 9 46.38 -1.53 9.52
C GLY D 9 45.37 -0.52 9.02
N SER D 10 45.60 0.76 9.33
CA SER D 10 44.68 1.81 8.91
C SER D 10 44.64 1.95 7.39
N ILE D 11 45.76 1.72 6.70
CA ILE D 11 45.75 1.83 5.25
C ILE D 11 44.95 0.68 4.62
N LEU D 12 45.00 -0.53 5.21
CA LEU D 12 44.13 -1.60 4.72
C LEU D 12 42.67 -1.28 5.00
N LYS D 13 42.39 -0.74 6.19
CA LYS D 13 41.03 -0.27 6.49
C LYS D 13 40.57 0.73 5.44
N LYS D 14 41.44 1.65 5.06
CA LYS D 14 41.06 2.73 4.16
C LYS D 14 40.94 2.26 2.71
N VAL D 15 41.78 1.31 2.28
CA VAL D 15 41.61 0.79 0.93
C VAL D 15 40.33 -0.01 0.82
N LEU D 16 39.97 -0.77 1.87
CA LEU D 16 38.78 -1.58 1.72
C LEU D 16 37.53 -0.77 2.03
N GLU D 17 37.67 0.40 2.66
CA GLU D 17 36.59 1.37 2.69
C GLU D 17 36.46 2.10 1.37
N ALA D 18 37.58 2.28 0.65
CA ALA D 18 37.59 3.11 -0.54
C ALA D 18 36.90 2.46 -1.73
N LEU D 19 36.58 1.17 -1.64
CA LEU D 19 36.01 0.46 -2.77
C LEU D 19 34.93 -0.53 -2.35
N LYS D 20 34.32 -0.34 -1.19
CA LYS D 20 33.19 -1.18 -0.80
C LYS D 20 31.98 -0.92 -1.69
N ASP D 21 31.61 0.34 -1.87
CA ASP D 21 30.41 0.71 -2.61
C ASP D 21 30.64 0.70 -4.12
N LEU D 22 31.86 0.41 -4.56
CA LEU D 22 32.16 0.29 -5.99
C LEU D 22 31.77 -1.08 -6.52
N ILE D 23 32.36 -2.13 -5.96
CA ILE D 23 32.24 -3.47 -6.51
C ILE D 23 31.44 -4.34 -5.56
N ASN D 24 30.95 -5.46 -6.10
CA ASN D 24 30.16 -6.41 -5.32
C ASN D 24 31.01 -7.56 -4.80
N GLU D 25 31.77 -8.20 -5.68
CA GLU D 25 32.52 -9.40 -5.36
C GLU D 25 34.01 -9.13 -5.47
N ALA D 26 34.78 -9.68 -4.52
CA ALA D 26 36.20 -9.42 -4.42
C ALA D 26 36.98 -10.52 -5.13
N CYS D 27 37.53 -10.20 -6.29
CA CYS D 27 38.37 -11.13 -7.04
C CYS D 27 39.85 -10.84 -6.78
N TRP D 28 40.26 -11.12 -5.55
CA TRP D 28 41.66 -10.95 -5.20
C TRP D 28 42.49 -12.08 -5.81
N ASP D 29 43.79 -11.84 -5.95
CA ASP D 29 44.70 -12.95 -6.23
C ASP D 29 46.07 -12.66 -5.65
N ILE D 30 46.56 -13.61 -4.87
CA ILE D 30 47.86 -13.52 -4.21
C ILE D 30 48.90 -14.22 -5.08
N SER D 31 50.13 -13.72 -5.01
CA SER D 31 51.25 -14.34 -5.69
C SER D 31 52.53 -13.96 -4.95
N SER D 32 53.66 -14.49 -5.43
CA SER D 32 54.93 -14.25 -4.77
C SER D 32 55.35 -12.78 -4.83
N SER D 33 55.12 -12.12 -5.97
CA SER D 33 55.50 -10.72 -6.10
C SER D 33 54.60 -9.81 -5.26
N GLY D 34 53.32 -10.15 -5.13
CA GLY D 34 52.42 -9.34 -4.35
C GLY D 34 50.99 -9.79 -4.56
N VAL D 35 50.08 -9.04 -3.94
CA VAL D 35 48.65 -9.31 -4.03
C VAL D 35 48.04 -8.30 -5.00
N ASN D 36 47.27 -8.79 -5.96
CA ASN D 36 46.63 -7.96 -6.95
C ASN D 36 45.12 -8.05 -6.79
N LEU D 37 44.44 -7.00 -7.23
CA LEU D 37 42.98 -6.93 -7.14
C LEU D 37 42.44 -6.87 -8.57
N GLN D 38 42.21 -8.03 -9.17
CA GLN D 38 41.66 -8.12 -10.52
C GLN D 38 40.15 -8.28 -10.45
N SER D 39 39.50 -7.23 -9.93
CA SER D 39 38.06 -7.26 -9.69
C SER D 39 37.32 -6.47 -10.77
N MET D 40 36.26 -7.07 -11.29
CA MET D 40 35.40 -6.44 -12.28
C MET D 40 34.17 -5.88 -11.58
N ASP D 41 33.94 -4.58 -11.73
CA ASP D 41 32.81 -3.97 -11.05
C ASP D 41 31.49 -4.40 -11.70
N SER D 42 30.42 -4.32 -10.91
CA SER D 42 29.11 -4.80 -11.36
C SER D 42 28.55 -3.96 -12.50
N SER D 43 28.70 -2.64 -12.43
CA SER D 43 28.15 -1.77 -13.46
C SER D 43 28.95 -1.85 -14.76
N HIS D 44 30.15 -2.42 -14.72
CA HIS D 44 30.87 -2.86 -15.91
C HIS D 44 31.31 -1.64 -16.76
N VAL D 45 31.70 -0.56 -16.09
CA VAL D 45 32.13 0.65 -16.77
C VAL D 45 33.59 1.01 -16.48
N SER D 46 34.11 0.68 -15.30
CA SER D 46 35.47 1.08 -14.92
C SER D 46 36.22 -0.13 -14.37
N LEU D 47 37.52 0.06 -14.10
CA LEU D 47 38.36 -1.00 -13.56
C LEU D 47 39.20 -0.40 -12.44
N VAL D 48 39.43 -1.17 -11.38
CA VAL D 48 40.28 -0.76 -10.27
C VAL D 48 41.14 -1.95 -9.88
N GLN D 49 42.45 -1.72 -9.70
CA GLN D 49 43.32 -2.77 -9.18
C GLN D 49 44.17 -2.22 -8.04
N LEU D 50 44.27 -3.00 -6.98
CA LEU D 50 45.18 -2.74 -5.88
C LEU D 50 46.36 -3.68 -6.01
N THR D 51 47.57 -3.16 -5.80
CA THR D 51 48.79 -3.97 -5.83
C THR D 51 49.52 -3.75 -4.51
N LEU D 52 49.44 -4.74 -3.63
CA LEU D 52 50.17 -4.70 -2.36
C LEU D 52 51.44 -5.52 -2.55
N ARG D 53 52.59 -4.88 -2.50
CA ARG D 53 53.86 -5.53 -2.79
C ARG D 53 54.58 -5.90 -1.50
N SER D 54 55.55 -6.80 -1.64
CA SER D 54 56.18 -7.46 -0.49
C SER D 54 57.06 -6.54 0.34
N GLU D 55 57.39 -5.34 -0.14
CA GLU D 55 58.28 -4.47 0.62
C GLU D 55 57.56 -3.66 1.68
N GLY D 56 56.25 -3.82 1.82
CA GLY D 56 55.52 -3.07 2.83
C GLY D 56 55.00 -3.91 3.99
N PHE D 57 54.75 -5.19 3.74
CA PHE D 57 54.31 -6.08 4.80
C PHE D 57 55.43 -6.31 5.81
N ASP D 58 55.06 -6.41 7.08
CA ASP D 58 56.03 -6.80 8.10
C ASP D 58 56.46 -8.26 7.89
N THR D 59 55.51 -9.12 7.53
CA THR D 59 55.81 -10.53 7.26
C THR D 59 54.88 -10.99 6.15
N TYR D 60 55.42 -11.19 4.95
CA TYR D 60 54.65 -11.57 3.78
C TYR D 60 55.11 -12.93 3.29
N ARG D 61 54.17 -13.88 3.18
CA ARG D 61 54.54 -15.17 2.62
C ARG D 61 53.35 -15.81 1.92
N CYS D 62 53.64 -16.39 0.76
CA CYS D 62 52.66 -17.01 -0.12
C CYS D 62 53.16 -18.38 -0.54
N ASP D 63 52.34 -19.07 -1.33
CA ASP D 63 52.77 -20.33 -1.95
C ASP D 63 52.66 -20.26 -3.47
N ARG D 64 51.53 -19.78 -3.99
CA ARG D 64 51.34 -19.62 -5.43
C ARG D 64 50.35 -18.48 -5.66
N ASN D 65 49.97 -18.28 -6.92
CA ASN D 65 49.04 -17.21 -7.29
C ASN D 65 47.59 -17.68 -7.08
N LEU D 66 47.21 -17.73 -5.81
CA LEU D 66 45.90 -18.23 -5.43
C LEU D 66 44.85 -17.12 -5.54
N ALA D 67 43.72 -17.45 -6.18
CA ALA D 67 42.64 -16.49 -6.33
C ALA D 67 41.66 -16.62 -5.16
N MET D 68 41.25 -15.47 -4.63
CA MET D 68 40.34 -15.40 -3.49
C MET D 68 39.06 -14.71 -3.96
N GLY D 69 37.92 -15.33 -3.68
CA GLY D 69 36.65 -14.85 -4.17
C GLY D 69 35.58 -14.59 -3.13
N VAL D 70 35.97 -14.05 -1.97
CA VAL D 70 35.00 -13.73 -0.92
C VAL D 70 34.16 -12.53 -1.35
N ASN D 71 32.91 -12.50 -0.89
CA ASN D 71 32.03 -11.36 -1.14
C ASN D 71 32.57 -10.11 -0.45
N LEU D 72 32.53 -8.98 -1.14
CA LEU D 72 33.06 -7.74 -0.62
C LEU D 72 31.98 -6.77 -0.14
N THR D 73 30.72 -6.95 -0.56
CA THR D 73 29.65 -6.19 0.07
C THR D 73 29.39 -6.61 1.51
N SER D 74 29.99 -7.72 1.93
CA SER D 74 29.97 -8.17 3.32
C SER D 74 31.30 -7.90 4.01
N MET D 75 32.16 -7.05 3.44
CA MET D 75 33.53 -6.95 3.90
C MET D 75 33.82 -5.69 4.71
N SER D 76 33.22 -4.54 4.38
CA SER D 76 33.54 -3.32 5.13
C SER D 76 32.64 -3.17 6.34
N LYS D 77 32.53 -4.24 7.08
CA LYS D 77 32.00 -4.30 8.43
C LYS D 77 32.97 -5.01 9.37
N ILE D 78 33.64 -6.05 8.88
CA ILE D 78 34.77 -6.62 9.61
C ILE D 78 35.93 -5.63 9.60
N LEU D 79 36.12 -4.92 8.49
CA LEU D 79 37.14 -3.89 8.39
C LEU D 79 36.66 -2.52 8.84
N LYS D 80 35.59 -2.47 9.64
CA LYS D 80 35.24 -1.31 10.44
C LYS D 80 35.42 -1.58 11.92
N CYS D 81 36.10 -2.67 12.27
CA CYS D 81 36.16 -3.17 13.64
C CYS D 81 37.37 -2.63 14.39
N ALA D 82 38.56 -2.87 13.87
CA ALA D 82 39.78 -2.55 14.59
C ALA D 82 39.98 -1.04 14.66
N GLY D 83 40.76 -0.62 15.65
CA GLY D 83 41.08 0.78 15.81
C GLY D 83 42.02 1.26 14.74
N ASN D 84 42.36 2.55 14.84
CA ASN D 84 43.12 3.23 13.80
C ASN D 84 44.57 2.78 13.73
N GLU D 85 45.06 2.00 14.70
CA GLU D 85 46.48 1.65 14.73
C GLU D 85 46.72 0.21 15.18
N ASP D 86 45.79 -0.71 14.92
CA ASP D 86 46.02 -2.08 15.30
C ASP D 86 46.94 -2.78 14.30
N ILE D 87 47.33 -4.01 14.64
CA ILE D 87 48.25 -4.82 13.84
C ILE D 87 47.41 -5.87 13.12
N ILE D 88 47.44 -5.86 11.79
CA ILE D 88 46.55 -6.70 10.99
C ILE D 88 47.33 -7.90 10.47
N THR D 89 46.82 -9.10 10.74
CA THR D 89 47.38 -10.34 10.25
C THR D 89 46.29 -11.03 9.43
N LEU D 90 46.41 -10.98 8.11
CA LEU D 90 45.42 -11.57 7.22
C LEU D 90 45.97 -12.91 6.73
N ARG D 91 45.22 -13.97 6.95
CA ARG D 91 45.68 -15.33 6.68
C ARG D 91 44.70 -16.07 5.79
N ALA D 92 45.25 -16.95 4.97
CA ALA D 92 44.48 -17.83 4.10
C ALA D 92 45.22 -19.16 3.99
N GLU D 93 44.59 -20.12 3.32
CA GLU D 93 45.16 -21.45 3.16
C GLU D 93 44.95 -21.95 1.74
N ASP D 94 45.81 -22.88 1.32
CA ASP D 94 45.68 -23.50 0.00
C ASP D 94 44.53 -24.50 -0.05
N ASN D 95 44.21 -25.16 1.08
CA ASN D 95 43.19 -26.19 1.09
C ASN D 95 41.99 -25.85 1.97
N ALA D 96 42.16 -25.04 3.00
CA ALA D 96 41.06 -24.67 3.88
C ALA D 96 40.24 -23.54 3.25
N ASP D 97 38.94 -23.55 3.51
CA ASP D 97 38.00 -22.63 2.88
C ASP D 97 37.54 -21.53 3.83
N THR D 98 38.44 -21.04 4.69
CA THR D 98 38.09 -20.02 5.66
C THR D 98 39.20 -18.97 5.73
N LEU D 99 38.89 -17.74 5.33
CA LEU D 99 39.80 -16.63 5.52
C LEU D 99 39.85 -16.23 6.99
N ALA D 100 41.03 -15.81 7.44
CA ALA D 100 41.22 -15.45 8.83
C ALA D 100 41.78 -14.03 8.93
N LEU D 101 41.28 -13.28 9.90
CA LEU D 101 41.81 -11.96 10.22
C LEU D 101 42.14 -11.93 11.69
N VAL D 102 43.30 -11.37 12.04
CA VAL D 102 43.72 -11.24 13.43
C VAL D 102 44.17 -9.81 13.66
N PHE D 103 43.51 -9.12 14.58
CA PHE D 103 43.86 -7.74 14.92
C PHE D 103 44.45 -7.72 16.32
N GLU D 104 45.66 -7.18 16.43
CA GLU D 104 46.39 -7.09 17.68
C GLU D 104 46.39 -5.65 18.17
N ALA D 105 46.14 -5.47 19.46
CA ALA D 105 46.21 -4.14 20.05
C ALA D 105 47.66 -3.66 20.12
N PRO D 106 47.89 -2.36 19.97
CA PRO D 106 49.27 -1.83 20.09
C PRO D 106 49.87 -2.07 21.46
N ASN D 107 49.07 -1.98 22.52
CA ASN D 107 49.52 -2.27 23.87
C ASN D 107 49.19 -3.70 24.30
N GLN D 108 48.66 -4.51 23.38
CA GLN D 108 48.35 -5.92 23.61
C GLN D 108 47.33 -6.09 24.74
N GLU D 109 46.10 -5.67 24.45
CA GLU D 109 44.98 -5.86 25.36
C GLU D 109 43.71 -6.32 24.67
N LYS D 110 43.51 -5.99 23.39
CA LYS D 110 42.26 -6.27 22.66
C LYS D 110 42.61 -7.00 21.38
N VAL D 111 42.71 -8.32 21.47
CA VAL D 111 42.99 -9.17 20.32
C VAL D 111 41.66 -9.66 19.76
N SER D 112 41.52 -9.64 18.43
CA SER D 112 40.31 -10.09 17.77
C SER D 112 40.64 -11.01 16.61
N ASP D 113 39.76 -11.98 16.37
CA ASP D 113 39.96 -12.99 15.35
C ASP D 113 38.64 -13.20 14.60
N TYR D 114 38.73 -13.23 13.28
CA TYR D 114 37.56 -13.32 12.41
C TYR D 114 37.75 -14.46 11.43
N GLU D 115 36.74 -15.33 11.34
CA GLU D 115 36.70 -16.40 10.35
C GLU D 115 35.86 -15.95 9.16
N MET D 116 35.69 -16.82 8.16
CA MET D 116 34.98 -16.43 6.95
C MET D 116 34.53 -17.68 6.19
N LYS D 117 33.50 -17.51 5.37
CA LYS D 117 33.03 -18.52 4.44
C LYS D 117 33.45 -18.14 3.03
N LEU D 118 33.47 -19.14 2.13
CA LEU D 118 33.99 -18.97 0.79
C LEU D 118 32.99 -19.47 -0.24
N MET D 119 33.09 -18.92 -1.45
CA MET D 119 32.22 -19.30 -2.56
C MET D 119 32.92 -18.95 -3.86
N ASP D 120 32.49 -19.61 -4.94
CA ASP D 120 33.07 -19.40 -6.25
C ASP D 120 32.48 -18.16 -6.92
N LEU D 121 33.06 -17.76 -8.05
CA LEU D 121 32.64 -16.57 -8.79
C LEU D 121 32.81 -16.86 -10.27
N ASP D 122 32.25 -15.97 -11.09
CA ASP D 122 32.36 -16.09 -12.55
C ASP D 122 32.16 -14.68 -13.13
N VAL D 123 33.26 -14.01 -13.46
CA VAL D 123 33.20 -12.66 -14.01
C VAL D 123 34.50 -12.39 -14.76
N GLU D 124 34.41 -11.59 -15.82
CA GLU D 124 35.52 -11.36 -16.75
C GLU D 124 36.64 -10.57 -16.07
N GLN D 125 37.81 -10.58 -16.73
CA GLN D 125 38.98 -9.83 -16.29
C GLN D 125 39.48 -9.01 -17.47
N LEU D 126 39.88 -7.77 -17.21
CA LEU D 126 40.40 -6.91 -18.25
C LEU D 126 41.94 -6.90 -18.21
N GLY D 127 42.54 -6.73 -19.37
CA GLY D 127 43.98 -6.61 -19.47
C GLY D 127 44.41 -5.32 -20.14
N ILE D 128 45.12 -4.47 -19.41
CA ILE D 128 45.57 -3.18 -19.90
C ILE D 128 47.09 -3.17 -19.94
N PRO D 129 47.71 -2.82 -21.06
CA PRO D 129 49.17 -2.76 -21.12
C PRO D 129 49.70 -1.52 -20.39
N GLU D 130 51.01 -1.32 -20.52
CA GLU D 130 51.68 -0.14 -19.97
C GLU D 130 51.97 0.81 -21.12
N GLN D 131 51.01 1.68 -21.41
CA GLN D 131 51.14 2.67 -22.47
C GLN D 131 51.43 4.04 -21.88
N GLU D 132 52.21 4.82 -22.63
CA GLU D 132 52.69 6.10 -22.14
C GLU D 132 51.58 7.14 -22.19
N TYR D 133 51.48 7.96 -21.14
CA TYR D 133 50.36 8.87 -20.97
C TYR D 133 50.79 10.31 -21.24
N SER D 134 49.86 11.09 -21.80
CA SER D 134 50.20 12.42 -22.29
C SER D 134 50.37 13.41 -21.14
N CYS D 135 49.32 13.61 -20.36
CA CYS D 135 49.48 14.61 -19.29
C CYS D 135 49.35 13.93 -17.92
N VAL D 136 50.34 14.15 -17.06
CA VAL D 136 50.38 13.60 -15.71
C VAL D 136 50.35 14.77 -14.74
N VAL D 137 49.43 14.73 -13.79
CA VAL D 137 49.32 15.80 -12.80
C VAL D 137 49.48 15.20 -11.40
N LYS D 138 50.17 15.95 -10.55
CA LYS D 138 50.36 15.59 -9.14
C LYS D 138 49.47 16.49 -8.30
N MET D 139 48.60 15.88 -7.50
CA MET D 139 47.61 16.63 -6.76
C MET D 139 47.61 16.21 -5.30
N PRO D 140 47.56 17.15 -4.36
CA PRO D 140 47.30 16.78 -2.97
C PRO D 140 45.94 16.12 -2.85
N SER D 141 45.87 15.08 -2.01
CA SER D 141 44.67 14.26 -1.94
C SER D 141 43.49 15.02 -1.34
N GLY D 142 43.77 15.87 -0.34
CA GLY D 142 42.69 16.64 0.27
C GLY D 142 42.07 17.62 -0.69
N GLU D 143 42.90 18.34 -1.45
CA GLU D 143 42.38 19.24 -2.48
C GLU D 143 41.68 18.45 -3.58
N PHE D 144 42.16 17.25 -3.89
CA PHE D 144 41.51 16.43 -4.91
C PHE D 144 40.12 16.01 -4.47
N ALA D 145 39.96 15.64 -3.19
CA ALA D 145 38.63 15.36 -2.67
C ALA D 145 37.76 16.61 -2.68
N ARG D 146 38.33 17.74 -2.25
CA ARG D 146 37.60 19.01 -2.22
C ARG D 146 37.07 19.39 -3.58
N ILE D 147 37.82 19.10 -4.65
CA ILE D 147 37.32 19.44 -5.98
C ILE D 147 36.38 18.36 -6.50
N CYS D 148 36.75 17.08 -6.35
CA CYS D 148 36.00 16.00 -6.97
C CYS D 148 34.64 15.81 -6.30
N ARG D 149 34.63 15.53 -5.00
CA ARG D 149 33.38 15.19 -4.31
C ARG D 149 32.43 16.37 -4.31
N ASP D 150 32.96 17.59 -4.36
CA ASP D 150 32.09 18.75 -4.29
C ASP D 150 31.66 19.26 -5.67
N LEU D 151 32.36 18.87 -6.75
CA LEU D 151 31.77 19.01 -8.08
C LEU D 151 30.82 17.87 -8.41
N SER D 152 30.87 16.77 -7.65
CA SER D 152 29.97 15.65 -7.89
C SER D 152 28.52 16.02 -7.61
N HIS D 153 28.26 17.09 -6.87
CA HIS D 153 26.90 17.48 -6.52
C HIS D 153 26.29 18.45 -7.51
N ILE D 154 27.06 19.41 -8.01
CA ILE D 154 26.59 20.30 -9.06
C ILE D 154 26.45 19.56 -10.39
N GLY D 155 27.29 18.57 -10.64
CA GLY D 155 27.39 17.96 -11.94
C GLY D 155 27.21 16.46 -11.92
N ASP D 156 26.95 15.92 -13.11
CA ASP D 156 26.88 14.49 -13.33
C ASP D 156 28.03 13.96 -14.16
N ALA D 157 28.63 14.81 -14.99
CA ALA D 157 29.79 14.45 -15.81
C ALA D 157 30.84 15.53 -15.65
N VAL D 158 32.10 15.15 -15.83
CA VAL D 158 33.24 16.02 -15.64
C VAL D 158 34.09 16.00 -16.91
N VAL D 159 34.73 17.12 -17.22
CA VAL D 159 35.62 17.24 -18.36
C VAL D 159 37.01 17.57 -17.82
N ILE D 160 37.95 16.65 -17.97
CA ILE D 160 39.33 16.88 -17.60
C ILE D 160 40.08 17.27 -18.87
N SER D 161 40.48 18.53 -18.96
CA SER D 161 41.17 19.06 -20.12
C SER D 161 42.55 19.54 -19.71
N CYS D 162 43.56 19.04 -20.42
CA CYS D 162 44.94 19.47 -20.12
C CYS D 162 45.52 20.23 -21.31
N ALA D 163 45.93 21.47 -21.09
CA ALA D 163 46.55 22.33 -22.09
C ALA D 163 47.89 22.82 -21.57
N LYS D 164 48.50 23.78 -22.27
CA LYS D 164 49.82 24.25 -21.85
C LYS D 164 49.76 25.06 -20.57
N ASP D 165 48.65 25.76 -20.32
CA ASP D 165 48.53 26.56 -19.11
C ASP D 165 48.41 25.68 -17.87
N GLY D 166 47.55 24.67 -17.93
CA GLY D 166 47.38 23.79 -16.79
C GLY D 166 46.18 22.87 -16.98
N VAL D 167 45.91 22.08 -15.94
CA VAL D 167 44.82 21.13 -15.93
C VAL D 167 43.56 21.84 -15.42
N LYS D 168 42.40 21.49 -15.98
CA LYS D 168 41.14 22.10 -15.60
C LYS D 168 40.08 21.03 -15.44
N PHE D 169 39.07 21.34 -14.61
CA PHE D 169 37.95 20.44 -14.35
C PHE D 169 36.65 21.18 -14.67
N SER D 170 36.04 20.86 -15.82
CA SER D 170 34.81 21.51 -16.25
C SER D 170 33.67 20.51 -16.08
N ALA D 171 33.00 20.56 -14.94
CA ALA D 171 31.94 19.62 -14.61
C ALA D 171 30.59 20.31 -14.69
N SER D 172 29.67 19.74 -15.46
CA SER D 172 28.35 20.31 -15.65
C SER D 172 27.27 19.39 -15.10
N GLY D 173 26.10 19.95 -14.88
CA GLY D 173 24.99 19.21 -14.31
C GLY D 173 23.65 19.81 -14.65
N GLU D 174 22.69 19.61 -13.74
CA GLU D 174 21.31 19.99 -13.99
C GLU D 174 21.00 21.44 -13.64
N LEU D 175 21.90 22.14 -12.94
CA LEU D 175 21.65 23.51 -12.51
C LEU D 175 22.66 24.50 -13.05
N GLY D 176 23.93 24.10 -13.13
CA GLY D 176 24.97 24.99 -13.60
C GLY D 176 26.22 24.23 -13.99
N ASN D 177 27.38 24.78 -13.66
CA ASN D 177 28.64 24.15 -14.00
C ASN D 177 29.75 24.70 -13.11
N GLY D 178 30.88 24.00 -13.12
CA GLY D 178 32.05 24.40 -12.37
C GLY D 178 33.30 24.25 -13.20
N ASN D 179 34.05 25.35 -13.36
CA ASN D 179 35.26 25.39 -14.17
C ASN D 179 36.46 25.62 -13.26
N ILE D 180 37.07 24.53 -12.81
CA ILE D 180 38.23 24.57 -11.94
C ILE D 180 39.46 24.84 -12.80
N LYS D 181 40.17 25.91 -12.50
CA LYS D 181 41.42 26.24 -13.16
C LYS D 181 42.58 26.03 -12.20
N LEU D 182 43.69 25.49 -12.70
CA LEU D 182 44.87 25.24 -11.91
C LEU D 182 46.02 26.11 -12.39
N SER D 183 46.82 26.58 -11.43
CA SER D 183 47.99 27.40 -11.69
C SER D 183 49.24 26.68 -11.25
N GLN D 184 50.31 26.84 -12.01
CA GLN D 184 51.57 26.17 -11.71
C GLN D 184 52.20 26.75 -10.45
N THR D 185 52.86 25.87 -9.68
CA THR D 185 53.67 26.29 -8.54
C THR D 185 55.07 25.71 -8.73
N SER D 186 56.08 26.52 -8.42
CA SER D 186 57.47 26.12 -8.60
C SER D 186 58.31 26.32 -7.35
N ASN D 187 58.07 27.39 -6.60
CA ASN D 187 58.84 27.70 -5.39
C ASN D 187 58.16 27.05 -4.18
N VAL D 188 58.05 25.73 -4.24
CA VAL D 188 57.43 24.93 -3.19
C VAL D 188 58.54 24.32 -2.35
N ASP D 189 58.23 24.08 -1.07
CA ASP D 189 59.21 23.51 -0.16
C ASP D 189 58.91 22.06 0.23
N LYS D 190 57.65 21.64 0.20
CA LYS D 190 57.27 20.33 0.67
C LYS D 190 56.31 19.68 -0.33
N GLU D 191 56.48 18.37 -0.54
CA GLU D 191 55.88 17.72 -1.70
C GLU D 191 54.40 17.38 -1.55
N GLU D 192 53.86 17.40 -0.33
CA GLU D 192 52.44 17.11 -0.15
C GLU D 192 51.54 18.26 -0.58
N GLU D 193 52.11 19.43 -0.88
CA GLU D 193 51.33 20.59 -1.32
C GLU D 193 51.82 21.05 -2.69
N ALA D 194 52.67 20.24 -3.32
CA ALA D 194 53.29 20.59 -4.59
C ALA D 194 52.46 20.04 -5.75
N VAL D 195 52.19 20.90 -6.73
CA VAL D 195 51.46 20.51 -7.94
C VAL D 195 52.40 20.72 -9.13
N THR D 196 52.89 19.62 -9.68
CA THR D 196 53.75 19.65 -10.85
C THR D 196 53.17 18.74 -11.92
N ILE D 197 53.24 19.19 -13.18
CA ILE D 197 52.54 18.55 -14.28
C ILE D 197 53.54 18.21 -15.38
N GLU D 198 53.49 16.97 -15.85
CA GLU D 198 54.22 16.52 -17.03
C GLU D 198 53.32 16.68 -18.25
N MET D 199 53.80 17.46 -19.23
CA MET D 199 53.06 17.82 -20.44
C MET D 199 53.62 17.03 -21.62
N ASN D 200 52.73 16.43 -22.41
CA ASN D 200 53.08 15.95 -23.74
C ASN D 200 52.28 16.62 -24.84
N GLU D 201 50.94 16.59 -24.76
CA GLU D 201 50.09 17.27 -25.71
C GLU D 201 48.76 17.56 -25.04
N PRO D 202 48.04 18.59 -25.50
CA PRO D 202 46.72 18.88 -24.91
C PRO D 202 45.73 17.76 -25.18
N VAL D 203 45.01 17.37 -24.13
CA VAL D 203 44.01 16.30 -24.20
C VAL D 203 42.74 16.79 -23.53
N GLN D 204 41.67 16.00 -23.70
CA GLN D 204 40.39 16.32 -23.09
C GLN D 204 39.56 15.05 -23.01
N LEU D 205 39.13 14.69 -21.80
CA LEU D 205 38.40 13.45 -21.57
C LEU D 205 37.17 13.73 -20.71
N THR D 206 36.04 13.14 -21.08
CA THR D 206 34.81 13.26 -20.32
C THR D 206 34.56 12.00 -19.51
N PHE D 207 34.13 12.18 -18.27
CA PHE D 207 33.94 11.06 -17.37
C PHE D 207 32.64 11.20 -16.60
N ALA D 208 32.10 10.07 -16.18
CA ALA D 208 31.00 10.07 -15.22
C ALA D 208 31.57 10.41 -13.85
N LEU D 209 31.37 11.66 -13.42
CA LEU D 209 31.97 12.13 -12.17
C LEU D 209 31.37 11.43 -10.95
N ARG D 210 30.23 10.77 -11.12
CA ARG D 210 29.68 9.93 -10.06
C ARG D 210 30.63 8.80 -9.70
N TYR D 211 31.25 8.19 -10.71
CA TYR D 211 32.28 7.20 -10.43
C TYR D 211 33.50 7.82 -9.78
N LEU D 212 33.85 9.06 -10.14
CA LEU D 212 34.93 9.73 -9.42
C LEU D 212 34.53 10.07 -7.98
N ASN D 213 33.24 10.22 -7.71
CA ASN D 213 32.79 10.39 -6.33
C ASN D 213 32.99 9.10 -5.55
N PHE D 214 32.72 7.95 -6.18
CA PHE D 214 33.16 6.69 -5.60
C PHE D 214 34.67 6.64 -5.42
N PHE D 215 35.41 7.16 -6.38
CA PHE D 215 36.85 6.97 -6.50
C PHE D 215 37.66 7.81 -5.52
N THR D 216 37.23 9.05 -5.27
CA THR D 216 37.98 10.02 -4.49
C THR D 216 37.98 9.73 -3.00
N LYS D 217 37.18 8.78 -2.53
CA LYS D 217 37.12 8.51 -1.10
C LYS D 217 38.34 7.77 -0.57
N ALA D 218 39.35 7.55 -1.42
CA ALA D 218 40.64 7.04 -0.98
C ALA D 218 41.62 8.16 -0.63
N THR D 219 41.11 9.35 -0.37
CA THR D 219 41.97 10.50 -0.03
C THR D 219 42.90 10.25 1.16
N PRO D 220 42.47 9.71 2.31
CA PRO D 220 43.40 9.57 3.43
C PRO D 220 44.40 8.43 3.30
N LEU D 221 44.56 7.82 2.12
CA LEU D 221 45.62 6.83 1.92
C LEU D 221 46.98 7.50 1.71
N SER D 222 47.12 8.21 0.59
CA SER D 222 48.37 8.85 0.24
C SER D 222 48.09 10.34 0.04
N SER D 223 48.99 11.17 0.55
CA SER D 223 48.80 12.61 0.46
C SER D 223 48.98 13.13 -0.95
N THR D 224 49.54 12.35 -1.86
CA THR D 224 49.75 12.74 -3.24
C THR D 224 49.12 11.72 -4.16
N VAL D 225 48.33 12.19 -5.12
CA VAL D 225 47.72 11.35 -6.14
C VAL D 225 48.27 11.80 -7.49
N THR D 226 48.42 10.85 -8.42
CA THR D 226 48.87 11.17 -9.77
C THR D 226 47.78 10.78 -10.76
N LEU D 227 47.38 11.73 -11.60
CA LEU D 227 46.36 11.50 -12.61
C LEU D 227 47.03 11.56 -13.98
N SER D 228 46.97 10.46 -14.73
CA SER D 228 47.61 10.43 -16.03
C SER D 228 46.59 10.05 -17.10
N MET D 229 46.65 10.73 -18.23
CA MET D 229 45.66 10.52 -19.28
C MET D 229 46.22 10.87 -20.65
N SER D 230 45.58 10.30 -21.67
CA SER D 230 45.80 10.60 -23.08
C SER D 230 44.42 10.62 -23.73
N ALA D 231 44.39 10.62 -25.06
CA ALA D 231 43.13 10.63 -25.78
C ALA D 231 42.68 9.20 -26.08
N ASP D 232 41.40 8.93 -25.80
CA ASP D 232 40.75 7.64 -26.11
C ASP D 232 41.46 6.47 -25.42
N VAL D 233 41.60 6.58 -24.11
CA VAL D 233 42.33 5.61 -23.31
C VAL D 233 41.87 5.77 -21.87
N PRO D 234 41.75 4.71 -21.07
CA PRO D 234 41.32 4.89 -19.68
C PRO D 234 42.31 5.70 -18.87
N LEU D 235 41.82 6.77 -18.25
CA LEU D 235 42.63 7.57 -17.35
C LEU D 235 43.01 6.75 -16.13
N VAL D 236 44.21 6.99 -15.61
CA VAL D 236 44.68 6.32 -14.40
C VAL D 236 44.72 7.33 -13.26
N VAL D 237 44.08 6.94 -12.16
CA VAL D 237 44.20 7.59 -10.86
C VAL D 237 45.07 6.70 -9.99
N GLU D 238 46.28 7.16 -9.69
CA GLU D 238 47.26 6.33 -9.01
C GLU D 238 47.53 6.91 -7.63
N TYR D 239 47.36 6.07 -6.61
CA TYR D 239 47.70 6.39 -5.23
C TYR D 239 48.89 5.52 -4.85
N LYS D 240 49.99 6.17 -4.49
CA LYS D 240 51.21 5.46 -4.05
C LYS D 240 51.19 5.47 -2.52
N ILE D 241 50.73 4.36 -1.94
CA ILE D 241 50.32 4.35 -0.53
C ILE D 241 51.54 3.97 0.30
N ALA D 242 52.37 4.99 0.59
CA ALA D 242 53.38 4.96 1.65
C ALA D 242 54.34 3.77 1.54
N ASP D 243 54.76 3.46 0.31
CA ASP D 243 55.66 2.35 0.01
C ASP D 243 55.10 1.01 0.53
N MET D 244 53.80 0.81 0.35
CA MET D 244 53.14 -0.45 0.60
C MET D 244 52.76 -1.15 -0.70
N GLY D 245 52.62 -0.41 -1.78
CA GLY D 245 52.08 -0.82 -3.05
C GLY D 245 51.49 0.38 -3.73
N HIS D 246 50.54 0.15 -4.64
CA HIS D 246 49.86 1.27 -5.27
C HIS D 246 48.47 0.83 -5.72
N LEU D 247 47.55 1.80 -5.74
CA LEU D 247 46.16 1.55 -6.11
C LEU D 247 45.85 2.35 -7.36
N LYS D 248 45.31 1.69 -8.38
CA LYS D 248 45.09 2.28 -9.69
C LYS D 248 43.62 2.21 -10.06
N TYR D 249 43.07 3.35 -10.44
CA TYR D 249 41.73 3.45 -11.02
C TYR D 249 41.89 3.69 -12.52
N TYR D 250 41.57 2.68 -13.33
CA TYR D 250 41.46 2.84 -14.78
C TYR D 250 40.00 3.15 -15.08
N LEU D 251 39.71 4.39 -15.39
CA LEU D 251 38.35 4.77 -15.73
C LEU D 251 38.26 5.18 -17.21
N ALA D 252 37.29 4.59 -17.91
CA ALA D 252 37.11 4.73 -19.35
C ALA D 252 36.41 6.04 -19.68
N PRO D 253 36.97 6.87 -20.55
CA PRO D 253 36.31 8.12 -20.90
C PRO D 253 35.13 7.90 -21.84
N LYS D 254 34.55 8.99 -22.30
CA LYS D 254 33.42 8.95 -23.22
C LYS D 254 33.81 9.70 -24.49
N ILE D 255 33.52 9.10 -25.65
CA ILE D 255 34.05 9.64 -26.90
C ILE D 255 33.40 10.99 -27.20
N GLU D 256 34.16 11.83 -27.90
CA GLU D 256 33.78 13.20 -28.18
C GLU D 256 33.17 13.29 -29.58
N ASP D 257 32.06 14.01 -29.70
CA ASP D 257 31.37 14.19 -30.97
C ASP D 257 31.08 15.67 -31.19
N GLU D 258 30.65 15.98 -32.42
CA GLU D 258 30.40 17.36 -32.83
C GLU D 258 28.92 17.73 -32.60
N GLU D 259 28.48 17.50 -31.37
CA GLU D 259 27.10 17.81 -30.97
C GLU D 259 26.90 19.29 -30.62
N GLY D 260 27.92 20.12 -30.74
CA GLY D 260 27.75 21.53 -30.44
C GLY D 260 26.84 22.23 -31.42
N SER D 261 26.90 21.85 -32.70
CA SER D 261 26.06 22.45 -33.72
C SER D 261 25.69 21.44 -34.80
P PST E 35 -23.29 -13.87 1.40
OP1 PST E 35 -23.26 -15.52 1.49
SP PST E 35 -23.97 -13.27 -0.50
O5' PST E 35 -24.36 -13.29 2.48
C5' PST E 35 -25.41 -12.52 1.98
C4' PST E 35 -25.62 -11.38 2.89
O4' PST E 35 -25.03 -9.98 2.22
C3' PST E 35 -26.94 -11.19 3.05
O3' PST E 35 -27.20 -10.53 4.35
C2' PST E 35 -27.31 -10.23 1.90
C1' PST E 35 -26.05 -9.23 1.93
N1 PST E 35 -25.84 -8.62 0.65
C2 PST E 35 -26.55 -7.56 0.31
O2 PST E 35 -27.36 -7.13 1.03
N3 PST E 35 -26.36 -6.99 -0.86
C4 PST E 35 -25.45 -7.45 -1.71
O4 PST E 35 -25.29 -6.94 -2.74
C5 PST E 35 -24.70 -8.53 -1.37
C5M PST E 35 -23.63 -9.08 -2.36
C6 PST E 35 -24.89 -9.14 -0.15
MG MG G . -36.25 5.07 -5.35
FE1 SF4 H . -2.66 -38.83 -8.89
FE2 SF4 H . -4.23 -39.60 -6.79
FE3 SF4 H . -4.17 -36.98 -7.53
FE4 SF4 H . -1.98 -38.10 -6.35
S1 SF4 H . -4.04 -37.81 -5.41
S2 SF4 H . -2.00 -36.77 -8.18
S3 SF4 H . -2.07 -40.22 -7.20
S4 SF4 H . -4.94 -38.73 -8.76
#